data_3C2C
# 
_entry.id   3C2C 
# 
_audit_conform.dict_name       mmcif_pdbx.dic 
_audit_conform.dict_version    5.387 
_audit_conform.dict_location   http://mmcif.pdb.org/dictionaries/ascii/mmcif_pdbx.dic 
# 
loop_
_database_2.database_id 
_database_2.database_code 
_database_2.pdbx_database_accession 
_database_2.pdbx_DOI 
PDB   3C2C         pdb_00003c2c 10.2210/pdb3c2c/pdb 
WWPDB D_1000178897 ?            ?                   
# 
loop_
_pdbx_audit_revision_history.ordinal 
_pdbx_audit_revision_history.data_content_type 
_pdbx_audit_revision_history.major_revision 
_pdbx_audit_revision_history.minor_revision 
_pdbx_audit_revision_history.revision_date 
1 'Structure model' 1 0 1984-02-02 
2 'Structure model' 1 1 2008-03-25 
3 'Structure model' 1 2 2011-07-13 
4 'Structure model' 1 3 2017-11-29 
5 'Structure model' 1 4 2024-02-21 
# 
_pdbx_audit_revision_details.ordinal             1 
_pdbx_audit_revision_details.revision_ordinal    1 
_pdbx_audit_revision_details.data_content_type   'Structure model' 
_pdbx_audit_revision_details.provider            repository 
_pdbx_audit_revision_details.type                'Initial release' 
_pdbx_audit_revision_details.description         ? 
_pdbx_audit_revision_details.details             ? 
# 
loop_
_pdbx_audit_revision_group.ordinal 
_pdbx_audit_revision_group.revision_ordinal 
_pdbx_audit_revision_group.data_content_type 
_pdbx_audit_revision_group.group 
1 2 'Structure model' 'Version format compliance' 
2 3 'Structure model' 'Version format compliance' 
3 4 'Structure model' 'Derived calculations'      
4 4 'Structure model' Other                       
5 5 'Structure model' 'Data collection'           
6 5 'Structure model' 'Database references'       
7 5 'Structure model' 'Derived calculations'      
# 
loop_
_pdbx_audit_revision_category.ordinal 
_pdbx_audit_revision_category.revision_ordinal 
_pdbx_audit_revision_category.data_content_type 
_pdbx_audit_revision_category.category 
1  4 'Structure model' pdbx_database_status   
2  4 'Structure model' struct_conf            
3  4 'Structure model' struct_conf_type       
4  5 'Structure model' chem_comp_atom         
5  5 'Structure model' chem_comp_bond         
6  5 'Structure model' database_2             
7  5 'Structure model' pdbx_struct_conn_angle 
8  5 'Structure model' struct_conn            
9  5 'Structure model' struct_ref_seq_dif     
10 5 'Structure model' struct_site            
# 
loop_
_pdbx_audit_revision_item.ordinal 
_pdbx_audit_revision_item.revision_ordinal 
_pdbx_audit_revision_item.data_content_type 
_pdbx_audit_revision_item.item 
1  4 'Structure model' '_pdbx_database_status.process_site'          
2  5 'Structure model' '_database_2.pdbx_DOI'                        
3  5 'Structure model' '_database_2.pdbx_database_accession'         
4  5 'Structure model' '_pdbx_struct_conn_angle.ptnr1_auth_comp_id'  
5  5 'Structure model' '_pdbx_struct_conn_angle.ptnr1_auth_seq_id'   
6  5 'Structure model' '_pdbx_struct_conn_angle.ptnr1_label_atom_id' 
7  5 'Structure model' '_pdbx_struct_conn_angle.ptnr1_label_comp_id' 
8  5 'Structure model' '_pdbx_struct_conn_angle.ptnr1_label_seq_id'  
9  5 'Structure model' '_pdbx_struct_conn_angle.ptnr3_auth_comp_id'  
10 5 'Structure model' '_pdbx_struct_conn_angle.ptnr3_auth_seq_id'   
11 5 'Structure model' '_pdbx_struct_conn_angle.ptnr3_label_atom_id' 
12 5 'Structure model' '_pdbx_struct_conn_angle.ptnr3_label_comp_id' 
13 5 'Structure model' '_pdbx_struct_conn_angle.ptnr3_label_seq_id'  
14 5 'Structure model' '_pdbx_struct_conn_angle.value'               
15 5 'Structure model' '_struct_conn.pdbx_dist_value'                
16 5 'Structure model' '_struct_conn.ptnr1_auth_comp_id'             
17 5 'Structure model' '_struct_conn.ptnr1_auth_seq_id'              
18 5 'Structure model' '_struct_conn.ptnr1_label_asym_id'            
19 5 'Structure model' '_struct_conn.ptnr1_label_atom_id'            
20 5 'Structure model' '_struct_conn.ptnr1_label_comp_id'            
21 5 'Structure model' '_struct_conn.ptnr1_label_seq_id'             
22 5 'Structure model' '_struct_conn.ptnr2_auth_comp_id'             
23 5 'Structure model' '_struct_conn.ptnr2_auth_seq_id'              
24 5 'Structure model' '_struct_conn.ptnr2_label_asym_id'            
25 5 'Structure model' '_struct_conn.ptnr2_label_atom_id'            
26 5 'Structure model' '_struct_conn.ptnr2_label_comp_id'            
27 5 'Structure model' '_struct_conn.ptnr2_label_seq_id'             
28 5 'Structure model' '_struct_ref_seq_dif.details'                 
29 5 'Structure model' '_struct_site.pdbx_auth_asym_id'              
30 5 'Structure model' '_struct_site.pdbx_auth_comp_id'              
31 5 'Structure model' '_struct_site.pdbx_auth_seq_id'               
# 
_pdbx_database_status.status_code                     REL 
_pdbx_database_status.entry_id                        3C2C 
_pdbx_database_status.recvd_initial_deposition_date   1983-11-03 
_pdbx_database_status.deposit_site                    ? 
_pdbx_database_status.process_site                    BNL 
_pdbx_database_status.status_code_sf                  REL 
_pdbx_database_status.status_code_mr                  ? 
_pdbx_database_status.SG_entry                        ? 
_pdbx_database_status.pdb_format_compatible           Y 
_pdbx_database_status.status_code_cs                  ? 
_pdbx_database_status.methods_development_category    ? 
_pdbx_database_status.status_code_nmr_data            ? 
# 
loop_
_audit_author.name 
_audit_author.pdbx_ordinal 
'Bhatia, G.'   1 
'Finzel, B.C.' 2 
'Kraut, J.'    3 
# 
loop_
_citation.id 
_citation.title 
_citation.journal_abbrev 
_citation.journal_volume 
_citation.page_first 
_citation.page_last 
_citation.year 
_citation.journal_id_ASTM 
_citation.country 
_citation.journal_id_ISSN 
_citation.journal_id_CSD 
_citation.book_publisher 
_citation.pdbx_database_id_PubMed 
_citation.pdbx_database_id_DOI 
primary 'Refinement of the Crystal Structure of Oxidized Rhodospirillum Rubrum Cytochrome C2' Thesis       ?   ?    ? 1981 ?      
US ?         0914 ? -1 ? 
1       'The Structure of Oxidized Cytochrome C2 of Rhodospirillum Rubrum'                    J.Biol.Chem. 248 3910 ? 1973 JBCHA3 
US 0021-9258 0071 ? ?  ? 
# 
loop_
_citation_author.citation_id 
_citation_author.name 
_citation_author.ordinal 
_citation_author.identifier_ORCID 
primary 'Bhatia, G.E.'  1 ? 
1       'Salemme, F.R.' 2 ? 
1       'Freer, S.T.'   3 ? 
1       'Xuong, N.H.'   4 ? 
1       'Alden, R.A.'   5 ? 
1       'Kraut, J.'     6 ? 
# 
loop_
_entity.id 
_entity.type 
_entity.src_method 
_entity.pdbx_description 
_entity.formula_weight 
_entity.pdbx_number_of_molecules 
_entity.pdbx_ec 
_entity.pdbx_mutation 
_entity.pdbx_fragment 
_entity.details 
1 polymer     man 'CYTOCHROME C2'                   12260.898 1  ? ? ? ? 
2 non-polymer syn 'PROTOPORPHYRIN IX CONTAINING FE' 616.487   1  ? ? ? ? 
3 water       nat water                             18.015    87 ? ? ? ? 
# 
_entity_poly.entity_id                      1 
_entity_poly.type                           'polypeptide(L)' 
_entity_poly.nstd_linkage                   no 
_entity_poly.nstd_monomer                   no 
_entity_poly.pdbx_seq_one_letter_code       
;EGDAAAGEKVSKKCLACHTFDQGGANKVGPNLFGVFENTAAHKDNYAYSESYTEMKAKGLTWTEANLAAYVKNPKAFVLE
KSGDPKAKSKMTFKLTKDDEIENVIAYLKTLK
;
_entity_poly.pdbx_seq_one_letter_code_can   
;EGDAAAGEKVSKKCLACHTFDQGGANKVGPNLFGVFENTAAHKDNYAYSESYTEMKAKGLTWTEANLAAYVKNPKAFVLE
KSGDPKAKSKMTFKLTKDDEIENVIAYLKTLK
;
_entity_poly.pdbx_strand_id                 A 
_entity_poly.pdbx_target_identifier         ? 
# 
loop_
_pdbx_entity_nonpoly.entity_id 
_pdbx_entity_nonpoly.name 
_pdbx_entity_nonpoly.comp_id 
2 'PROTOPORPHYRIN IX CONTAINING FE' HEM 
3 water                             HOH 
# 
loop_
_entity_poly_seq.entity_id 
_entity_poly_seq.num 
_entity_poly_seq.mon_id 
_entity_poly_seq.hetero 
1 1   GLU n 
1 2   GLY n 
1 3   ASP n 
1 4   ALA n 
1 5   ALA n 
1 6   ALA n 
1 7   GLY n 
1 8   GLU n 
1 9   LYS n 
1 10  VAL n 
1 11  SER n 
1 12  LYS n 
1 13  LYS n 
1 14  CYS n 
1 15  LEU n 
1 16  ALA n 
1 17  CYS n 
1 18  HIS n 
1 19  THR n 
1 20  PHE n 
1 21  ASP n 
1 22  GLN n 
1 23  GLY n 
1 24  GLY n 
1 25  ALA n 
1 26  ASN n 
1 27  LYS n 
1 28  VAL n 
1 29  GLY n 
1 30  PRO n 
1 31  ASN n 
1 32  LEU n 
1 33  PHE n 
1 34  GLY n 
1 35  VAL n 
1 36  PHE n 
1 37  GLU n 
1 38  ASN n 
1 39  THR n 
1 40  ALA n 
1 41  ALA n 
1 42  HIS n 
1 43  LYS n 
1 44  ASP n 
1 45  ASN n 
1 46  TYR n 
1 47  ALA n 
1 48  TYR n 
1 49  SER n 
1 50  GLU n 
1 51  SER n 
1 52  TYR n 
1 53  THR n 
1 54  GLU n 
1 55  MET n 
1 56  LYS n 
1 57  ALA n 
1 58  LYS n 
1 59  GLY n 
1 60  LEU n 
1 61  THR n 
1 62  TRP n 
1 63  THR n 
1 64  GLU n 
1 65  ALA n 
1 66  ASN n 
1 67  LEU n 
1 68  ALA n 
1 69  ALA n 
1 70  TYR n 
1 71  VAL n 
1 72  LYS n 
1 73  ASN n 
1 74  PRO n 
1 75  LYS n 
1 76  ALA n 
1 77  PHE n 
1 78  VAL n 
1 79  LEU n 
1 80  GLU n 
1 81  LYS n 
1 82  SER n 
1 83  GLY n 
1 84  ASP n 
1 85  PRO n 
1 86  LYS n 
1 87  ALA n 
1 88  LYS n 
1 89  SER n 
1 90  LYS n 
1 91  MET n 
1 92  THR n 
1 93  PHE n 
1 94  LYS n 
1 95  LEU n 
1 96  THR n 
1 97  LYS n 
1 98  ASP n 
1 99  ASP n 
1 100 GLU n 
1 101 ILE n 
1 102 GLU n 
1 103 ASN n 
1 104 VAL n 
1 105 ILE n 
1 106 ALA n 
1 107 TYR n 
1 108 LEU n 
1 109 LYS n 
1 110 THR n 
1 111 LEU n 
1 112 LYS n 
# 
_entity_src_gen.entity_id                          1 
_entity_src_gen.pdbx_src_id                        1 
_entity_src_gen.pdbx_alt_source_flag               sample 
_entity_src_gen.pdbx_seq_type                      ? 
_entity_src_gen.pdbx_beg_seq_num                   ? 
_entity_src_gen.pdbx_end_seq_num                   ? 
_entity_src_gen.gene_src_common_name               ? 
_entity_src_gen.gene_src_genus                     Rhodospirillum 
_entity_src_gen.pdbx_gene_src_gene                 ? 
_entity_src_gen.gene_src_species                   ? 
_entity_src_gen.gene_src_strain                    ? 
_entity_src_gen.gene_src_tissue                    ? 
_entity_src_gen.gene_src_tissue_fraction           ? 
_entity_src_gen.gene_src_details                   ? 
_entity_src_gen.pdbx_gene_src_fragment             ? 
_entity_src_gen.pdbx_gene_src_scientific_name      'Rhodospirillum rubrum' 
_entity_src_gen.pdbx_gene_src_ncbi_taxonomy_id     1085 
_entity_src_gen.pdbx_gene_src_variant              ? 
_entity_src_gen.pdbx_gene_src_cell_line            ? 
_entity_src_gen.pdbx_gene_src_atcc                 ? 
_entity_src_gen.pdbx_gene_src_organ                ? 
_entity_src_gen.pdbx_gene_src_organelle            ? 
_entity_src_gen.pdbx_gene_src_cell                 ? 
_entity_src_gen.pdbx_gene_src_cellular_location    ? 
_entity_src_gen.host_org_common_name               ? 
_entity_src_gen.pdbx_host_org_scientific_name      ? 
_entity_src_gen.pdbx_host_org_ncbi_taxonomy_id     ? 
_entity_src_gen.host_org_genus                     ? 
_entity_src_gen.pdbx_host_org_gene                 ? 
_entity_src_gen.pdbx_host_org_organ                ? 
_entity_src_gen.host_org_species                   ? 
_entity_src_gen.pdbx_host_org_tissue               ? 
_entity_src_gen.pdbx_host_org_tissue_fraction      ? 
_entity_src_gen.pdbx_host_org_strain               ? 
_entity_src_gen.pdbx_host_org_variant              ? 
_entity_src_gen.pdbx_host_org_cell_line            ? 
_entity_src_gen.pdbx_host_org_atcc                 ? 
_entity_src_gen.pdbx_host_org_culture_collection   ? 
_entity_src_gen.pdbx_host_org_cell                 ? 
_entity_src_gen.pdbx_host_org_organelle            ? 
_entity_src_gen.pdbx_host_org_cellular_location    ? 
_entity_src_gen.pdbx_host_org_vector_type          ? 
_entity_src_gen.pdbx_host_org_vector               ? 
_entity_src_gen.host_org_details                   ? 
_entity_src_gen.expression_system_id               ? 
_entity_src_gen.plasmid_name                       ? 
_entity_src_gen.plasmid_details                    ? 
_entity_src_gen.pdbx_description                   ? 
# 
loop_
_chem_comp.id 
_chem_comp.type 
_chem_comp.mon_nstd_flag 
_chem_comp.name 
_chem_comp.pdbx_synonyms 
_chem_comp.formula 
_chem_comp.formula_weight 
ALA 'L-peptide linking' y ALANINE                           ?    'C3 H7 N O2'       89.093  
ASN 'L-peptide linking' y ASPARAGINE                        ?    'C4 H8 N2 O3'      132.118 
ASP 'L-peptide linking' y 'ASPARTIC ACID'                   ?    'C4 H7 N O4'       133.103 
CYS 'L-peptide linking' y CYSTEINE                          ?    'C3 H7 N O2 S'     121.158 
GLN 'L-peptide linking' y GLUTAMINE                         ?    'C5 H10 N2 O3'     146.144 
GLU 'L-peptide linking' y 'GLUTAMIC ACID'                   ?    'C5 H9 N O4'       147.129 
GLY 'peptide linking'   y GLYCINE                           ?    'C2 H5 N O2'       75.067  
HEM non-polymer         . 'PROTOPORPHYRIN IX CONTAINING FE' HEME 'C34 H32 Fe N4 O4' 616.487 
HIS 'L-peptide linking' y HISTIDINE                         ?    'C6 H10 N3 O2 1'   156.162 
HOH non-polymer         . WATER                             ?    'H2 O'             18.015  
ILE 'L-peptide linking' y ISOLEUCINE                        ?    'C6 H13 N O2'      131.173 
LEU 'L-peptide linking' y LEUCINE                           ?    'C6 H13 N O2'      131.173 
LYS 'L-peptide linking' y LYSINE                            ?    'C6 H15 N2 O2 1'   147.195 
MET 'L-peptide linking' y METHIONINE                        ?    'C5 H11 N O2 S'    149.211 
PHE 'L-peptide linking' y PHENYLALANINE                     ?    'C9 H11 N O2'      165.189 
PRO 'L-peptide linking' y PROLINE                           ?    'C5 H9 N O2'       115.130 
SER 'L-peptide linking' y SERINE                            ?    'C3 H7 N O3'       105.093 
THR 'L-peptide linking' y THREONINE                         ?    'C4 H9 N O3'       119.119 
TRP 'L-peptide linking' y TRYPTOPHAN                        ?    'C11 H12 N2 O2'    204.225 
TYR 'L-peptide linking' y TYROSINE                          ?    'C9 H11 N O3'      181.189 
VAL 'L-peptide linking' y VALINE                            ?    'C5 H11 N O2'      117.146 
# 
loop_
_pdbx_poly_seq_scheme.asym_id 
_pdbx_poly_seq_scheme.entity_id 
_pdbx_poly_seq_scheme.seq_id 
_pdbx_poly_seq_scheme.mon_id 
_pdbx_poly_seq_scheme.ndb_seq_num 
_pdbx_poly_seq_scheme.pdb_seq_num 
_pdbx_poly_seq_scheme.auth_seq_num 
_pdbx_poly_seq_scheme.pdb_mon_id 
_pdbx_poly_seq_scheme.auth_mon_id 
_pdbx_poly_seq_scheme.pdb_strand_id 
_pdbx_poly_seq_scheme.pdb_ins_code 
_pdbx_poly_seq_scheme.hetero 
A 1 1   GLU 1   1   1   GLU GLU A . n 
A 1 2   GLY 2   2   2   GLY GLY A . n 
A 1 3   ASP 3   3   3   ASP ASP A . n 
A 1 4   ALA 4   4   4   ALA ALA A . n 
A 1 5   ALA 5   5   5   ALA ALA A . n 
A 1 6   ALA 6   6   6   ALA ALA A . n 
A 1 7   GLY 7   7   7   GLY GLY A . n 
A 1 8   GLU 8   8   8   GLU GLU A . n 
A 1 9   LYS 9   9   9   LYS LYS A . n 
A 1 10  VAL 10  10  10  VAL VAL A . n 
A 1 11  SER 11  11  11  SER SER A . n 
A 1 12  LYS 12  12  12  LYS LYS A . n 
A 1 13  LYS 13  13  13  LYS LYS A . n 
A 1 14  CYS 14  14  14  CYS CYS A . n 
A 1 15  LEU 15  15  15  LEU LEU A . n 
A 1 16  ALA 16  16  16  ALA ALA A . n 
A 1 17  CYS 17  17  17  CYS CYS A . n 
A 1 18  HIS 18  18  18  HIS HIS A . n 
A 1 19  THR 19  19  19  THR THR A . n 
A 1 20  PHE 20  20  20  PHE PHE A . n 
A 1 21  ASP 21  21  21  ASP ASP A . n 
A 1 22  GLN 22  22  22  GLN GLN A . n 
A 1 23  GLY 23  23  23  GLY GLY A . n 
A 1 24  GLY 24  24  24  GLY GLY A . n 
A 1 25  ALA 25  25  25  ALA ALA A . n 
A 1 26  ASN 26  26  26  ASN ASN A . n 
A 1 27  LYS 27  27  27  LYS LYS A . n 
A 1 28  VAL 28  28  28  VAL VAL A . n 
A 1 29  GLY 29  29  29  GLY GLY A . n 
A 1 30  PRO 30  30  30  PRO PRO A . n 
A 1 31  ASN 31  31  31  ASN ASN A . n 
A 1 32  LEU 32  32  32  LEU LEU A . n 
A 1 33  PHE 33  33  33  PHE PHE A . n 
A 1 34  GLY 34  34  34  GLY GLY A . n 
A 1 35  VAL 35  35  35  VAL VAL A . n 
A 1 36  PHE 36  36  36  PHE PHE A . n 
A 1 37  GLU 37  37  37  GLU GLU A . n 
A 1 38  ASN 38  38  38  ASN ASN A . n 
A 1 39  THR 39  39  39  THR THR A . n 
A 1 40  ALA 40  40  40  ALA ALA A . n 
A 1 41  ALA 41  41  41  ALA ALA A . n 
A 1 42  HIS 42  42  42  HIS HIS A . n 
A 1 43  LYS 43  43  43  LYS LYS A . n 
A 1 44  ASP 44  44  44  ASP ASP A . n 
A 1 45  ASN 45  45  45  ASN ASN A . n 
A 1 46  TYR 46  46  46  TYR TYR A . n 
A 1 47  ALA 47  47  47  ALA ALA A . n 
A 1 48  TYR 48  48  48  TYR TYR A . n 
A 1 49  SER 49  49  49  SER SER A . n 
A 1 50  GLU 50  50  50  GLU GLU A . n 
A 1 51  SER 51  51  51  SER SER A . n 
A 1 52  TYR 52  52  52  TYR TYR A . n 
A 1 53  THR 53  53  53  THR THR A . n 
A 1 54  GLU 54  54  54  GLU GLU A . n 
A 1 55  MET 55  55  55  MET MET A . n 
A 1 56  LYS 56  56  56  LYS LYS A . n 
A 1 57  ALA 57  57  57  ALA ALA A . n 
A 1 58  LYS 58  58  58  LYS LYS A . n 
A 1 59  GLY 59  59  59  GLY GLY A . n 
A 1 60  LEU 60  60  60  LEU LEU A . n 
A 1 61  THR 61  61  61  THR THR A . n 
A 1 62  TRP 62  62  62  TRP TRP A . n 
A 1 63  THR 63  63  63  THR THR A . n 
A 1 64  GLU 64  64  64  GLU GLU A . n 
A 1 65  ALA 65  65  65  ALA ALA A . n 
A 1 66  ASN 66  66  66  ASN ASN A . n 
A 1 67  LEU 67  67  67  LEU LEU A . n 
A 1 68  ALA 68  68  68  ALA ALA A . n 
A 1 69  ALA 69  69  69  ALA ALA A . n 
A 1 70  TYR 70  70  70  TYR TYR A . n 
A 1 71  VAL 71  71  71  VAL VAL A . n 
A 1 72  LYS 72  72  72  LYS LYS A . n 
A 1 73  ASN 73  73  73  ASN ASN A . n 
A 1 74  PRO 74  74  74  PRO PRO A . n 
A 1 75  LYS 75  75  75  LYS LYS A . n 
A 1 76  ALA 76  76  76  ALA ALA A . n 
A 1 77  PHE 77  77  77  PHE PHE A . n 
A 1 78  VAL 78  78  78  VAL VAL A . n 
A 1 79  LEU 79  79  79  LEU LEU A . n 
A 1 80  GLU 80  80  80  GLU GLU A . n 
A 1 81  LYS 81  81  81  LYS LYS A . n 
A 1 82  SER 82  82  82  SER SER A . n 
A 1 83  GLY 83  83  83  GLY GLY A . n 
A 1 84  ASP 84  84  84  ASP ASP A . n 
A 1 85  PRO 85  85  85  PRO PRO A . n 
A 1 86  LYS 86  86  86  LYS LYS A . n 
A 1 87  ALA 87  87  87  ALA ALA A . n 
A 1 88  LYS 88  88  88  LYS LYS A . n 
A 1 89  SER 89  89  89  SER SER A . n 
A 1 90  LYS 90  90  90  LYS LYS A . n 
A 1 91  MET 91  91  91  MET MET A . n 
A 1 92  THR 92  92  92  THR THR A . n 
A 1 93  PHE 93  93  93  PHE PHE A . n 
A 1 94  LYS 94  94  94  LYS LYS A . n 
A 1 95  LEU 95  95  95  LEU LEU A . n 
A 1 96  THR 96  96  96  THR THR A . n 
A 1 97  LYS 97  97  97  LYS LYS A . n 
A 1 98  ASP 98  98  98  ASP ASP A . n 
A 1 99  ASP 99  99  99  ASP ASP A . n 
A 1 100 GLU 100 100 100 GLU GLU A . n 
A 1 101 ILE 101 101 101 ILE ILE A . n 
A 1 102 GLU 102 102 102 GLU GLU A . n 
A 1 103 ASN 103 103 103 ASN ASN A . n 
A 1 104 VAL 104 104 104 VAL VAL A . n 
A 1 105 ILE 105 105 105 ILE ILE A . n 
A 1 106 ALA 106 106 106 ALA ALA A . n 
A 1 107 TYR 107 107 107 TYR TYR A . n 
A 1 108 LEU 108 108 108 LEU LEU A . n 
A 1 109 LYS 109 109 109 LYS LYS A . n 
A 1 110 THR 110 110 110 THR THR A . n 
A 1 111 LEU 111 111 111 LEU LEU A . n 
A 1 112 LYS 112 112 112 LYS LYS A . n 
# 
loop_
_pdbx_nonpoly_scheme.asym_id 
_pdbx_nonpoly_scheme.entity_id 
_pdbx_nonpoly_scheme.mon_id 
_pdbx_nonpoly_scheme.ndb_seq_num 
_pdbx_nonpoly_scheme.pdb_seq_num 
_pdbx_nonpoly_scheme.auth_seq_num 
_pdbx_nonpoly_scheme.pdb_mon_id 
_pdbx_nonpoly_scheme.auth_mon_id 
_pdbx_nonpoly_scheme.pdb_strand_id 
_pdbx_nonpoly_scheme.pdb_ins_code 
B 2 HEM 1  113 1   HEM HEM A . 
C 3 HOH 1  120 120 HOH HOH A . 
C 3 HOH 2  121 121 HOH HOH A . 
C 3 HOH 3  122 122 HOH HOH A . 
C 3 HOH 4  123 123 HOH HOH A . 
C 3 HOH 5  124 124 HOH HOH A . 
C 3 HOH 6  125 125 HOH HOH A . 
C 3 HOH 7  126 126 HOH HOH A . 
C 3 HOH 8  127 127 HOH HOH A . 
C 3 HOH 9  128 128 HOH HOH A . 
C 3 HOH 10 129 129 HOH HOH A . 
C 3 HOH 11 130 130 HOH HOH A . 
C 3 HOH 12 131 131 HOH HOH A . 
C 3 HOH 13 132 132 HOH HOH A . 
C 3 HOH 14 133 133 HOH HOH A . 
C 3 HOH 15 134 134 HOH HOH A . 
C 3 HOH 16 135 135 HOH HOH A . 
C 3 HOH 17 136 136 HOH HOH A . 
C 3 HOH 18 137 137 HOH HOH A . 
C 3 HOH 19 138 138 HOH HOH A . 
C 3 HOH 20 139 139 HOH HOH A . 
C 3 HOH 21 140 140 HOH HOH A . 
C 3 HOH 22 141 141 HOH HOH A . 
C 3 HOH 23 142 142 HOH HOH A . 
C 3 HOH 24 143 143 HOH HOH A . 
C 3 HOH 25 144 144 HOH HOH A . 
C 3 HOH 26 145 145 HOH HOH A . 
C 3 HOH 27 146 146 HOH HOH A . 
C 3 HOH 28 147 147 HOH HOH A . 
C 3 HOH 29 148 148 HOH HOH A . 
C 3 HOH 30 149 149 HOH HOH A . 
C 3 HOH 31 150 150 HOH HOH A . 
C 3 HOH 32 151 151 HOH HOH A . 
C 3 HOH 33 152 152 HOH HOH A . 
C 3 HOH 34 153 153 HOH HOH A . 
C 3 HOH 35 154 154 HOH HOH A . 
C 3 HOH 36 155 155 HOH HOH A . 
C 3 HOH 37 156 156 HOH HOH A . 
C 3 HOH 38 157 157 HOH HOH A . 
C 3 HOH 39 158 158 HOH HOH A . 
C 3 HOH 40 159 159 HOH HOH A . 
C 3 HOH 41 160 160 HOH HOH A . 
C 3 HOH 42 161 161 HOH HOH A . 
C 3 HOH 43 162 162 HOH HOH A . 
C 3 HOH 44 163 163 HOH HOH A . 
C 3 HOH 45 164 164 HOH HOH A . 
C 3 HOH 46 165 165 HOH HOH A . 
C 3 HOH 47 166 166 HOH HOH A . 
C 3 HOH 48 167 167 HOH HOH A . 
C 3 HOH 49 168 168 HOH HOH A . 
C 3 HOH 50 169 169 HOH HOH A . 
C 3 HOH 51 170 170 HOH HOH A . 
C 3 HOH 52 171 171 HOH HOH A . 
C 3 HOH 53 172 172 HOH HOH A . 
C 3 HOH 54 173 173 HOH HOH A . 
C 3 HOH 55 174 174 HOH HOH A . 
C 3 HOH 56 175 175 HOH HOH A . 
C 3 HOH 57 176 176 HOH HOH A . 
C 3 HOH 58 177 177 HOH HOH A . 
C 3 HOH 59 178 178 HOH HOH A . 
C 3 HOH 60 179 179 HOH HOH A . 
C 3 HOH 61 180 180 HOH HOH A . 
C 3 HOH 62 181 181 HOH HOH A . 
C 3 HOH 63 182 182 HOH HOH A . 
C 3 HOH 64 183 183 HOH HOH A . 
C 3 HOH 65 184 184 HOH HOH A . 
C 3 HOH 66 185 185 HOH HOH A . 
C 3 HOH 67 186 186 HOH HOH A . 
C 3 HOH 68 187 187 HOH HOH A . 
C 3 HOH 69 188 188 HOH HOH A . 
C 3 HOH 70 189 189 HOH HOH A . 
C 3 HOH 71 190 190 HOH HOH A . 
C 3 HOH 72 191 191 HOH HOH A . 
C 3 HOH 73 192 192 HOH HOH A . 
C 3 HOH 74 193 193 HOH HOH A . 
C 3 HOH 75 194 194 HOH HOH A . 
C 3 HOH 76 195 195 HOH HOH A . 
C 3 HOH 77 196 196 HOH HOH A . 
C 3 HOH 78 197 197 HOH HOH A . 
C 3 HOH 79 198 198 HOH HOH A . 
C 3 HOH 80 199 199 HOH HOH A . 
C 3 HOH 81 200 200 HOH HOH A . 
C 3 HOH 82 201 201 HOH HOH A . 
C 3 HOH 83 202 202 HOH HOH A . 
C 3 HOH 84 203 203 HOH HOH A . 
C 3 HOH 85 204 204 HOH HOH A . 
C 3 HOH 86 205 205 HOH HOH A . 
C 3 HOH 87 206 206 HOH HOH A . 
# 
loop_
_pdbx_unobs_or_zero_occ_atoms.id 
_pdbx_unobs_or_zero_occ_atoms.PDB_model_num 
_pdbx_unobs_or_zero_occ_atoms.polymer_flag 
_pdbx_unobs_or_zero_occ_atoms.occupancy_flag 
_pdbx_unobs_or_zero_occ_atoms.auth_asym_id 
_pdbx_unobs_or_zero_occ_atoms.auth_comp_id 
_pdbx_unobs_or_zero_occ_atoms.auth_seq_id 
_pdbx_unobs_or_zero_occ_atoms.PDB_ins_code 
_pdbx_unobs_or_zero_occ_atoms.auth_atom_id 
_pdbx_unobs_or_zero_occ_atoms.label_alt_id 
_pdbx_unobs_or_zero_occ_atoms.label_asym_id 
_pdbx_unobs_or_zero_occ_atoms.label_comp_id 
_pdbx_unobs_or_zero_occ_atoms.label_seq_id 
_pdbx_unobs_or_zero_occ_atoms.label_atom_id 
1  1 Y 1 A GLU 1   ? CG  ? A GLU 1   CG  
2  1 Y 1 A GLU 1   ? CD  ? A GLU 1   CD  
3  1 Y 1 A GLU 1   ? OE1 ? A GLU 1   OE1 
4  1 Y 1 A GLU 1   ? OE2 ? A GLU 1   OE2 
5  1 Y 1 A LYS 12  ? CE  ? A LYS 12  CE  
6  1 Y 1 A LYS 12  ? NZ  ? A LYS 12  NZ  
7  1 Y 1 A LYS 75  ? CG  ? A LYS 75  CG  
8  1 Y 1 A LYS 75  ? CD  ? A LYS 75  CD  
9  1 Y 1 A LYS 75  ? CE  ? A LYS 75  CE  
10 1 Y 1 A LYS 75  ? NZ  ? A LYS 75  NZ  
11 1 Y 1 A GLU 80  ? OE1 ? A GLU 80  OE1 
12 1 Y 1 A GLU 80  ? OE2 ? A GLU 80  OE2 
13 1 Y 1 A LYS 86  ? CD  ? A LYS 86  CD  
14 1 Y 1 A LYS 86  ? CE  ? A LYS 86  CE  
15 1 Y 1 A LYS 86  ? NZ  ? A LYS 86  NZ  
16 1 Y 1 A LYS 88  ? CG  ? A LYS 88  CG  
17 1 Y 1 A LYS 88  ? CD  ? A LYS 88  CD  
18 1 Y 1 A LYS 88  ? CE  ? A LYS 88  CE  
19 1 Y 1 A LYS 88  ? NZ  ? A LYS 88  NZ  
20 1 Y 1 A THR 92  ? OG1 ? A THR 92  OG1 
21 1 Y 1 A THR 92  ? CG2 ? A THR 92  CG2 
22 1 Y 1 A GLU 102 ? CG  ? A GLU 102 CG  
23 1 Y 1 A GLU 102 ? CD  ? A GLU 102 CD  
24 1 Y 1 A GLU 102 ? OE1 ? A GLU 102 OE1 
25 1 Y 1 A GLU 102 ? OE2 ? A GLU 102 OE2 
26 1 Y 1 A LYS 112 ? CG  ? A LYS 112 CG  
27 1 Y 1 A LYS 112 ? CD  ? A LYS 112 CD  
28 1 Y 1 A LYS 112 ? CE  ? A LYS 112 CE  
29 1 Y 1 A LYS 112 ? NZ  ? A LYS 112 NZ  
# 
_software.name             PROLSQ 
_software.classification   refinement 
_software.version          . 
_software.citation_id      ? 
_software.pdbx_ordinal     1 
# 
_cell.entry_id           3C2C 
_cell.length_a           32.220 
_cell.length_b           37.360 
_cell.length_c           84.620 
_cell.angle_alpha        90.00 
_cell.angle_beta         90.00 
_cell.angle_gamma        90.00 
_cell.Z_PDB              4 
_cell.pdbx_unique_axis   ? 
# 
_symmetry.entry_id                         3C2C 
_symmetry.space_group_name_H-M             'P 21 21 21' 
_symmetry.pdbx_full_space_group_name_H-M   ? 
_symmetry.cell_setting                     ? 
_symmetry.Int_Tables_number                19 
# 
_exptl.entry_id          3C2C 
_exptl.method            'X-RAY DIFFRACTION' 
_exptl.crystals_number   ? 
# 
_exptl_crystal.id                    1 
_exptl_crystal.density_meas          ? 
_exptl_crystal.density_Matthews      2.08 
_exptl_crystal.density_percent_sol   40.76 
_exptl_crystal.description           ? 
# 
_refine.entry_id                                 3C2C 
_refine.ls_number_reflns_obs                     ? 
_refine.ls_number_reflns_all                     ? 
_refine.pdbx_ls_sigma_I                          ? 
_refine.pdbx_ls_sigma_F                          ? 
_refine.pdbx_data_cutoff_high_absF               ? 
_refine.pdbx_data_cutoff_low_absF                ? 
_refine.pdbx_data_cutoff_high_rms_absF           ? 
_refine.ls_d_res_low                             ? 
_refine.ls_d_res_high                            1.68 
_refine.ls_percent_reflns_obs                    ? 
_refine.ls_R_factor_obs                          ? 
_refine.ls_R_factor_all                          ? 
_refine.ls_R_factor_R_work                       0.1750000 
_refine.ls_R_factor_R_free                       ? 
_refine.ls_R_factor_R_free_error                 ? 
_refine.ls_R_factor_R_free_error_details         ? 
_refine.ls_percent_reflns_R_free                 ? 
_refine.ls_number_reflns_R_free                  ? 
_refine.ls_number_parameters                     ? 
_refine.ls_number_restraints                     ? 
_refine.occupancy_min                            ? 
_refine.occupancy_max                            ? 
_refine.B_iso_mean                               ? 
_refine.aniso_B[1][1]                            ? 
_refine.aniso_B[2][2]                            ? 
_refine.aniso_B[3][3]                            ? 
_refine.aniso_B[1][2]                            ? 
_refine.aniso_B[1][3]                            ? 
_refine.aniso_B[2][3]                            ? 
_refine.solvent_model_details                    ? 
_refine.solvent_model_param_ksol                 ? 
_refine.solvent_model_param_bsol                 ? 
_refine.pdbx_ls_cross_valid_method               ? 
_refine.details                                  ? 
_refine.pdbx_starting_model                      ? 
_refine.pdbx_method_to_determine_struct          ? 
_refine.pdbx_isotropic_thermal_model             ? 
_refine.pdbx_stereochemistry_target_values       ? 
_refine.pdbx_stereochem_target_val_spec_case     ? 
_refine.pdbx_R_Free_selection_details            ? 
_refine.pdbx_overall_ESU_R                       ? 
_refine.pdbx_overall_ESU_R_Free                  ? 
_refine.overall_SU_ML                            ? 
_refine.overall_SU_B                             ? 
_refine.pdbx_refine_id                           'X-RAY DIFFRACTION' 
_refine.pdbx_diffrn_id                           1 
_refine.pdbx_TLS_residual_ADP_flag               ? 
_refine.correlation_coeff_Fo_to_Fc               ? 
_refine.correlation_coeff_Fo_to_Fc_free          ? 
_refine.pdbx_solvent_vdw_probe_radii             ? 
_refine.pdbx_solvent_ion_probe_radii             ? 
_refine.pdbx_solvent_shrinkage_radii             ? 
_refine.pdbx_overall_phase_error                 ? 
_refine.overall_SU_R_Cruickshank_DPI             ? 
_refine.pdbx_overall_SU_R_free_Cruickshank_DPI   ? 
_refine.pdbx_overall_SU_R_Blow_DPI               ? 
_refine.pdbx_overall_SU_R_free_Blow_DPI          ? 
# 
_refine_hist.pdbx_refine_id                   'X-RAY DIFFRACTION' 
_refine_hist.cycle_id                         LAST 
_refine_hist.pdbx_number_atoms_protein        832 
_refine_hist.pdbx_number_atoms_nucleic_acid   0 
_refine_hist.pdbx_number_atoms_ligand         43 
_refine_hist.number_atoms_solvent             87 
_refine_hist.number_atoms_total               962 
_refine_hist.d_res_high                       1.68 
_refine_hist.d_res_low                        . 
# 
_struct.entry_id                  3C2C 
_struct.title                     'REFINEMENT OF THE CRYSTAL STRUCTURE OF OXIDIZED RHODOSPIRILLUM RUBRUM CYTOCHROME C2' 
_struct.pdbx_model_details        ? 
_struct.pdbx_CASP_flag            ? 
_struct.pdbx_model_type_details   ? 
# 
_struct_keywords.entry_id        3C2C 
_struct_keywords.pdbx_keywords   'ELECTRON TRANSPORT PROTEIN (CYTOCHROME)' 
_struct_keywords.text            'ELECTRON TRANSPORT PROTEIN (CYTOCHROME)' 
# 
loop_
_struct_asym.id 
_struct_asym.pdbx_blank_PDB_chainid_flag 
_struct_asym.pdbx_modified 
_struct_asym.entity_id 
_struct_asym.details 
A N N 1 ? 
B N N 2 ? 
C N N 3 ? 
# 
_struct_ref.id                         1 
_struct_ref.db_name                    UNP 
_struct_ref.db_code                    CYC2_RHORU 
_struct_ref.entity_id                  1 
_struct_ref.pdbx_db_accession          P00092 
_struct_ref.pdbx_align_begin           1 
_struct_ref.pdbx_seq_one_letter_code   
;MKKGFLAAGVFAAVAFASGAALAEGDAAAGEKVSKKCLACHTFDQGGANKVGPNLFGVFENTAAHKDDYAYSESYTEMKA
KGLTWTEANLAAYVKDPKAFVLEKSGDPKAKSKMTFKLTKDDEIENVIAYLKTLK
;
_struct_ref.pdbx_db_isoform            ? 
# 
_struct_ref_seq.align_id                      1 
_struct_ref_seq.ref_id                        1 
_struct_ref_seq.pdbx_PDB_id_code              3C2C 
_struct_ref_seq.pdbx_strand_id                A 
_struct_ref_seq.seq_align_beg                 1 
_struct_ref_seq.pdbx_seq_align_beg_ins_code   ? 
_struct_ref_seq.seq_align_end                 112 
_struct_ref_seq.pdbx_seq_align_end_ins_code   ? 
_struct_ref_seq.pdbx_db_accession             P00092 
_struct_ref_seq.db_align_beg                  24 
_struct_ref_seq.pdbx_db_align_beg_ins_code    ? 
_struct_ref_seq.db_align_end                  135 
_struct_ref_seq.pdbx_db_align_end_ins_code    ? 
_struct_ref_seq.pdbx_auth_seq_align_beg       1 
_struct_ref_seq.pdbx_auth_seq_align_end       112 
# 
loop_
_struct_ref_seq_dif.align_id 
_struct_ref_seq_dif.pdbx_pdb_id_code 
_struct_ref_seq_dif.mon_id 
_struct_ref_seq_dif.pdbx_pdb_strand_id 
_struct_ref_seq_dif.seq_num 
_struct_ref_seq_dif.pdbx_pdb_ins_code 
_struct_ref_seq_dif.pdbx_seq_db_name 
_struct_ref_seq_dif.pdbx_seq_db_accession_code 
_struct_ref_seq_dif.db_mon_id 
_struct_ref_seq_dif.pdbx_seq_db_seq_num 
_struct_ref_seq_dif.details 
_struct_ref_seq_dif.pdbx_auth_seq_num 
_struct_ref_seq_dif.pdbx_ordinal 
1 3C2C ASN A 45 ? UNP P00092 ASP 68 conflict 45 1 
1 3C2C ASN A 73 ? UNP P00092 ASP 96 conflict 73 2 
# 
_pdbx_struct_assembly.id                   1 
_pdbx_struct_assembly.details              author_defined_assembly 
_pdbx_struct_assembly.method_details       ? 
_pdbx_struct_assembly.oligomeric_details   monomeric 
_pdbx_struct_assembly.oligomeric_count     1 
# 
_pdbx_struct_assembly_gen.assembly_id       1 
_pdbx_struct_assembly_gen.oper_expression   1 
_pdbx_struct_assembly_gen.asym_id_list      A,B,C 
# 
_pdbx_struct_oper_list.id                   1 
_pdbx_struct_oper_list.type                 'identity operation' 
_pdbx_struct_oper_list.name                 1_555 
_pdbx_struct_oper_list.symmetry_operation   x,y,z 
_pdbx_struct_oper_list.matrix[1][1]         1.0000000000 
_pdbx_struct_oper_list.matrix[1][2]         0.0000000000 
_pdbx_struct_oper_list.matrix[1][3]         0.0000000000 
_pdbx_struct_oper_list.vector[1]            0.0000000000 
_pdbx_struct_oper_list.matrix[2][1]         0.0000000000 
_pdbx_struct_oper_list.matrix[2][2]         1.0000000000 
_pdbx_struct_oper_list.matrix[2][3]         0.0000000000 
_pdbx_struct_oper_list.vector[2]            0.0000000000 
_pdbx_struct_oper_list.matrix[3][1]         0.0000000000 
_pdbx_struct_oper_list.matrix[3][2]         0.0000000000 
_pdbx_struct_oper_list.matrix[3][3]         1.0000000000 
_pdbx_struct_oper_list.vector[3]            0.0000000000 
# 
_struct_biol.id   1 
# 
loop_
_struct_conf.conf_type_id 
_struct_conf.id 
_struct_conf.pdbx_PDB_helix_id 
_struct_conf.beg_label_comp_id 
_struct_conf.beg_label_asym_id 
_struct_conf.beg_label_seq_id 
_struct_conf.pdbx_beg_PDB_ins_code 
_struct_conf.end_label_comp_id 
_struct_conf.end_label_asym_id 
_struct_conf.end_label_seq_id 
_struct_conf.pdbx_end_PDB_ins_code 
_struct_conf.beg_auth_comp_id 
_struct_conf.beg_auth_asym_id 
_struct_conf.beg_auth_seq_id 
_struct_conf.end_auth_comp_id 
_struct_conf.end_auth_asym_id 
_struct_conf.end_auth_seq_id 
_struct_conf.pdbx_PDB_helix_class 
_struct_conf.details 
_struct_conf.pdbx_PDB_helix_length 
HELX_P HELX_P1 A   ASP A 3  ? SER A 11  ? ASP A 3  SER A 11  1 ?                9  
HELX_P HELX_P2 310 SER A 11 ? CYS A 14  ? SER A 11 CYS A 14  5 ?                4  
HELX_P HELX_P3 A1  CYS A 14 ? HIS A 18  ? CYS A 14 HIS A 18  1 ?                5  
HELX_P HELX_P4 B   GLU A 50 ? LYS A 58  ? GLU A 50 LYS A 58  1 ?                9  
HELX_P HELX_P5 C   THR A 63 ? GLY A 83  ? THR A 63 GLY A 83  1 'BENT AT PRO 74' 21 
HELX_P HELX_P6 D   LYS A 97 ? LYS A 109 ? LYS A 97 LYS A 109 1 ?                13 
# 
_struct_conf_type.id          HELX_P 
_struct_conf_type.criteria    ? 
_struct_conf_type.reference   ? 
# 
loop_
_struct_conn.id 
_struct_conn.conn_type_id 
_struct_conn.pdbx_leaving_atom_flag 
_struct_conn.pdbx_PDB_id 
_struct_conn.ptnr1_label_asym_id 
_struct_conn.ptnr1_label_comp_id 
_struct_conn.ptnr1_label_seq_id 
_struct_conn.ptnr1_label_atom_id 
_struct_conn.pdbx_ptnr1_label_alt_id 
_struct_conn.pdbx_ptnr1_PDB_ins_code 
_struct_conn.pdbx_ptnr1_standard_comp_id 
_struct_conn.ptnr1_symmetry 
_struct_conn.ptnr2_label_asym_id 
_struct_conn.ptnr2_label_comp_id 
_struct_conn.ptnr2_label_seq_id 
_struct_conn.ptnr2_label_atom_id 
_struct_conn.pdbx_ptnr2_label_alt_id 
_struct_conn.pdbx_ptnr2_PDB_ins_code 
_struct_conn.ptnr1_auth_asym_id 
_struct_conn.ptnr1_auth_comp_id 
_struct_conn.ptnr1_auth_seq_id 
_struct_conn.ptnr2_auth_asym_id 
_struct_conn.ptnr2_auth_comp_id 
_struct_conn.ptnr2_auth_seq_id 
_struct_conn.ptnr2_symmetry 
_struct_conn.pdbx_ptnr3_label_atom_id 
_struct_conn.pdbx_ptnr3_label_seq_id 
_struct_conn.pdbx_ptnr3_label_comp_id 
_struct_conn.pdbx_ptnr3_label_asym_id 
_struct_conn.pdbx_ptnr3_label_alt_id 
_struct_conn.pdbx_ptnr3_PDB_ins_code 
_struct_conn.details 
_struct_conn.pdbx_dist_value 
_struct_conn.pdbx_value_order 
_struct_conn.pdbx_role 
metalc1 metalc ? ? A HIS 18 NE2 ? ? ? 1_555 B HEM . FE ? ? A HIS 18 A HEM 113 1_555 ? ? ? ? ? ? ? 2.187 ? ? 
metalc2 metalc ? ? A MET 91 SD  ? ? ? 1_555 B HEM . FE ? ? A MET 91 A HEM 113 1_555 ? ? ? ? ? ? ? 2.434 ? ? 
# 
_struct_conn_type.id          metalc 
_struct_conn_type.criteria    ? 
_struct_conn_type.reference   ? 
# 
loop_
_pdbx_struct_conn_angle.id 
_pdbx_struct_conn_angle.ptnr1_label_atom_id 
_pdbx_struct_conn_angle.ptnr1_label_alt_id 
_pdbx_struct_conn_angle.ptnr1_label_asym_id 
_pdbx_struct_conn_angle.ptnr1_label_comp_id 
_pdbx_struct_conn_angle.ptnr1_label_seq_id 
_pdbx_struct_conn_angle.ptnr1_auth_atom_id 
_pdbx_struct_conn_angle.ptnr1_auth_asym_id 
_pdbx_struct_conn_angle.ptnr1_auth_comp_id 
_pdbx_struct_conn_angle.ptnr1_auth_seq_id 
_pdbx_struct_conn_angle.ptnr1_PDB_ins_code 
_pdbx_struct_conn_angle.ptnr1_symmetry 
_pdbx_struct_conn_angle.ptnr2_label_atom_id 
_pdbx_struct_conn_angle.ptnr2_label_alt_id 
_pdbx_struct_conn_angle.ptnr2_label_asym_id 
_pdbx_struct_conn_angle.ptnr2_label_comp_id 
_pdbx_struct_conn_angle.ptnr2_label_seq_id 
_pdbx_struct_conn_angle.ptnr2_auth_atom_id 
_pdbx_struct_conn_angle.ptnr2_auth_asym_id 
_pdbx_struct_conn_angle.ptnr2_auth_comp_id 
_pdbx_struct_conn_angle.ptnr2_auth_seq_id 
_pdbx_struct_conn_angle.ptnr2_PDB_ins_code 
_pdbx_struct_conn_angle.ptnr2_symmetry 
_pdbx_struct_conn_angle.ptnr3_label_atom_id 
_pdbx_struct_conn_angle.ptnr3_label_alt_id 
_pdbx_struct_conn_angle.ptnr3_label_asym_id 
_pdbx_struct_conn_angle.ptnr3_label_comp_id 
_pdbx_struct_conn_angle.ptnr3_label_seq_id 
_pdbx_struct_conn_angle.ptnr3_auth_atom_id 
_pdbx_struct_conn_angle.ptnr3_auth_asym_id 
_pdbx_struct_conn_angle.ptnr3_auth_comp_id 
_pdbx_struct_conn_angle.ptnr3_auth_seq_id 
_pdbx_struct_conn_angle.ptnr3_PDB_ins_code 
_pdbx_struct_conn_angle.ptnr3_symmetry 
_pdbx_struct_conn_angle.value 
_pdbx_struct_conn_angle.value_esd 
1  NE2 ? A HIS 18 ? A HIS 18  ? 1_555 FE ? B HEM . ? A HEM 113 ? 1_555 NA ? B HEM .  ? A HEM 113 ? 1_555 94.5  ? 
2  NE2 ? A HIS 18 ? A HIS 18  ? 1_555 FE ? B HEM . ? A HEM 113 ? 1_555 NB ? B HEM .  ? A HEM 113 ? 1_555 94.6  ? 
3  NA  ? B HEM .  ? A HEM 113 ? 1_555 FE ? B HEM . ? A HEM 113 ? 1_555 NB ? B HEM .  ? A HEM 113 ? 1_555 89.2  ? 
4  NE2 ? A HIS 18 ? A HIS 18  ? 1_555 FE ? B HEM . ? A HEM 113 ? 1_555 NC ? B HEM .  ? A HEM 113 ? 1_555 85.6  ? 
5  NA  ? B HEM .  ? A HEM 113 ? 1_555 FE ? B HEM . ? A HEM 113 ? 1_555 NC ? B HEM .  ? A HEM 113 ? 1_555 178.1 ? 
6  NB  ? B HEM .  ? A HEM 113 ? 1_555 FE ? B HEM . ? A HEM 113 ? 1_555 NC ? B HEM .  ? A HEM 113 ? 1_555 88.9  ? 
7  NE2 ? A HIS 18 ? A HIS 18  ? 1_555 FE ? B HEM . ? A HEM 113 ? 1_555 ND ? B HEM .  ? A HEM 113 ? 1_555 88.3  ? 
8  NA  ? B HEM .  ? A HEM 113 ? 1_555 FE ? B HEM . ? A HEM 113 ? 1_555 ND ? B HEM .  ? A HEM 113 ? 1_555 91.5  ? 
9  NB  ? B HEM .  ? A HEM 113 ? 1_555 FE ? B HEM . ? A HEM 113 ? 1_555 ND ? B HEM .  ? A HEM 113 ? 1_555 176.9 ? 
10 NC  ? B HEM .  ? A HEM 113 ? 1_555 FE ? B HEM . ? A HEM 113 ? 1_555 ND ? B HEM .  ? A HEM 113 ? 1_555 90.3  ? 
11 NE2 ? A HIS 18 ? A HIS 18  ? 1_555 FE ? B HEM . ? A HEM 113 ? 1_555 SD ? A MET 91 ? A MET 91  ? 1_555 176.0 ? 
12 NA  ? B HEM .  ? A HEM 113 ? 1_555 FE ? B HEM . ? A HEM 113 ? 1_555 SD ? A MET 91 ? A MET 91  ? 1_555 86.9  ? 
13 NB  ? B HEM .  ? A HEM 113 ? 1_555 FE ? B HEM . ? A HEM 113 ? 1_555 SD ? A MET 91 ? A MET 91  ? 1_555 89.1  ? 
14 NC  ? B HEM .  ? A HEM 113 ? 1_555 FE ? B HEM . ? A HEM 113 ? 1_555 SD ? A MET 91 ? A MET 91  ? 1_555 93.1  ? 
15 ND  ? B HEM .  ? A HEM 113 ? 1_555 FE ? B HEM . ? A HEM 113 ? 1_555 SD ? A MET 91 ? A MET 91  ? 1_555 87.9  ? 
# 
_struct_site.id                   AC1 
_struct_site.pdbx_evidence_code   Software 
_struct_site.pdbx_auth_asym_id    A 
_struct_site.pdbx_auth_comp_id    HEM 
_struct_site.pdbx_auth_seq_id     113 
_struct_site.pdbx_auth_ins_code   ? 
_struct_site.pdbx_num_residues    18 
_struct_site.details              'BINDING SITE FOR RESIDUE HEM A 113' 
# 
loop_
_struct_site_gen.id 
_struct_site_gen.site_id 
_struct_site_gen.pdbx_num_res 
_struct_site_gen.label_comp_id 
_struct_site_gen.label_asym_id 
_struct_site_gen.label_seq_id 
_struct_site_gen.pdbx_auth_ins_code 
_struct_site_gen.auth_comp_id 
_struct_site_gen.auth_asym_id 
_struct_site_gen.auth_seq_id 
_struct_site_gen.label_atom_id 
_struct_site_gen.label_alt_id 
_struct_site_gen.symmetry 
_struct_site_gen.details 
1  AC1 18 CYS A 14 ? CYS A 14 . ? 1_555 ? 
2  AC1 18 CYS A 17 ? CYS A 17 . ? 1_555 ? 
3  AC1 18 HIS A 18 ? HIS A 18 . ? 1_555 ? 
4  AC1 18 GLY A 29 ? GLY A 29 . ? 1_555 ? 
5  AC1 18 LEU A 32 ? LEU A 32 . ? 1_555 ? 
6  AC1 18 ALA A 40 ? ALA A 40 . ? 1_555 ? 
7  AC1 18 ALA A 41 ? ALA A 41 . ? 1_555 ? 
8  AC1 18 HIS A 42 ? HIS A 42 . ? 1_555 ? 
9  AC1 18 TYR A 46 ? TYR A 46 . ? 1_555 ? 
10 AC1 18 TYR A 48 ? TYR A 48 . ? 1_555 ? 
11 AC1 18 SER A 49 ? SER A 49 . ? 1_555 ? 
12 AC1 18 TYR A 52 ? TYR A 52 . ? 1_555 ? 
13 AC1 18 TRP A 62 ? TRP A 62 . ? 1_555 ? 
14 AC1 18 TYR A 70 ? TYR A 70 . ? 1_555 ? 
15 AC1 18 SER A 89 ? SER A 89 . ? 1_555 ? 
16 AC1 18 LYS A 90 ? LYS A 90 . ? 1_555 ? 
17 AC1 18 MET A 91 ? MET A 91 . ? 1_555 ? 
18 AC1 18 PHE A 93 ? PHE A 93 . ? 1_555 ? 
# 
loop_
_pdbx_validate_close_contact.id 
_pdbx_validate_close_contact.PDB_model_num 
_pdbx_validate_close_contact.auth_atom_id_1 
_pdbx_validate_close_contact.auth_asym_id_1 
_pdbx_validate_close_contact.auth_comp_id_1 
_pdbx_validate_close_contact.auth_seq_id_1 
_pdbx_validate_close_contact.PDB_ins_code_1 
_pdbx_validate_close_contact.label_alt_id_1 
_pdbx_validate_close_contact.auth_atom_id_2 
_pdbx_validate_close_contact.auth_asym_id_2 
_pdbx_validate_close_contact.auth_comp_id_2 
_pdbx_validate_close_contact.auth_seq_id_2 
_pdbx_validate_close_contact.PDB_ins_code_2 
_pdbx_validate_close_contact.label_alt_id_2 
_pdbx_validate_close_contact.dist 
1 1 CB  A LYS 88  ? ? O   A HOH 185 ? ? 1.79 
2 1 O   A HOH 183 ? ? O   A HOH 194 ? ? 1.99 
3 1 O   A HOH 146 ? ? O   A HOH 173 ? ? 2.05 
4 1 CB  A THR 92  ? ? O   A HOH 156 ? ? 2.05 
5 1 O   A HOH 181 ? ? O   A HOH 182 ? ? 2.06 
6 1 ND1 A HIS 42  ? ? O2A A HEM 113 ? ? 2.16 
7 1 SG  A CYS 14  ? ? CAB A HEM 113 ? ? 2.17 
8 1 O   A HOH 175 ? ? O   A HOH 182 ? ? 2.18 
9 1 O   A LYS 72  ? ? O   A HOH 152 ? ? 2.19 
# 
loop_
_pdbx_validate_symm_contact.id 
_pdbx_validate_symm_contact.PDB_model_num 
_pdbx_validate_symm_contact.auth_atom_id_1 
_pdbx_validate_symm_contact.auth_asym_id_1 
_pdbx_validate_symm_contact.auth_comp_id_1 
_pdbx_validate_symm_contact.auth_seq_id_1 
_pdbx_validate_symm_contact.PDB_ins_code_1 
_pdbx_validate_symm_contact.label_alt_id_1 
_pdbx_validate_symm_contact.site_symmetry_1 
_pdbx_validate_symm_contact.auth_atom_id_2 
_pdbx_validate_symm_contact.auth_asym_id_2 
_pdbx_validate_symm_contact.auth_comp_id_2 
_pdbx_validate_symm_contact.auth_seq_id_2 
_pdbx_validate_symm_contact.PDB_ins_code_2 
_pdbx_validate_symm_contact.label_alt_id_2 
_pdbx_validate_symm_contact.site_symmetry_2 
_pdbx_validate_symm_contact.dist 
1  1 NZ  A LYS 90  ? ? 1_555 O A HOH 134 ? ? 4_556 1.28 
2  1 CE  A LYS 90  ? ? 1_555 O A HOH 134 ? ? 4_556 1.31 
3  1 CB  A LYS 112 ? ? 1_555 O A HOH 181 ? ? 4_456 1.32 
4  1 OE2 A GLU 64  ? ? 1_555 O A HOH 200 ? ? 3_745 1.41 
5  1 CB  A THR 63  ? ? 1_555 O A HOH 203 ? ? 3_745 1.47 
6  1 CB  A LYS 112 ? ? 1_555 O A HOH 182 ? ? 4_456 1.52 
7  1 CB  A GLU 64  ? ? 1_555 O A HOH 200 ? ? 3_745 1.93 
8  1 CD  A GLU 64  ? ? 1_555 O A HOH 200 ? ? 3_745 2.16 
9  1 CB  A ASP 21  ? ? 1_555 O A HOH 183 ? ? 4_456 2.17 
10 1 CB  A ASP 21  ? ? 1_555 O A HOH 194 ? ? 4_456 2.18 
# 
loop_
_pdbx_validate_rmsd_bond.id 
_pdbx_validate_rmsd_bond.PDB_model_num 
_pdbx_validate_rmsd_bond.auth_atom_id_1 
_pdbx_validate_rmsd_bond.auth_asym_id_1 
_pdbx_validate_rmsd_bond.auth_comp_id_1 
_pdbx_validate_rmsd_bond.auth_seq_id_1 
_pdbx_validate_rmsd_bond.PDB_ins_code_1 
_pdbx_validate_rmsd_bond.label_alt_id_1 
_pdbx_validate_rmsd_bond.auth_atom_id_2 
_pdbx_validate_rmsd_bond.auth_asym_id_2 
_pdbx_validate_rmsd_bond.auth_comp_id_2 
_pdbx_validate_rmsd_bond.auth_seq_id_2 
_pdbx_validate_rmsd_bond.PDB_ins_code_2 
_pdbx_validate_rmsd_bond.label_alt_id_2 
_pdbx_validate_rmsd_bond.bond_value 
_pdbx_validate_rmsd_bond.bond_target_value 
_pdbx_validate_rmsd_bond.bond_deviation 
_pdbx_validate_rmsd_bond.bond_standard_deviation 
_pdbx_validate_rmsd_bond.linker_flag 
1  1 N   A GLU 1   ? ? CA  A GLU 1   ? ? 1.582 1.459 0.123  0.020 N 
2  1 CA  A GLU 1   ? ? CB  A GLU 1   ? ? 1.714 1.535 0.179  0.022 N 
3  1 C   A GLU 1   ? ? O   A GLU 1   ? ? 1.381 1.229 0.152  0.019 N 
4  1 CG  A GLU 8   ? ? CD  A GLU 8   ? ? 1.628 1.515 0.113  0.015 N 
5  1 CD  A LYS 9   ? ? CE  A LYS 9   ? ? 1.672 1.508 0.164  0.025 N 
6  1 CG  A HIS 18  ? ? CD2 A HIS 18  ? ? 1.448 1.354 0.094  0.009 N 
7  1 CB  A THR 19  ? ? OG1 A THR 19  ? ? 1.549 1.428 0.121  0.020 N 
8  1 N   A PHE 20  ? ? CA  A PHE 20  ? ? 1.289 1.459 -0.170 0.020 N 
9  1 CG  A ASP 21  ? ? OD1 A ASP 21  ? ? 1.529 1.249 0.280  0.023 N 
10 1 CA  A GLY 34  ? ? C   A GLY 34  ? ? 1.641 1.514 0.127  0.016 N 
11 1 CD  A GLU 37  ? ? OE1 A GLU 37  ? ? 1.383 1.252 0.131  0.011 N 
12 1 CE1 A TYR 46  ? ? CZ  A TYR 46  ? ? 1.474 1.381 0.093  0.013 N 
13 1 CD  A GLU 50  ? ? OE1 A GLU 50  ? ? 1.348 1.252 0.096  0.011 N 
14 1 CB  A TYR 52  ? ? CG  A TYR 52  ? ? 1.606 1.512 0.094  0.015 N 
15 1 CA  A THR 63  ? ? CB  A THR 63  ? ? 1.751 1.529 0.222  0.026 N 
16 1 CB  A THR 63  ? ? OG1 A THR 63  ? ? 1.629 1.428 0.201  0.020 N 
17 1 N   A LEU 67  ? ? CA  A LEU 67  ? ? 1.601 1.459 0.142  0.020 N 
18 1 CE  A LYS 81  ? ? NZ  A LYS 81  ? ? 1.655 1.486 0.169  0.025 N 
19 1 CE  A LYS 90  ? ? NZ  A LYS 90  ? ? 1.641 1.486 0.155  0.025 N 
20 1 C   A THR 92  ? ? O   A THR 92  ? ? 1.454 1.229 0.225  0.019 N 
21 1 CZ  A PHE 93  ? ? CE2 A PHE 93  ? ? 1.503 1.369 0.134  0.019 N 
22 1 CA  A LYS 94  ? ? CB  A LYS 94  ? ? 1.670 1.535 0.135  0.022 N 
23 1 CE  A LYS 97  ? ? NZ  A LYS 97  ? ? 1.651 1.486 0.165  0.025 N 
24 1 CB  A ASP 98  ? ? CG  A ASP 98  ? ? 1.663 1.513 0.150  0.021 N 
25 1 CA  A ILE 105 ? ? CB  A ILE 105 ? ? 1.703 1.544 0.159  0.023 N 
26 1 C   A LYS 112 ? ? O   A LYS 112 ? ? 1.456 1.229 0.227  0.019 N 
# 
loop_
_pdbx_validate_rmsd_angle.id 
_pdbx_validate_rmsd_angle.PDB_model_num 
_pdbx_validate_rmsd_angle.auth_atom_id_1 
_pdbx_validate_rmsd_angle.auth_asym_id_1 
_pdbx_validate_rmsd_angle.auth_comp_id_1 
_pdbx_validate_rmsd_angle.auth_seq_id_1 
_pdbx_validate_rmsd_angle.PDB_ins_code_1 
_pdbx_validate_rmsd_angle.label_alt_id_1 
_pdbx_validate_rmsd_angle.auth_atom_id_2 
_pdbx_validate_rmsd_angle.auth_asym_id_2 
_pdbx_validate_rmsd_angle.auth_comp_id_2 
_pdbx_validate_rmsd_angle.auth_seq_id_2 
_pdbx_validate_rmsd_angle.PDB_ins_code_2 
_pdbx_validate_rmsd_angle.label_alt_id_2 
_pdbx_validate_rmsd_angle.auth_atom_id_3 
_pdbx_validate_rmsd_angle.auth_asym_id_3 
_pdbx_validate_rmsd_angle.auth_comp_id_3 
_pdbx_validate_rmsd_angle.auth_seq_id_3 
_pdbx_validate_rmsd_angle.PDB_ins_code_3 
_pdbx_validate_rmsd_angle.label_alt_id_3 
_pdbx_validate_rmsd_angle.angle_value 
_pdbx_validate_rmsd_angle.angle_target_value 
_pdbx_validate_rmsd_angle.angle_deviation 
_pdbx_validate_rmsd_angle.angle_standard_deviation 
_pdbx_validate_rmsd_angle.linker_flag 
1  1 CB  A GLU 1   ? ? CA  A GLU 1   ? ? C   A GLU 1   ? ? 95.77  110.40 -14.63 2.00 N 
2  1 O   A GLU 1   ? ? C   A GLU 1   ? ? N   A GLY 2   ? ? 141.65 123.20 18.45  1.70 Y 
3  1 C   A GLU 1   ? ? N   A GLY 2   ? ? CA  A GLY 2   ? ? 99.63  122.30 -22.67 2.10 Y 
4  1 N   A ASP 3   ? ? CA  A ASP 3   ? ? CB  A ASP 3   ? ? 99.24  110.60 -11.36 1.80 N 
5  1 CB  A ASP 3   ? ? CG  A ASP 3   ? ? OD2 A ASP 3   ? ? 107.69 118.30 -10.61 0.90 N 
6  1 CA  A GLU 8   ? ? CB  A GLU 8   ? ? CG  A GLU 8   ? ? 97.61  113.40 -15.79 2.20 N 
7  1 CD  A LYS 9   ? ? CE  A LYS 9   ? ? NZ  A LYS 9   ? ? 90.89  111.70 -20.81 2.30 N 
8  1 CB  A LYS 12  ? ? CG  A LYS 12  ? ? CD  A LYS 12  ? ? 139.57 111.60 27.97  2.60 N 
9  1 CB  A LEU 15  ? ? CG  A LEU 15  ? ? CD2 A LEU 15  ? ? 123.40 111.00 12.40  1.70 N 
10 1 CE1 A HIS 18  ? ? NE2 A HIS 18  ? ? CD2 A HIS 18  ? ? 119.27 109.00 10.27  0.70 N 
11 1 CG  A HIS 18  ? ? CD2 A HIS 18  ? ? NE2 A HIS 18  ? ? 93.12  106.70 -13.58 1.20 N 
12 1 CA  A THR 19  ? ? C   A THR 19  ? ? N   A PHE 20  ? ? 132.27 117.20 15.07  2.20 Y 
13 1 O   A THR 19  ? ? C   A THR 19  ? ? N   A PHE 20  ? ? 109.80 122.70 -12.90 1.60 Y 
14 1 C   A THR 19  ? ? N   A PHE 20  ? ? CA  A PHE 20  ? ? 143.04 121.70 21.34  2.50 Y 
15 1 CZ  A PHE 20  ? ? CE2 A PHE 20  ? ? CD2 A PHE 20  ? ? 128.28 120.10 8.18   1.20 N 
16 1 CA  A GLN 22  ? ? C   A GLN 22  ? ? N   A GLY 23  ? ? 129.02 116.20 12.82  2.00 Y 
17 1 O   A GLN 22  ? ? C   A GLN 22  ? ? N   A GLY 23  ? ? 112.49 123.20 -10.71 1.70 Y 
18 1 CB  A ALA 25  ? ? CA  A ALA 25  ? ? C   A ALA 25  ? ? 97.32  110.10 -12.78 1.50 N 
19 1 CB  A LYS 27  ? ? CG  A LYS 27  ? ? CD  A LYS 27  ? ? 90.97  111.60 -20.63 2.60 N 
20 1 CA  A VAL 28  ? ? CB  A VAL 28  ? ? CG1 A VAL 28  ? ? 120.87 110.90 9.97   1.50 N 
21 1 CB  A PHE 36  ? ? CG  A PHE 36  ? ? CD1 A PHE 36  ? ? 115.29 120.80 -5.51  0.70 N 
22 1 CZ  A PHE 36  ? ? CE2 A PHE 36  ? ? CD2 A PHE 36  ? ? 112.56 120.10 -7.54  1.20 N 
23 1 OE1 A GLU 37  ? ? CD  A GLU 37  ? ? OE2 A GLU 37  ? ? 141.36 123.30 18.06  1.20 N 
24 1 OD1 A ASN 38  ? ? CG  A ASN 38  ? ? ND2 A ASN 38  ? ? 107.83 121.90 -14.07 2.30 N 
25 1 CB  A ASN 38  ? ? CG  A ASN 38  ? ? OD1 A ASN 38  ? ? 139.87 121.60 18.27  2.00 N 
26 1 CB  A ASP 44  ? ? CG  A ASP 44  ? ? OD1 A ASP 44  ? ? 143.53 118.30 25.23  0.90 N 
27 1 CB  A ASP 44  ? ? CG  A ASP 44  ? ? OD2 A ASP 44  ? ? 102.95 118.30 -15.35 0.90 N 
28 1 CB  A TYR 46  ? ? CG  A TYR 46  ? ? CD2 A TYR 46  ? ? 125.19 121.00 4.19   0.60 N 
29 1 CZ  A TYR 46  ? ? CE2 A TYR 46  ? ? CD2 A TYR 46  ? ? 127.57 119.80 7.77   0.90 N 
30 1 CB  A TYR 48  ? ? CG  A TYR 48  ? ? CD2 A TYR 48  ? ? 114.67 121.00 -6.33  0.60 N 
31 1 CD1 A TYR 48  ? ? CG  A TYR 48  ? ? CD2 A TYR 48  ? ? 124.56 117.90 6.66   1.10 N 
32 1 CG  A TYR 48  ? ? CD1 A TYR 48  ? ? CE1 A TYR 48  ? ? 113.66 121.30 -7.64  0.80 N 
33 1 OE1 A GLU 50  ? ? CD  A GLU 50  ? ? OE2 A GLU 50  ? ? 140.68 123.30 17.38  1.20 N 
34 1 N   A THR 53  ? ? CA  A THR 53  ? ? CB  A THR 53  ? ? 97.66  110.30 -12.64 1.90 N 
35 1 OE1 A GLU 54  ? ? CD  A GLU 54  ? ? OE2 A GLU 54  ? ? 114.41 123.30 -8.89  1.20 N 
36 1 CA  A GLU 54  ? ? C   A GLU 54  ? ? O   A GLU 54  ? ? 102.76 120.10 -17.34 2.10 N 
37 1 CA  A GLU 54  ? ? C   A GLU 54  ? ? N   A MET 55  ? ? 134.71 117.20 17.51  2.20 Y 
38 1 CA  A MET 55  ? ? CB  A MET 55  ? ? CG  A MET 55  ? ? 99.92  113.30 -13.38 1.70 N 
39 1 O   A ALA 57  ? ? C   A ALA 57  ? ? N   A LYS 58  ? ? 111.51 122.70 -11.19 1.60 Y 
40 1 CA  A GLY 59  ? ? C   A GLY 59  ? ? O   A GLY 59  ? ? 109.53 120.60 -11.07 1.80 N 
41 1 CA  A THR 61  ? ? CB  A THR 61  ? ? CG2 A THR 61  ? ? 121.46 112.40 9.06   1.40 N 
42 1 NE1 A TRP 62  ? ? CE2 A TRP 62  ? ? CZ2 A TRP 62  ? ? 123.65 130.40 -6.75  1.10 N 
43 1 CH2 A TRP 62  ? ? CZ2 A TRP 62  ? ? CE2 A TRP 62  ? ? 110.64 117.40 -6.76  1.00 N 
44 1 OG1 A THR 63  ? ? CB  A THR 63  ? ? CG2 A THR 63  ? ? 87.14  110.00 -22.86 2.30 N 
45 1 CA  A THR 63  ? ? CB  A THR 63  ? ? OG1 A THR 63  ? ? 94.18  109.00 -14.82 2.10 N 
46 1 CA  A THR 63  ? ? CB  A THR 63  ? ? CG2 A THR 63  ? ? 98.63  112.40 -13.77 1.40 N 
47 1 N   A ALA 65  ? ? CA  A ALA 65  ? ? CB  A ALA 65  ? ? 98.17  110.10 -11.93 1.40 N 
48 1 N   A LEU 67  ? ? CA  A LEU 67  ? ? CB  A LEU 67  ? ? 94.82  110.40 -15.58 2.00 N 
49 1 CB  A ALA 68  ? ? CA  A ALA 68  ? ? C   A ALA 68  ? ? 121.15 110.10 11.05  1.50 N 
50 1 N   A ALA 69  ? ? CA  A ALA 69  ? ? CB  A ALA 69  ? ? 100.06 110.10 -10.04 1.40 N 
51 1 CB  A TYR 70  ? ? CG  A TYR 70  ? ? CD2 A TYR 70  ? ? 116.68 121.00 -4.32  0.60 N 
52 1 CB  A TYR 70  ? ? CG  A TYR 70  ? ? CD1 A TYR 70  ? ? 131.29 121.00 10.29  0.60 N 
53 1 CG  A TYR 70  ? ? CD1 A TYR 70  ? ? CE1 A TYR 70  ? ? 130.08 121.30 8.78   0.80 N 
54 1 CD1 A TYR 70  ? ? CE1 A TYR 70  ? ? CZ  A TYR 70  ? ? 113.91 119.80 -5.89  0.90 N 
55 1 CD  A LYS 72  ? ? CE  A LYS 72  ? ? NZ  A LYS 72  ? ? 125.89 111.70 14.19  2.30 N 
56 1 N   A LYS 75  ? ? CA  A LYS 75  ? ? CB  A LYS 75  ? ? 124.66 110.60 14.06  1.80 N 
57 1 CB  A ALA 76  ? ? CA  A ALA 76  ? ? C   A ALA 76  ? ? 121.78 110.10 11.68  1.50 N 
58 1 CB  A PHE 77  ? ? CG  A PHE 77  ? ? CD1 A PHE 77  ? ? 125.65 120.80 4.85   0.70 N 
59 1 CA  A VAL 78  ? ? CB  A VAL 78  ? ? CG1 A VAL 78  ? ? 100.71 110.90 -10.19 1.50 N 
60 1 CA  A VAL 78  ? ? CB  A VAL 78  ? ? CG2 A VAL 78  ? ? 120.20 110.90 9.30   1.50 N 
61 1 CB  A LEU 79  ? ? CG  A LEU 79  ? ? CD2 A LEU 79  ? ? 132.95 111.00 21.95  1.70 N 
62 1 O   A GLU 80  ? ? C   A GLU 80  ? ? N   A LYS 81  ? ? 108.26 122.70 -14.44 1.60 Y 
63 1 CD  A LYS 81  ? ? CE  A LYS 81  ? ? NZ  A LYS 81  ? ? 95.18  111.70 -16.52 2.30 N 
64 1 C   A ASP 84  ? ? N   A PRO 85  ? ? CD  A PRO 85  ? ? 141.93 128.40 13.53  2.10 Y 
65 1 O   A PRO 85  ? ? C   A PRO 85  ? ? N   A LYS 86  ? ? 132.56 122.70 9.86   1.60 Y 
66 1 C   A PRO 85  ? ? N   A LYS 86  ? ? CA  A LYS 86  ? ? 106.66 121.70 -15.04 2.50 Y 
67 1 CB  A LYS 86  ? ? CA  A LYS 86  ? ? C   A LYS 86  ? ? 124.36 110.40 13.96  2.00 N 
68 1 CA  A LYS 86  ? ? CB  A LYS 86  ? ? CG  A LYS 86  ? ? 146.16 113.40 32.76  2.20 N 
69 1 N   A ALA 87  ? ? CA  A ALA 87  ? ? CB  A ALA 87  ? ? 119.29 110.10 9.19   1.40 N 
70 1 CG  A LYS 90  ? ? CD  A LYS 90  ? ? CE  A LYS 90  ? ? 130.53 111.90 18.63  3.00 N 
71 1 CA  A MET 91  ? ? C   A MET 91  ? ? O   A MET 91  ? ? 135.78 120.10 15.68  2.10 N 
72 1 C   A MET 91  ? ? N   A THR 92  ? ? CA  A THR 92  ? ? 103.43 121.70 -18.27 2.50 Y 
73 1 CA  A THR 92  ? ? C   A THR 92  ? ? O   A THR 92  ? ? 98.34  120.10 -21.76 2.10 N 
74 1 O   A THR 92  ? ? C   A THR 92  ? ? N   A PHE 93  ? ? 137.95 122.70 15.25  1.60 Y 
75 1 CB  A PHE 93  ? ? CG  A PHE 93  ? ? CD2 A PHE 93  ? ? 110.36 120.80 -10.44 0.70 N 
76 1 CB  A PHE 93  ? ? CG  A PHE 93  ? ? CD1 A PHE 93  ? ? 128.91 120.80 8.11   0.70 N 
77 1 CA  A THR 96  ? ? C   A THR 96  ? ? N   A LYS 97  ? ? 132.72 117.20 15.52  2.20 Y 
78 1 O   A THR 96  ? ? C   A THR 96  ? ? N   A LYS 97  ? ? 111.35 122.70 -11.35 1.60 Y 
79 1 CB  A LYS 97  ? ? CG  A LYS 97  ? ? CD  A LYS 97  ? ? 129.55 111.60 17.95  2.60 N 
80 1 CD  A LYS 97  ? ? CE  A LYS 97  ? ? NZ  A LYS 97  ? ? 97.06  111.70 -14.64 2.30 N 
81 1 CB  A ASP 98  ? ? CG  A ASP 98  ? ? OD1 A ASP 98  ? ? 134.97 118.30 16.67  0.90 N 
82 1 CB  A ASP 98  ? ? CG  A ASP 98  ? ? OD2 A ASP 98  ? ? 101.60 118.30 -16.70 0.90 N 
83 1 OD1 A ASP 99  ? ? CG  A ASP 99  ? ? OD2 A ASP 99  ? ? 103.81 123.30 -19.49 1.90 N 
84 1 CB  A ASP 99  ? ? CG  A ASP 99  ? ? OD1 A ASP 99  ? ? 104.18 118.30 -14.12 0.90 N 
85 1 CB  A ASP 99  ? ? CG  A ASP 99  ? ? OD2 A ASP 99  ? ? 151.94 118.30 33.64  0.90 N 
86 1 CG  A GLU 100 ? ? CD  A GLU 100 ? ? OE1 A GLU 100 ? ? 130.43 118.30 12.13  2.00 N 
87 1 CA  A VAL 104 ? ? CB  A VAL 104 ? ? CG1 A VAL 104 ? ? 101.80 110.90 -9.10  1.50 N 
88 1 CA  A VAL 104 ? ? CB  A VAL 104 ? ? CG2 A VAL 104 ? ? 101.13 110.90 -9.77  1.50 N 
89 1 CZ  A TYR 107 ? ? CE2 A TYR 107 ? ? CD2 A TYR 107 ? ? 113.98 119.80 -5.82  0.90 N 
90 1 CB  A LEU 108 ? ? CG  A LEU 108 ? ? CD1 A LEU 108 ? ? 124.18 111.00 13.18  1.70 N 
91 1 OG1 A THR 110 ? ? CB  A THR 110 ? ? CG2 A THR 110 ? ? 123.82 110.00 13.82  2.30 N 
92 1 CB  A LYS 112 ? ? CA  A LYS 112 ? ? C   A LYS 112 ? ? 128.61 110.40 18.21  2.00 N 
93 1 CA  A LYS 112 ? ? C   A LYS 112 ? ? O   A LYS 112 ? ? 134.24 120.10 14.14  2.10 N 
# 
loop_
_pdbx_validate_torsion.id 
_pdbx_validate_torsion.PDB_model_num 
_pdbx_validate_torsion.auth_comp_id 
_pdbx_validate_torsion.auth_asym_id 
_pdbx_validate_torsion.auth_seq_id 
_pdbx_validate_torsion.PDB_ins_code 
_pdbx_validate_torsion.label_alt_id 
_pdbx_validate_torsion.phi 
_pdbx_validate_torsion.psi 
1 1 GLU A 37 ? ? 56.34   18.67  
2 1 ASN A 73 ? ? -176.12 79.77  
3 1 PHE A 77 ? ? -50.74  -76.59 
4 1 MET A 91 ? ? -63.18  -83.32 
5 1 THR A 92 ? ? 91.03   -74.27 
6 1 PHE A 93 ? ? -30.28  130.50 
# 
loop_
_pdbx_validate_chiral.id 
_pdbx_validate_chiral.PDB_model_num 
_pdbx_validate_chiral.auth_atom_id 
_pdbx_validate_chiral.label_alt_id 
_pdbx_validate_chiral.auth_asym_id 
_pdbx_validate_chiral.auth_comp_id 
_pdbx_validate_chiral.auth_seq_id 
_pdbx_validate_chiral.PDB_ins_code 
_pdbx_validate_chiral.details 
_pdbx_validate_chiral.omega 
1 1 CB ? A THR 39  ? 'WRONG HAND' . 
2 1 CB ? A THR 110 ? 'WRONG HAND' . 
3 1 CA ? A LYS 112 ? 'WRONG HAND' . 
# 
loop_
_pdbx_validate_planes.id 
_pdbx_validate_planes.PDB_model_num 
_pdbx_validate_planes.auth_comp_id 
_pdbx_validate_planes.auth_asym_id 
_pdbx_validate_planes.auth_seq_id 
_pdbx_validate_planes.PDB_ins_code 
_pdbx_validate_planes.label_alt_id 
_pdbx_validate_planes.rmsd 
_pdbx_validate_planes.type 
1 1 HIS A 18 ? ? 0.069 'SIDE CHAIN' 
2 1 ASN A 66 ? ? 0.110 'SIDE CHAIN' 
# 
loop_
_pdbx_validate_main_chain_plane.id 
_pdbx_validate_main_chain_plane.PDB_model_num 
_pdbx_validate_main_chain_plane.auth_comp_id 
_pdbx_validate_main_chain_plane.auth_asym_id 
_pdbx_validate_main_chain_plane.auth_seq_id 
_pdbx_validate_main_chain_plane.PDB_ins_code 
_pdbx_validate_main_chain_plane.label_alt_id 
_pdbx_validate_main_chain_plane.improper_torsion_angle 
1  1 CYS A 14  ? ? 13.48  
2  1 HIS A 18  ? ? -14.78 
3  1 THR A 19  ? ? -10.85 
4  1 LYS A 27  ? ? 10.65  
5  1 ASN A 31  ? ? -11.15 
6  1 PHE A 36  ? ? -10.40 
7  1 GLU A 54  ? ? -14.81 
8  1 ALA A 68  ? ? 16.81  
9  1 PHE A 77  ? ? 22.51  
10 1 SER A 82  ? ? 10.33  
11 1 ASP A 84  ? ? 10.93  
12 1 PRO A 85  ? ? 10.93  
13 1 SER A 89  ? ? -13.77 
14 1 TYR A 107 ? ? -15.56 
# 
loop_
_chem_comp_atom.comp_id 
_chem_comp_atom.atom_id 
_chem_comp_atom.type_symbol 
_chem_comp_atom.pdbx_aromatic_flag 
_chem_comp_atom.pdbx_stereo_config 
_chem_comp_atom.pdbx_ordinal 
ALA N    N  N N 1   
ALA CA   C  N S 2   
ALA C    C  N N 3   
ALA O    O  N N 4   
ALA CB   C  N N 5   
ALA OXT  O  N N 6   
ALA H    H  N N 7   
ALA H2   H  N N 8   
ALA HA   H  N N 9   
ALA HB1  H  N N 10  
ALA HB2  H  N N 11  
ALA HB3  H  N N 12  
ALA HXT  H  N N 13  
ASN N    N  N N 14  
ASN CA   C  N S 15  
ASN C    C  N N 16  
ASN O    O  N N 17  
ASN CB   C  N N 18  
ASN CG   C  N N 19  
ASN OD1  O  N N 20  
ASN ND2  N  N N 21  
ASN OXT  O  N N 22  
ASN H    H  N N 23  
ASN H2   H  N N 24  
ASN HA   H  N N 25  
ASN HB2  H  N N 26  
ASN HB3  H  N N 27  
ASN HD21 H  N N 28  
ASN HD22 H  N N 29  
ASN HXT  H  N N 30  
ASP N    N  N N 31  
ASP CA   C  N S 32  
ASP C    C  N N 33  
ASP O    O  N N 34  
ASP CB   C  N N 35  
ASP CG   C  N N 36  
ASP OD1  O  N N 37  
ASP OD2  O  N N 38  
ASP OXT  O  N N 39  
ASP H    H  N N 40  
ASP H2   H  N N 41  
ASP HA   H  N N 42  
ASP HB2  H  N N 43  
ASP HB3  H  N N 44  
ASP HD2  H  N N 45  
ASP HXT  H  N N 46  
CYS N    N  N N 47  
CYS CA   C  N R 48  
CYS C    C  N N 49  
CYS O    O  N N 50  
CYS CB   C  N N 51  
CYS SG   S  N N 52  
CYS OXT  O  N N 53  
CYS H    H  N N 54  
CYS H2   H  N N 55  
CYS HA   H  N N 56  
CYS HB2  H  N N 57  
CYS HB3  H  N N 58  
CYS HG   H  N N 59  
CYS HXT  H  N N 60  
GLN N    N  N N 61  
GLN CA   C  N S 62  
GLN C    C  N N 63  
GLN O    O  N N 64  
GLN CB   C  N N 65  
GLN CG   C  N N 66  
GLN CD   C  N N 67  
GLN OE1  O  N N 68  
GLN NE2  N  N N 69  
GLN OXT  O  N N 70  
GLN H    H  N N 71  
GLN H2   H  N N 72  
GLN HA   H  N N 73  
GLN HB2  H  N N 74  
GLN HB3  H  N N 75  
GLN HG2  H  N N 76  
GLN HG3  H  N N 77  
GLN HE21 H  N N 78  
GLN HE22 H  N N 79  
GLN HXT  H  N N 80  
GLU N    N  N N 81  
GLU CA   C  N S 82  
GLU C    C  N N 83  
GLU O    O  N N 84  
GLU CB   C  N N 85  
GLU CG   C  N N 86  
GLU CD   C  N N 87  
GLU OE1  O  N N 88  
GLU OE2  O  N N 89  
GLU OXT  O  N N 90  
GLU H    H  N N 91  
GLU H2   H  N N 92  
GLU HA   H  N N 93  
GLU HB2  H  N N 94  
GLU HB3  H  N N 95  
GLU HG2  H  N N 96  
GLU HG3  H  N N 97  
GLU HE2  H  N N 98  
GLU HXT  H  N N 99  
GLY N    N  N N 100 
GLY CA   C  N N 101 
GLY C    C  N N 102 
GLY O    O  N N 103 
GLY OXT  O  N N 104 
GLY H    H  N N 105 
GLY H2   H  N N 106 
GLY HA2  H  N N 107 
GLY HA3  H  N N 108 
GLY HXT  H  N N 109 
HEM CHA  C  N N 110 
HEM CHB  C  N N 111 
HEM CHC  C  N N 112 
HEM CHD  C  N N 113 
HEM C1A  C  Y N 114 
HEM C2A  C  Y N 115 
HEM C3A  C  Y N 116 
HEM C4A  C  Y N 117 
HEM CMA  C  N N 118 
HEM CAA  C  N N 119 
HEM CBA  C  N N 120 
HEM CGA  C  N N 121 
HEM O1A  O  N N 122 
HEM O2A  O  N N 123 
HEM C1B  C  N N 124 
HEM C2B  C  N N 125 
HEM C3B  C  N N 126 
HEM C4B  C  N N 127 
HEM CMB  C  N N 128 
HEM CAB  C  N N 129 
HEM CBB  C  N N 130 
HEM C1C  C  Y N 131 
HEM C2C  C  Y N 132 
HEM C3C  C  Y N 133 
HEM C4C  C  Y N 134 
HEM CMC  C  N N 135 
HEM CAC  C  N N 136 
HEM CBC  C  N N 137 
HEM C1D  C  N N 138 
HEM C2D  C  N N 139 
HEM C3D  C  N N 140 
HEM C4D  C  N N 141 
HEM CMD  C  N N 142 
HEM CAD  C  N N 143 
HEM CBD  C  N N 144 
HEM CGD  C  N N 145 
HEM O1D  O  N N 146 
HEM O2D  O  N N 147 
HEM NA   N  Y N 148 
HEM NB   N  N N 149 
HEM NC   N  Y N 150 
HEM ND   N  N N 151 
HEM FE   FE N N 152 
HEM HHB  H  N N 153 
HEM HHC  H  N N 154 
HEM HHD  H  N N 155 
HEM HMA  H  N N 156 
HEM HMAA H  N N 157 
HEM HMAB H  N N 158 
HEM HAA  H  N N 159 
HEM HAAA H  N N 160 
HEM HBA  H  N N 161 
HEM HBAA H  N N 162 
HEM HMB  H  N N 163 
HEM HMBA H  N N 164 
HEM HMBB H  N N 165 
HEM HAB  H  N N 166 
HEM HBB  H  N N 167 
HEM HBBA H  N N 168 
HEM HMC  H  N N 169 
HEM HMCA H  N N 170 
HEM HMCB H  N N 171 
HEM HAC  H  N N 172 
HEM HBC  H  N N 173 
HEM HBCA H  N N 174 
HEM HMD  H  N N 175 
HEM HMDA H  N N 176 
HEM HMDB H  N N 177 
HEM HAD  H  N N 178 
HEM HADA H  N N 179 
HEM HBD  H  N N 180 
HEM HBDA H  N N 181 
HEM H2A  H  N N 182 
HEM H2D  H  N N 183 
HEM HHA  H  N N 184 
HIS N    N  N N 185 
HIS CA   C  N S 186 
HIS C    C  N N 187 
HIS O    O  N N 188 
HIS CB   C  N N 189 
HIS CG   C  Y N 190 
HIS ND1  N  Y N 191 
HIS CD2  C  Y N 192 
HIS CE1  C  Y N 193 
HIS NE2  N  Y N 194 
HIS OXT  O  N N 195 
HIS H    H  N N 196 
HIS H2   H  N N 197 
HIS HA   H  N N 198 
HIS HB2  H  N N 199 
HIS HB3  H  N N 200 
HIS HD1  H  N N 201 
HIS HD2  H  N N 202 
HIS HE1  H  N N 203 
HIS HE2  H  N N 204 
HIS HXT  H  N N 205 
HOH O    O  N N 206 
HOH H1   H  N N 207 
HOH H2   H  N N 208 
ILE N    N  N N 209 
ILE CA   C  N S 210 
ILE C    C  N N 211 
ILE O    O  N N 212 
ILE CB   C  N S 213 
ILE CG1  C  N N 214 
ILE CG2  C  N N 215 
ILE CD1  C  N N 216 
ILE OXT  O  N N 217 
ILE H    H  N N 218 
ILE H2   H  N N 219 
ILE HA   H  N N 220 
ILE HB   H  N N 221 
ILE HG12 H  N N 222 
ILE HG13 H  N N 223 
ILE HG21 H  N N 224 
ILE HG22 H  N N 225 
ILE HG23 H  N N 226 
ILE HD11 H  N N 227 
ILE HD12 H  N N 228 
ILE HD13 H  N N 229 
ILE HXT  H  N N 230 
LEU N    N  N N 231 
LEU CA   C  N S 232 
LEU C    C  N N 233 
LEU O    O  N N 234 
LEU CB   C  N N 235 
LEU CG   C  N N 236 
LEU CD1  C  N N 237 
LEU CD2  C  N N 238 
LEU OXT  O  N N 239 
LEU H    H  N N 240 
LEU H2   H  N N 241 
LEU HA   H  N N 242 
LEU HB2  H  N N 243 
LEU HB3  H  N N 244 
LEU HG   H  N N 245 
LEU HD11 H  N N 246 
LEU HD12 H  N N 247 
LEU HD13 H  N N 248 
LEU HD21 H  N N 249 
LEU HD22 H  N N 250 
LEU HD23 H  N N 251 
LEU HXT  H  N N 252 
LYS N    N  N N 253 
LYS CA   C  N S 254 
LYS C    C  N N 255 
LYS O    O  N N 256 
LYS CB   C  N N 257 
LYS CG   C  N N 258 
LYS CD   C  N N 259 
LYS CE   C  N N 260 
LYS NZ   N  N N 261 
LYS OXT  O  N N 262 
LYS H    H  N N 263 
LYS H2   H  N N 264 
LYS HA   H  N N 265 
LYS HB2  H  N N 266 
LYS HB3  H  N N 267 
LYS HG2  H  N N 268 
LYS HG3  H  N N 269 
LYS HD2  H  N N 270 
LYS HD3  H  N N 271 
LYS HE2  H  N N 272 
LYS HE3  H  N N 273 
LYS HZ1  H  N N 274 
LYS HZ2  H  N N 275 
LYS HZ3  H  N N 276 
LYS HXT  H  N N 277 
MET N    N  N N 278 
MET CA   C  N S 279 
MET C    C  N N 280 
MET O    O  N N 281 
MET CB   C  N N 282 
MET CG   C  N N 283 
MET SD   S  N N 284 
MET CE   C  N N 285 
MET OXT  O  N N 286 
MET H    H  N N 287 
MET H2   H  N N 288 
MET HA   H  N N 289 
MET HB2  H  N N 290 
MET HB3  H  N N 291 
MET HG2  H  N N 292 
MET HG3  H  N N 293 
MET HE1  H  N N 294 
MET HE2  H  N N 295 
MET HE3  H  N N 296 
MET HXT  H  N N 297 
PHE N    N  N N 298 
PHE CA   C  N S 299 
PHE C    C  N N 300 
PHE O    O  N N 301 
PHE CB   C  N N 302 
PHE CG   C  Y N 303 
PHE CD1  C  Y N 304 
PHE CD2  C  Y N 305 
PHE CE1  C  Y N 306 
PHE CE2  C  Y N 307 
PHE CZ   C  Y N 308 
PHE OXT  O  N N 309 
PHE H    H  N N 310 
PHE H2   H  N N 311 
PHE HA   H  N N 312 
PHE HB2  H  N N 313 
PHE HB3  H  N N 314 
PHE HD1  H  N N 315 
PHE HD2  H  N N 316 
PHE HE1  H  N N 317 
PHE HE2  H  N N 318 
PHE HZ   H  N N 319 
PHE HXT  H  N N 320 
PRO N    N  N N 321 
PRO CA   C  N S 322 
PRO C    C  N N 323 
PRO O    O  N N 324 
PRO CB   C  N N 325 
PRO CG   C  N N 326 
PRO CD   C  N N 327 
PRO OXT  O  N N 328 
PRO H    H  N N 329 
PRO HA   H  N N 330 
PRO HB2  H  N N 331 
PRO HB3  H  N N 332 
PRO HG2  H  N N 333 
PRO HG3  H  N N 334 
PRO HD2  H  N N 335 
PRO HD3  H  N N 336 
PRO HXT  H  N N 337 
SER N    N  N N 338 
SER CA   C  N S 339 
SER C    C  N N 340 
SER O    O  N N 341 
SER CB   C  N N 342 
SER OG   O  N N 343 
SER OXT  O  N N 344 
SER H    H  N N 345 
SER H2   H  N N 346 
SER HA   H  N N 347 
SER HB2  H  N N 348 
SER HB3  H  N N 349 
SER HG   H  N N 350 
SER HXT  H  N N 351 
THR N    N  N N 352 
THR CA   C  N S 353 
THR C    C  N N 354 
THR O    O  N N 355 
THR CB   C  N R 356 
THR OG1  O  N N 357 
THR CG2  C  N N 358 
THR OXT  O  N N 359 
THR H    H  N N 360 
THR H2   H  N N 361 
THR HA   H  N N 362 
THR HB   H  N N 363 
THR HG1  H  N N 364 
THR HG21 H  N N 365 
THR HG22 H  N N 366 
THR HG23 H  N N 367 
THR HXT  H  N N 368 
TRP N    N  N N 369 
TRP CA   C  N S 370 
TRP C    C  N N 371 
TRP O    O  N N 372 
TRP CB   C  N N 373 
TRP CG   C  Y N 374 
TRP CD1  C  Y N 375 
TRP CD2  C  Y N 376 
TRP NE1  N  Y N 377 
TRP CE2  C  Y N 378 
TRP CE3  C  Y N 379 
TRP CZ2  C  Y N 380 
TRP CZ3  C  Y N 381 
TRP CH2  C  Y N 382 
TRP OXT  O  N N 383 
TRP H    H  N N 384 
TRP H2   H  N N 385 
TRP HA   H  N N 386 
TRP HB2  H  N N 387 
TRP HB3  H  N N 388 
TRP HD1  H  N N 389 
TRP HE1  H  N N 390 
TRP HE3  H  N N 391 
TRP HZ2  H  N N 392 
TRP HZ3  H  N N 393 
TRP HH2  H  N N 394 
TRP HXT  H  N N 395 
TYR N    N  N N 396 
TYR CA   C  N S 397 
TYR C    C  N N 398 
TYR O    O  N N 399 
TYR CB   C  N N 400 
TYR CG   C  Y N 401 
TYR CD1  C  Y N 402 
TYR CD2  C  Y N 403 
TYR CE1  C  Y N 404 
TYR CE2  C  Y N 405 
TYR CZ   C  Y N 406 
TYR OH   O  N N 407 
TYR OXT  O  N N 408 
TYR H    H  N N 409 
TYR H2   H  N N 410 
TYR HA   H  N N 411 
TYR HB2  H  N N 412 
TYR HB3  H  N N 413 
TYR HD1  H  N N 414 
TYR HD2  H  N N 415 
TYR HE1  H  N N 416 
TYR HE2  H  N N 417 
TYR HH   H  N N 418 
TYR HXT  H  N N 419 
VAL N    N  N N 420 
VAL CA   C  N S 421 
VAL C    C  N N 422 
VAL O    O  N N 423 
VAL CB   C  N N 424 
VAL CG1  C  N N 425 
VAL CG2  C  N N 426 
VAL OXT  O  N N 427 
VAL H    H  N N 428 
VAL H2   H  N N 429 
VAL HA   H  N N 430 
VAL HB   H  N N 431 
VAL HG11 H  N N 432 
VAL HG12 H  N N 433 
VAL HG13 H  N N 434 
VAL HG21 H  N N 435 
VAL HG22 H  N N 436 
VAL HG23 H  N N 437 
VAL HXT  H  N N 438 
# 
loop_
_chem_comp_bond.comp_id 
_chem_comp_bond.atom_id_1 
_chem_comp_bond.atom_id_2 
_chem_comp_bond.value_order 
_chem_comp_bond.pdbx_aromatic_flag 
_chem_comp_bond.pdbx_stereo_config 
_chem_comp_bond.pdbx_ordinal 
ALA N   CA   sing N N 1   
ALA N   H    sing N N 2   
ALA N   H2   sing N N 3   
ALA CA  C    sing N N 4   
ALA CA  CB   sing N N 5   
ALA CA  HA   sing N N 6   
ALA C   O    doub N N 7   
ALA C   OXT  sing N N 8   
ALA CB  HB1  sing N N 9   
ALA CB  HB2  sing N N 10  
ALA CB  HB3  sing N N 11  
ALA OXT HXT  sing N N 12  
ASN N   CA   sing N N 13  
ASN N   H    sing N N 14  
ASN N   H2   sing N N 15  
ASN CA  C    sing N N 16  
ASN CA  CB   sing N N 17  
ASN CA  HA   sing N N 18  
ASN C   O    doub N N 19  
ASN C   OXT  sing N N 20  
ASN CB  CG   sing N N 21  
ASN CB  HB2  sing N N 22  
ASN CB  HB3  sing N N 23  
ASN CG  OD1  doub N N 24  
ASN CG  ND2  sing N N 25  
ASN ND2 HD21 sing N N 26  
ASN ND2 HD22 sing N N 27  
ASN OXT HXT  sing N N 28  
ASP N   CA   sing N N 29  
ASP N   H    sing N N 30  
ASP N   H2   sing N N 31  
ASP CA  C    sing N N 32  
ASP CA  CB   sing N N 33  
ASP CA  HA   sing N N 34  
ASP C   O    doub N N 35  
ASP C   OXT  sing N N 36  
ASP CB  CG   sing N N 37  
ASP CB  HB2  sing N N 38  
ASP CB  HB3  sing N N 39  
ASP CG  OD1  doub N N 40  
ASP CG  OD2  sing N N 41  
ASP OD2 HD2  sing N N 42  
ASP OXT HXT  sing N N 43  
CYS N   CA   sing N N 44  
CYS N   H    sing N N 45  
CYS N   H2   sing N N 46  
CYS CA  C    sing N N 47  
CYS CA  CB   sing N N 48  
CYS CA  HA   sing N N 49  
CYS C   O    doub N N 50  
CYS C   OXT  sing N N 51  
CYS CB  SG   sing N N 52  
CYS CB  HB2  sing N N 53  
CYS CB  HB3  sing N N 54  
CYS SG  HG   sing N N 55  
CYS OXT HXT  sing N N 56  
GLN N   CA   sing N N 57  
GLN N   H    sing N N 58  
GLN N   H2   sing N N 59  
GLN CA  C    sing N N 60  
GLN CA  CB   sing N N 61  
GLN CA  HA   sing N N 62  
GLN C   O    doub N N 63  
GLN C   OXT  sing N N 64  
GLN CB  CG   sing N N 65  
GLN CB  HB2  sing N N 66  
GLN CB  HB3  sing N N 67  
GLN CG  CD   sing N N 68  
GLN CG  HG2  sing N N 69  
GLN CG  HG3  sing N N 70  
GLN CD  OE1  doub N N 71  
GLN CD  NE2  sing N N 72  
GLN NE2 HE21 sing N N 73  
GLN NE2 HE22 sing N N 74  
GLN OXT HXT  sing N N 75  
GLU N   CA   sing N N 76  
GLU N   H    sing N N 77  
GLU N   H2   sing N N 78  
GLU CA  C    sing N N 79  
GLU CA  CB   sing N N 80  
GLU CA  HA   sing N N 81  
GLU C   O    doub N N 82  
GLU C   OXT  sing N N 83  
GLU CB  CG   sing N N 84  
GLU CB  HB2  sing N N 85  
GLU CB  HB3  sing N N 86  
GLU CG  CD   sing N N 87  
GLU CG  HG2  sing N N 88  
GLU CG  HG3  sing N N 89  
GLU CD  OE1  doub N N 90  
GLU CD  OE2  sing N N 91  
GLU OE2 HE2  sing N N 92  
GLU OXT HXT  sing N N 93  
GLY N   CA   sing N N 94  
GLY N   H    sing N N 95  
GLY N   H2   sing N N 96  
GLY CA  C    sing N N 97  
GLY CA  HA2  sing N N 98  
GLY CA  HA3  sing N N 99  
GLY C   O    doub N N 100 
GLY C   OXT  sing N N 101 
GLY OXT HXT  sing N N 102 
HEM CHA C1A  sing N N 103 
HEM CHA C4D  doub N N 104 
HEM CHA HHA  sing N N 105 
HEM CHB C4A  sing N N 106 
HEM CHB C1B  doub N N 107 
HEM CHB HHB  sing N N 108 
HEM CHC C4B  sing N N 109 
HEM CHC C1C  doub N N 110 
HEM CHC HHC  sing N N 111 
HEM CHD C4C  doub N N 112 
HEM CHD C1D  sing N N 113 
HEM CHD HHD  sing N N 114 
HEM C1A C2A  doub Y N 115 
HEM C1A NA   sing Y N 116 
HEM C2A C3A  sing Y N 117 
HEM C2A CAA  sing N N 118 
HEM C3A C4A  doub Y N 119 
HEM C3A CMA  sing N N 120 
HEM C4A NA   sing Y N 121 
HEM CMA HMA  sing N N 122 
HEM CMA HMAA sing N N 123 
HEM CMA HMAB sing N N 124 
HEM CAA CBA  sing N N 125 
HEM CAA HAA  sing N N 126 
HEM CAA HAAA sing N N 127 
HEM CBA CGA  sing N N 128 
HEM CBA HBA  sing N N 129 
HEM CBA HBAA sing N N 130 
HEM CGA O1A  doub N N 131 
HEM CGA O2A  sing N N 132 
HEM C1B C2B  sing N N 133 
HEM C1B NB   sing N N 134 
HEM C2B C3B  doub N N 135 
HEM C2B CMB  sing N N 136 
HEM C3B C4B  sing N N 137 
HEM C3B CAB  sing N N 138 
HEM C4B NB   doub N N 139 
HEM CMB HMB  sing N N 140 
HEM CMB HMBA sing N N 141 
HEM CMB HMBB sing N N 142 
HEM CAB CBB  doub N N 143 
HEM CAB HAB  sing N N 144 
HEM CBB HBB  sing N N 145 
HEM CBB HBBA sing N N 146 
HEM C1C C2C  sing Y N 147 
HEM C1C NC   sing Y N 148 
HEM C2C C3C  doub Y N 149 
HEM C2C CMC  sing N N 150 
HEM C3C C4C  sing Y N 151 
HEM C3C CAC  sing N N 152 
HEM C4C NC   sing Y N 153 
HEM CMC HMC  sing N N 154 
HEM CMC HMCA sing N N 155 
HEM CMC HMCB sing N N 156 
HEM CAC CBC  doub N N 157 
HEM CAC HAC  sing N N 158 
HEM CBC HBC  sing N N 159 
HEM CBC HBCA sing N N 160 
HEM C1D C2D  sing N N 161 
HEM C1D ND   doub N N 162 
HEM C2D C3D  doub N N 163 
HEM C2D CMD  sing N N 164 
HEM C3D C4D  sing N N 165 
HEM C3D CAD  sing N N 166 
HEM C4D ND   sing N N 167 
HEM CMD HMD  sing N N 168 
HEM CMD HMDA sing N N 169 
HEM CMD HMDB sing N N 170 
HEM CAD CBD  sing N N 171 
HEM CAD HAD  sing N N 172 
HEM CAD HADA sing N N 173 
HEM CBD CGD  sing N N 174 
HEM CBD HBD  sing N N 175 
HEM CBD HBDA sing N N 176 
HEM CGD O1D  doub N N 177 
HEM CGD O2D  sing N N 178 
HEM O2A H2A  sing N N 179 
HEM O2D H2D  sing N N 180 
HEM FE  NA   sing N N 181 
HEM FE  NB   sing N N 182 
HEM FE  NC   sing N N 183 
HEM FE  ND   sing N N 184 
HIS N   CA   sing N N 185 
HIS N   H    sing N N 186 
HIS N   H2   sing N N 187 
HIS CA  C    sing N N 188 
HIS CA  CB   sing N N 189 
HIS CA  HA   sing N N 190 
HIS C   O    doub N N 191 
HIS C   OXT  sing N N 192 
HIS CB  CG   sing N N 193 
HIS CB  HB2  sing N N 194 
HIS CB  HB3  sing N N 195 
HIS CG  ND1  sing Y N 196 
HIS CG  CD2  doub Y N 197 
HIS ND1 CE1  doub Y N 198 
HIS ND1 HD1  sing N N 199 
HIS CD2 NE2  sing Y N 200 
HIS CD2 HD2  sing N N 201 
HIS CE1 NE2  sing Y N 202 
HIS CE1 HE1  sing N N 203 
HIS NE2 HE2  sing N N 204 
HIS OXT HXT  sing N N 205 
HOH O   H1   sing N N 206 
HOH O   H2   sing N N 207 
ILE N   CA   sing N N 208 
ILE N   H    sing N N 209 
ILE N   H2   sing N N 210 
ILE CA  C    sing N N 211 
ILE CA  CB   sing N N 212 
ILE CA  HA   sing N N 213 
ILE C   O    doub N N 214 
ILE C   OXT  sing N N 215 
ILE CB  CG1  sing N N 216 
ILE CB  CG2  sing N N 217 
ILE CB  HB   sing N N 218 
ILE CG1 CD1  sing N N 219 
ILE CG1 HG12 sing N N 220 
ILE CG1 HG13 sing N N 221 
ILE CG2 HG21 sing N N 222 
ILE CG2 HG22 sing N N 223 
ILE CG2 HG23 sing N N 224 
ILE CD1 HD11 sing N N 225 
ILE CD1 HD12 sing N N 226 
ILE CD1 HD13 sing N N 227 
ILE OXT HXT  sing N N 228 
LEU N   CA   sing N N 229 
LEU N   H    sing N N 230 
LEU N   H2   sing N N 231 
LEU CA  C    sing N N 232 
LEU CA  CB   sing N N 233 
LEU CA  HA   sing N N 234 
LEU C   O    doub N N 235 
LEU C   OXT  sing N N 236 
LEU CB  CG   sing N N 237 
LEU CB  HB2  sing N N 238 
LEU CB  HB3  sing N N 239 
LEU CG  CD1  sing N N 240 
LEU CG  CD2  sing N N 241 
LEU CG  HG   sing N N 242 
LEU CD1 HD11 sing N N 243 
LEU CD1 HD12 sing N N 244 
LEU CD1 HD13 sing N N 245 
LEU CD2 HD21 sing N N 246 
LEU CD2 HD22 sing N N 247 
LEU CD2 HD23 sing N N 248 
LEU OXT HXT  sing N N 249 
LYS N   CA   sing N N 250 
LYS N   H    sing N N 251 
LYS N   H2   sing N N 252 
LYS CA  C    sing N N 253 
LYS CA  CB   sing N N 254 
LYS CA  HA   sing N N 255 
LYS C   O    doub N N 256 
LYS C   OXT  sing N N 257 
LYS CB  CG   sing N N 258 
LYS CB  HB2  sing N N 259 
LYS CB  HB3  sing N N 260 
LYS CG  CD   sing N N 261 
LYS CG  HG2  sing N N 262 
LYS CG  HG3  sing N N 263 
LYS CD  CE   sing N N 264 
LYS CD  HD2  sing N N 265 
LYS CD  HD3  sing N N 266 
LYS CE  NZ   sing N N 267 
LYS CE  HE2  sing N N 268 
LYS CE  HE3  sing N N 269 
LYS NZ  HZ1  sing N N 270 
LYS NZ  HZ2  sing N N 271 
LYS NZ  HZ3  sing N N 272 
LYS OXT HXT  sing N N 273 
MET N   CA   sing N N 274 
MET N   H    sing N N 275 
MET N   H2   sing N N 276 
MET CA  C    sing N N 277 
MET CA  CB   sing N N 278 
MET CA  HA   sing N N 279 
MET C   O    doub N N 280 
MET C   OXT  sing N N 281 
MET CB  CG   sing N N 282 
MET CB  HB2  sing N N 283 
MET CB  HB3  sing N N 284 
MET CG  SD   sing N N 285 
MET CG  HG2  sing N N 286 
MET CG  HG3  sing N N 287 
MET SD  CE   sing N N 288 
MET CE  HE1  sing N N 289 
MET CE  HE2  sing N N 290 
MET CE  HE3  sing N N 291 
MET OXT HXT  sing N N 292 
PHE N   CA   sing N N 293 
PHE N   H    sing N N 294 
PHE N   H2   sing N N 295 
PHE CA  C    sing N N 296 
PHE CA  CB   sing N N 297 
PHE CA  HA   sing N N 298 
PHE C   O    doub N N 299 
PHE C   OXT  sing N N 300 
PHE CB  CG   sing N N 301 
PHE CB  HB2  sing N N 302 
PHE CB  HB3  sing N N 303 
PHE CG  CD1  doub Y N 304 
PHE CG  CD2  sing Y N 305 
PHE CD1 CE1  sing Y N 306 
PHE CD1 HD1  sing N N 307 
PHE CD2 CE2  doub Y N 308 
PHE CD2 HD2  sing N N 309 
PHE CE1 CZ   doub Y N 310 
PHE CE1 HE1  sing N N 311 
PHE CE2 CZ   sing Y N 312 
PHE CE2 HE2  sing N N 313 
PHE CZ  HZ   sing N N 314 
PHE OXT HXT  sing N N 315 
PRO N   CA   sing N N 316 
PRO N   CD   sing N N 317 
PRO N   H    sing N N 318 
PRO CA  C    sing N N 319 
PRO CA  CB   sing N N 320 
PRO CA  HA   sing N N 321 
PRO C   O    doub N N 322 
PRO C   OXT  sing N N 323 
PRO CB  CG   sing N N 324 
PRO CB  HB2  sing N N 325 
PRO CB  HB3  sing N N 326 
PRO CG  CD   sing N N 327 
PRO CG  HG2  sing N N 328 
PRO CG  HG3  sing N N 329 
PRO CD  HD2  sing N N 330 
PRO CD  HD3  sing N N 331 
PRO OXT HXT  sing N N 332 
SER N   CA   sing N N 333 
SER N   H    sing N N 334 
SER N   H2   sing N N 335 
SER CA  C    sing N N 336 
SER CA  CB   sing N N 337 
SER CA  HA   sing N N 338 
SER C   O    doub N N 339 
SER C   OXT  sing N N 340 
SER CB  OG   sing N N 341 
SER CB  HB2  sing N N 342 
SER CB  HB3  sing N N 343 
SER OG  HG   sing N N 344 
SER OXT HXT  sing N N 345 
THR N   CA   sing N N 346 
THR N   H    sing N N 347 
THR N   H2   sing N N 348 
THR CA  C    sing N N 349 
THR CA  CB   sing N N 350 
THR CA  HA   sing N N 351 
THR C   O    doub N N 352 
THR C   OXT  sing N N 353 
THR CB  OG1  sing N N 354 
THR CB  CG2  sing N N 355 
THR CB  HB   sing N N 356 
THR OG1 HG1  sing N N 357 
THR CG2 HG21 sing N N 358 
THR CG2 HG22 sing N N 359 
THR CG2 HG23 sing N N 360 
THR OXT HXT  sing N N 361 
TRP N   CA   sing N N 362 
TRP N   H    sing N N 363 
TRP N   H2   sing N N 364 
TRP CA  C    sing N N 365 
TRP CA  CB   sing N N 366 
TRP CA  HA   sing N N 367 
TRP C   O    doub N N 368 
TRP C   OXT  sing N N 369 
TRP CB  CG   sing N N 370 
TRP CB  HB2  sing N N 371 
TRP CB  HB3  sing N N 372 
TRP CG  CD1  doub Y N 373 
TRP CG  CD2  sing Y N 374 
TRP CD1 NE1  sing Y N 375 
TRP CD1 HD1  sing N N 376 
TRP CD2 CE2  doub Y N 377 
TRP CD2 CE3  sing Y N 378 
TRP NE1 CE2  sing Y N 379 
TRP NE1 HE1  sing N N 380 
TRP CE2 CZ2  sing Y N 381 
TRP CE3 CZ3  doub Y N 382 
TRP CE3 HE3  sing N N 383 
TRP CZ2 CH2  doub Y N 384 
TRP CZ2 HZ2  sing N N 385 
TRP CZ3 CH2  sing Y N 386 
TRP CZ3 HZ3  sing N N 387 
TRP CH2 HH2  sing N N 388 
TRP OXT HXT  sing N N 389 
TYR N   CA   sing N N 390 
TYR N   H    sing N N 391 
TYR N   H2   sing N N 392 
TYR CA  C    sing N N 393 
TYR CA  CB   sing N N 394 
TYR CA  HA   sing N N 395 
TYR C   O    doub N N 396 
TYR C   OXT  sing N N 397 
TYR CB  CG   sing N N 398 
TYR CB  HB2  sing N N 399 
TYR CB  HB3  sing N N 400 
TYR CG  CD1  doub Y N 401 
TYR CG  CD2  sing Y N 402 
TYR CD1 CE1  sing Y N 403 
TYR CD1 HD1  sing N N 404 
TYR CD2 CE2  doub Y N 405 
TYR CD2 HD2  sing N N 406 
TYR CE1 CZ   doub Y N 407 
TYR CE1 HE1  sing N N 408 
TYR CE2 CZ   sing Y N 409 
TYR CE2 HE2  sing N N 410 
TYR CZ  OH   sing N N 411 
TYR OH  HH   sing N N 412 
TYR OXT HXT  sing N N 413 
VAL N   CA   sing N N 414 
VAL N   H    sing N N 415 
VAL N   H2   sing N N 416 
VAL CA  C    sing N N 417 
VAL CA  CB   sing N N 418 
VAL CA  HA   sing N N 419 
VAL C   O    doub N N 420 
VAL C   OXT  sing N N 421 
VAL CB  CG1  sing N N 422 
VAL CB  CG2  sing N N 423 
VAL CB  HB   sing N N 424 
VAL CG1 HG11 sing N N 425 
VAL CG1 HG12 sing N N 426 
VAL CG1 HG13 sing N N 427 
VAL CG2 HG21 sing N N 428 
VAL CG2 HG22 sing N N 429 
VAL CG2 HG23 sing N N 430 
VAL OXT HXT  sing N N 431 
# 
_atom_sites.entry_id                    3C2C 
_atom_sites.fract_transf_matrix[1][1]   0.00511396 
_atom_sites.fract_transf_matrix[1][2]   0.01756700 
_atom_sites.fract_transf_matrix[1][3]   -0.02507077 
_atom_sites.fract_transf_matrix[2][1]   -0.01432718 
_atom_sites.fract_transf_matrix[2][2]   -0.01703915 
_atom_sites.fract_transf_matrix[2][3]   -0.01486175 
_atom_sites.fract_transf_matrix[3][1]   -0.00979079 
_atom_sites.fract_transf_matrix[3][2]   0.00619083 
_atom_sites.fract_transf_matrix[3][3]   0.00234076 
_atom_sites.fract_transf_vector[1]      1.079885 
_atom_sites.fract_transf_vector[2]      0.029883 
_atom_sites.fract_transf_vector[3]      0.390184 
# 
loop_
_atom_type.symbol 
C  
FE 
N  
O  
S  
# 
loop_
_atom_site.group_PDB 
_atom_site.id 
_atom_site.type_symbol 
_atom_site.label_atom_id 
_atom_site.label_alt_id 
_atom_site.label_comp_id 
_atom_site.label_asym_id 
_atom_site.label_entity_id 
_atom_site.label_seq_id 
_atom_site.pdbx_PDB_ins_code 
_atom_site.Cartn_x 
_atom_site.Cartn_y 
_atom_site.Cartn_z 
_atom_site.occupancy 
_atom_site.B_iso_or_equiv 
_atom_site.pdbx_formal_charge 
_atom_site.auth_seq_id 
_atom_site.auth_comp_id 
_atom_site.auth_asym_id 
_atom_site.auth_atom_id 
_atom_site.pdbx_PDB_model_num 
ATOM   1   N  N   . GLU A 1 1   ? 9.035   4.225   14.266  1.00 44.20 ? 1   GLU A N   1 
ATOM   2   C  CA  . GLU A 1 1   ? 9.494   5.664   13.795  1.00 54.70 ? 1   GLU A CA  1 
ATOM   3   C  C   . GLU A 1 1   ? 8.159   6.291   13.319  1.00 33.60 ? 1   GLU A C   1 
ATOM   4   O  O   . GLU A 1 1   ? 7.458   5.375   12.559  1.00 49.90 ? 1   GLU A O   1 
ATOM   5   C  CB  . GLU A 1 1   ? 10.150  5.443   12.227  1.00 64.50 ? 1   GLU A CB  1 
ATOM   6   N  N   . GLY A 1 2   ? 8.252   7.503   13.531  1.00 25.80 ? 2   GLY A N   1 
ATOM   7   C  CA  . GLY A 1 2   ? 7.076   7.993   12.718  1.00 16.80 ? 2   GLY A CA  1 
ATOM   8   C  C   . GLY A 1 2   ? 6.036   8.485   13.730  1.00 20.70 ? 2   GLY A C   1 
ATOM   9   O  O   . GLY A 1 2   ? 5.885   7.835   14.767  1.00 23.60 ? 2   GLY A O   1 
ATOM   10  N  N   . ASP A 1 3   ? 5.404   9.561   13.340  1.00 12.30 ? 3   ASP A N   1 
ATOM   11  C  CA  . ASP A 1 3   ? 4.384   10.096  14.324  1.00 14.80 ? 3   ASP A CA  1 
ATOM   12  C  C   . ASP A 1 3   ? 3.040   9.644   13.633  1.00 20.80 ? 3   ASP A C   1 
ATOM   13  O  O   . ASP A 1 3   ? 2.831   10.203  12.547  1.00 18.00 ? 3   ASP A O   1 
ATOM   14  C  CB  . ASP A 1 3   ? 4.722   11.556  14.252  1.00 11.50 ? 3   ASP A CB  1 
ATOM   15  C  CG  . ASP A 1 3   ? 3.558   12.257  15.001  1.00 15.30 ? 3   ASP A CG  1 
ATOM   16  O  OD1 . ASP A 1 3   ? 2.525   11.653  15.357  1.00 17.90 ? 3   ASP A OD1 1 
ATOM   17  O  OD2 . ASP A 1 3   ? 3.783   13.432  15.004  1.00 20.00 ? 3   ASP A OD2 1 
ATOM   18  N  N   . ALA A 1 4   ? 2.162   8.788   14.093  1.00 10.30 ? 4   ALA A N   1 
ATOM   19  C  CA  . ALA A 1 4   ? 0.986   8.343   13.430  1.00 6.30  ? 4   ALA A CA  1 
ATOM   20  C  C   . ALA A 1 4   ? 0.025   9.623   13.449  1.00 6.70  ? 4   ALA A C   1 
ATOM   21  O  O   . ALA A 1 4   ? -0.840  9.540   12.522  1.00 9.50  ? 4   ALA A O   1 
ATOM   22  C  CB  . ALA A 1 4   ? 0.265   7.282   14.334  1.00 10.80 ? 4   ALA A CB  1 
ATOM   23  N  N   . ALA A 1 5   ? 0.362   10.660  14.133  1.00 5.90  ? 5   ALA A N   1 
ATOM   24  C  CA  . ALA A 1 5   ? -0.617  11.801  14.090  1.00 7.30  ? 5   ALA A CA  1 
ATOM   25  C  C   . ALA A 1 5   ? -0.212  12.649  12.835  1.00 6.50  ? 5   ALA A C   1 
ATOM   26  O  O   . ALA A 1 5   ? -1.122  12.959  12.099  1.00 9.20  ? 5   ALA A O   1 
ATOM   27  C  CB  . ALA A 1 5   ? -0.511  12.551  15.380  1.00 13.60 ? 5   ALA A CB  1 
ATOM   28  N  N   . ALA A 1 6   ? 1.144   12.648  12.504  1.00 10.00 ? 6   ALA A N   1 
ATOM   29  C  CA  . ALA A 1 6   ? 1.477   13.410  11.274  1.00 9.00  ? 6   ALA A CA  1 
ATOM   30  C  C   . ALA A 1 6   ? 1.168   12.624  10.041  1.00 11.20 ? 6   ALA A C   1 
ATOM   31  O  O   . ALA A 1 6   ? 0.741   13.033  8.991   1.00 8.90  ? 6   ALA A O   1 
ATOM   32  C  CB  . ALA A 1 6   ? 2.765   14.118  11.253  1.00 7.90  ? 6   ALA A CB  1 
ATOM   33  N  N   . GLY A 1 7   ? 1.165   11.280  10.250  1.00 9.80  ? 7   GLY A N   1 
ATOM   34  C  CA  . GLY A 1 7   ? 0.830   10.250  9.250   1.00 6.00  ? 7   GLY A CA  1 
ATOM   35  C  C   . GLY A 1 7   ? -0.601  10.395  8.737   1.00 5.70  ? 7   GLY A C   1 
ATOM   36  O  O   . GLY A 1 7   ? -0.893  10.208  7.557   1.00 10.60 ? 7   GLY A O   1 
ATOM   37  N  N   . GLU A 1 8   ? -1.534  10.571  9.723   1.00 6.00  ? 8   GLU A N   1 
ATOM   38  C  CA  . GLU A 1 8   ? -2.962  10.818  9.357   1.00 5.70  ? 8   GLU A CA  1 
ATOM   39  C  C   . GLU A 1 8   ? -3.250  12.065  8.439   1.00 10.70 ? 8   GLU A C   1 
ATOM   40  O  O   . GLU A 1 8   ? -3.954  12.023  7.473   1.00 8.50  ? 8   GLU A O   1 
ATOM   41  C  CB  . GLU A 1 8   ? -3.715  11.002  10.719  1.00 6.70  ? 8   GLU A CB  1 
ATOM   42  C  CG  . GLU A 1 8   ? -5.143  10.775  10.194  1.00 8.80  ? 8   GLU A CG  1 
ATOM   43  C  CD  . GLU A 1 8   ? -6.163  10.559  11.444  1.00 19.80 ? 8   GLU A CD  1 
ATOM   44  O  OE1 . GLU A 1 8   ? -7.315  10.112  11.391  1.00 29.20 ? 8   GLU A OE1 1 
ATOM   45  O  OE2 . GLU A 1 8   ? -5.692  11.025  12.436  1.00 31.90 ? 8   GLU A OE2 1 
ATOM   46  N  N   . LYS A 1 9   ? -2.454  13.124  8.762   1.00 7.50  ? 9   LYS A N   1 
ATOM   47  C  CA  . LYS A 1 9   ? -2.343  14.228  7.874   1.00 11.40 ? 9   LYS A CA  1 
ATOM   48  C  C   . LYS A 1 9   ? -1.943  13.963  6.408   1.00 8.90  ? 9   LYS A C   1 
ATOM   49  O  O   . LYS A 1 9   ? -2.548  14.361  5.400   1.00 9.20  ? 9   LYS A O   1 
ATOM   50  C  CB  . LYS A 1 9   ? -1.531  15.384  8.416   1.00 12.10 ? 9   LYS A CB  1 
ATOM   51  C  CG  . LYS A 1 9   ? -1.826  15.986  9.830   1.00 16.60 ? 9   LYS A CG  1 
ATOM   52  C  CD  . LYS A 1 9   ? -3.173  16.628  9.869   1.00 21.80 ? 9   LYS A CD  1 
ATOM   53  C  CE  . LYS A 1 9   ? -3.369  17.452  11.311  1.00 19.50 ? 9   LYS A CE  1 
ATOM   54  N  NZ  . LYS A 1 9   ? -4.891  17.682  11.000  1.00 33.80 ? 9   LYS A NZ  1 
ATOM   55  N  N   . VAL A 1 10  ? -0.700  13.292  6.266   1.00 7.20  ? 10  VAL A N   1 
ATOM   56  C  CA  . VAL A 1 10  ? -0.187  12.925  4.987   1.00 9.40  ? 10  VAL A CA  1 
ATOM   57  C  C   . VAL A 1 10  ? -1.175  12.027  4.193   1.00 8.40  ? 10  VAL A C   1 
ATOM   58  O  O   . VAL A 1 10  ? -1.355  12.156  2.996   1.00 9.40  ? 10  VAL A O   1 
ATOM   59  C  CB  . VAL A 1 10  ? 1.173   12.082  5.181   1.00 13.00 ? 10  VAL A CB  1 
ATOM   60  C  CG1 . VAL A 1 10  ? 1.725   11.792  3.667   1.00 14.80 ? 10  VAL A CG1 1 
ATOM   61  C  CG2 . VAL A 1 10  ? 2.156   13.065  5.737   1.00 18.10 ? 10  VAL A CG2 1 
ATOM   62  N  N   . SER A 1 11  ? -1.801  11.200  4.972   1.00 7.10  ? 11  SER A N   1 
ATOM   63  C  CA  . SER A 1 11  ? -2.718  10.186  4.371   1.00 4.60  ? 11  SER A CA  1 
ATOM   64  C  C   . SER A 1 11  ? -3.870  10.792  3.508   1.00 4.10  ? 11  SER A C   1 
ATOM   65  O  O   . SER A 1 11  ? -4.483  10.084  2.714   1.00 4.80  ? 11  SER A O   1 
ATOM   66  C  CB  . SER A 1 11  ? -3.401  9.177   5.394   1.00 10.30 ? 11  SER A CB  1 
ATOM   67  O  OG  . SER A 1 11  ? -4.367  9.802   6.167   1.00 11.10 ? 11  SER A OG  1 
ATOM   68  N  N   . LYS A 1 12  ? -4.047  12.086  3.835   1.00 6.50  ? 12  LYS A N   1 
ATOM   69  C  CA  . LYS A 1 12  ? -5.081  12.842  3.064   1.00 8.50  ? 12  LYS A CA  1 
ATOM   70  C  C   . LYS A 1 12  ? -4.706  12.887  1.588   1.00 6.00  ? 12  LYS A C   1 
ATOM   71  O  O   . LYS A 1 12  ? -5.555  12.854  0.698   1.00 8.10  ? 12  LYS A O   1 
ATOM   72  C  CB  . LYS A 1 12  ? -5.515  14.200  3.618   1.00 5.80  ? 12  LYS A CB  1 
ATOM   73  C  CG  . LYS A 1 12  ? -5.715  14.508  5.043   1.00 21.50 ? 12  LYS A CG  1 
ATOM   74  C  CD  . LYS A 1 12  ? -6.837  14.345  6.185   1.00 37.90 ? 12  LYS A CD  1 
ATOM   75  N  N   . LYS A 1 13  ? -3.453  12.704  1.256   1.00 4.00  ? 13  LYS A N   1 
ATOM   76  C  CA  . LYS A 1 13  ? -2.922  12.516  -0.067  1.00 2.00  ? 13  LYS A CA  1 
ATOM   77  C  C   . LYS A 1 13  ? -3.391  11.250  -0.703  1.00 7.30  ? 13  LYS A C   1 
ATOM   78  O  O   . LYS A 1 13  ? -3.475  11.189  -1.902  1.00 10.40 ? 13  LYS A O   1 
ATOM   79  C  CB  . LYS A 1 13  ? -1.399  12.684  0.002   1.00 4.80  ? 13  LYS A CB  1 
ATOM   80  C  CG  . LYS A 1 13  ? -1.102  14.167  0.248   1.00 11.00 ? 13  LYS A CG  1 
ATOM   81  C  CD  . LYS A 1 13  ? 0.233   14.624  -0.373  1.00 13.60 ? 13  LYS A CD  1 
ATOM   82  C  CE  . LYS A 1 13  ? 1.280   14.114  0.660   1.00 9.10  ? 13  LYS A CE  1 
ATOM   83  N  NZ  . LYS A 1 13  ? 2.521   15.045  0.612   1.00 12.70 ? 13  LYS A NZ  1 
ATOM   84  N  N   . CYS A 1 14  ? -3.750  10.240  0.064   1.00 5.70  ? 14  CYS A N   1 
ATOM   85  C  CA  . CYS A 1 14  ? -4.242  8.989   -0.604  1.00 5.50  ? 14  CYS A CA  1 
ATOM   86  C  C   . CYS A 1 14  ? -5.791  9.064   -0.818  1.00 4.80  ? 14  CYS A C   1 
ATOM   87  O  O   . CYS A 1 14  ? -6.307  8.060   -1.330  1.00 6.30  ? 14  CYS A O   1 
ATOM   88  C  CB  . CYS A 1 14  ? -4.146  7.802   0.466   1.00 2.20  ? 14  CYS A CB  1 
ATOM   89  S  SG  . CYS A 1 14  ? -2.429  7.960   1.224   1.00 8.60  ? 14  CYS A SG  1 
ATOM   90  N  N   . LEU A 1 15  ? -6.563  9.917   -0.043  1.00 3.50  ? 15  LEU A N   1 
ATOM   91  C  CA  . LEU A 1 15  ? -8.004  9.772   0.019   1.00 2.30  ? 15  LEU A CA  1 
ATOM   92  C  C   . LEU A 1 15  ? -8.702  9.972   -1.357  1.00 9.10  ? 15  LEU A C   1 
ATOM   93  O  O   . LEU A 1 15  ? -9.776  9.305   -1.412  1.00 10.90 ? 15  LEU A O   1 
ATOM   94  C  CB  . LEU A 1 15  ? -8.570  10.836  0.947   1.00 4.80  ? 15  LEU A CB  1 
ATOM   95  C  CG  . LEU A 1 15  ? -8.474  10.669  2.397   1.00 17.60 ? 15  LEU A CG  1 
ATOM   96  C  CD1 . LEU A 1 15  ? -9.040  11.840  3.040   1.00 20.00 ? 15  LEU A CD1 1 
ATOM   97  C  CD2 . LEU A 1 15  ? -8.893  9.478   3.086   1.00 14.50 ? 15  LEU A CD2 1 
ATOM   98  N  N   . ALA A 1 16  ? -8.219  10.507  -2.419  1.00 4.90  ? 16  ALA A N   1 
ATOM   99  C  CA  . ALA A 1 16  ? -8.978  10.435  -3.639  1.00 7.20  ? 16  ALA A CA  1 
ATOM   100 C  C   . ALA A 1 16  ? -9.104  9.033   -4.090  1.00 9.50  ? 16  ALA A C   1 
ATOM   101 O  O   . ALA A 1 16  ? -10.010 8.768   -4.857  1.00 9.80  ? 16  ALA A O   1 
ATOM   102 C  CB  . ALA A 1 16  ? -8.289  11.286  -4.722  1.00 6.80  ? 16  ALA A CB  1 
ATOM   103 N  N   . CYS A 1 17  ? -8.175  8.143   -3.658  1.00 5.80  ? 17  CYS A N   1 
ATOM   104 C  CA  . CYS A 1 17  ? -8.300  6.763   -4.316  1.00 5.00  ? 17  CYS A CA  1 
ATOM   105 C  C   . CYS A 1 17  ? -8.615  5.724   -3.289  1.00 2.00  ? 17  CYS A C   1 
ATOM   106 O  O   . CYS A 1 17  ? -9.032  4.590   -3.549  1.00 8.00  ? 17  CYS A O   1 
ATOM   107 C  CB  . CYS A 1 17  ? -6.904  6.441   -4.950  1.00 3.00  ? 17  CYS A CB  1 
ATOM   108 S  SG  . CYS A 1 17  ? -6.524  7.567   -6.337  1.00 7.20  ? 17  CYS A SG  1 
ATOM   109 N  N   . HIS A 1 18  ? -8.322  6.058   -1.991  1.00 4.30  ? 18  HIS A N   1 
ATOM   110 C  CA  . HIS A 1 18  ? -8.518  4.938   -1.059  1.00 3.90  ? 18  HIS A CA  1 
ATOM   111 C  C   . HIS A 1 18  ? -9.465  5.455   0.126   1.00 8.00  ? 18  HIS A C   1 
ATOM   112 O  O   . HIS A 1 18  ? -9.189  6.540   0.633   1.00 7.50  ? 18  HIS A O   1 
ATOM   113 C  CB  . HIS A 1 18  ? -7.112  4.674   -0.437  1.00 5.30  ? 18  HIS A CB  1 
ATOM   114 C  CG  . HIS A 1 18  ? -6.140  3.827   -1.302  1.00 5.80  ? 18  HIS A CG  1 
ATOM   115 N  ND1 . HIS A 1 18  ? -6.254  2.429   -1.463  1.00 2.90  ? 18  HIS A ND1 1 
ATOM   116 C  CD2 . HIS A 1 18  ? -4.971  4.392   -1.943  1.00 2.00  ? 18  HIS A CD2 1 
ATOM   117 C  CE1 . HIS A 1 18  ? -5.238  2.128   -2.223  1.00 3.20  ? 18  HIS A CE1 1 
ATOM   118 N  NE2 . HIS A 1 18  ? -4.712  3.266   -2.630  1.00 4.40  ? 18  HIS A NE2 1 
ATOM   119 N  N   . THR A 1 19  ? -10.053 4.477   0.806   1.00 4.30  ? 19  THR A N   1 
ATOM   120 C  CA  . THR A 1 19  ? -10.680 4.743   2.078   1.00 6.70  ? 19  THR A CA  1 
ATOM   121 C  C   . THR A 1 19  ? -9.914  4.047   3.182   1.00 5.50  ? 19  THR A C   1 
ATOM   122 O  O   . THR A 1 19  ? -9.334  3.003   2.866   1.00 6.60  ? 19  THR A O   1 
ATOM   123 C  CB  . THR A 1 19  ? -12.285 4.361   2.028   1.00 6.20  ? 19  THR A CB  1 
ATOM   124 O  OG1 . THR A 1 19  ? -12.209 2.831   1.800   1.00 5.40  ? 19  THR A OG1 1 
ATOM   125 C  CG2 . THR A 1 19  ? -12.876 4.989   0.725   1.00 2.00  ? 19  THR A CG2 1 
ATOM   126 N  N   . PHE A 1 20  ? -9.960  4.147   4.444   1.00 2.60  ? 20  PHE A N   1 
ATOM   127 C  CA  . PHE A 1 20  ? -9.343  3.816   5.526   1.00 2.00  ? 20  PHE A CA  1 
ATOM   128 C  C   . PHE A 1 20  ? -10.104 3.088   6.644   1.00 9.40  ? 20  PHE A C   1 
ATOM   129 O  O   . PHE A 1 20  ? -9.613  2.712   7.718   1.00 9.90  ? 20  PHE A O   1 
ATOM   130 C  CB  . PHE A 1 20  ? -8.483  4.969   6.076   1.00 3.70  ? 20  PHE A CB  1 
ATOM   131 C  CG  . PHE A 1 20  ? -7.337  5.350   5.166   1.00 10.20 ? 20  PHE A CG  1 
ATOM   132 C  CD1 . PHE A 1 20  ? -7.382  6.490   4.334   1.00 23.20 ? 20  PHE A CD1 1 
ATOM   133 C  CD2 . PHE A 1 20  ? -6.143  4.549   5.058   1.00 11.20 ? 20  PHE A CD2 1 
ATOM   134 C  CE1 . PHE A 1 20  ? -6.346  6.915   3.605   1.00 17.00 ? 20  PHE A CE1 1 
ATOM   135 C  CE2 . PHE A 1 20  ? -5.118  5.081   4.253   1.00 11.50 ? 20  PHE A CE2 1 
ATOM   136 C  CZ  . PHE A 1 20  ? -5.186  6.148   3.366   1.00 7.90  ? 20  PHE A CZ  1 
ATOM   137 N  N   . ASP A 1 21  ? -11.502 3.236   6.363   1.00 8.50  ? 21  ASP A N   1 
ATOM   138 C  CA  . ASP A 1 21  ? -12.326 2.782   7.498   1.00 5.90  ? 21  ASP A CA  1 
ATOM   139 C  C   . ASP A 1 21  ? -12.614 1.320   7.183   1.00 2.80  ? 21  ASP A C   1 
ATOM   140 O  O   . ASP A 1 21  ? -12.785 0.907   6.091   1.00 3.50  ? 21  ASP A O   1 
ATOM   141 C  CB  . ASP A 1 21  ? -13.749 3.539   7.318   1.00 14.50 ? 21  ASP A CB  1 
ATOM   142 C  CG  . ASP A 1 21  ? -13.559 4.912   7.811   1.00 31.40 ? 21  ASP A CG  1 
ATOM   143 O  OD1 . ASP A 1 21  ? -12.192 5.406   8.287   1.00 44.90 ? 21  ASP A OD1 1 
ATOM   144 O  OD2 . ASP A 1 21  ? -14.496 5.829   7.681   1.00 42.60 ? 21  ASP A OD2 1 
ATOM   145 N  N   . GLN A 1 22  ? -12.889 0.662   8.275   1.00 2.70  ? 22  GLN A N   1 
ATOM   146 C  CA  . GLN A 1 22  ? -13.376 -0.715  8.214   1.00 1.80  ? 22  GLN A CA  1 
ATOM   147 C  C   . GLN A 1 22  ? -14.530 -0.966  7.382   1.00 5.80  ? 22  GLN A C   1 
ATOM   148 O  O   . GLN A 1 22  ? -15.604 -0.240  7.585   1.00 8.90  ? 22  GLN A O   1 
ATOM   149 C  CB  . GLN A 1 22  ? -13.500 -1.251  9.670   1.00 2.00  ? 22  GLN A CB  1 
ATOM   150 C  CG  . GLN A 1 22  ? -13.800 -2.713  9.401   1.00 5.50  ? 22  GLN A CG  1 
ATOM   151 C  CD  . GLN A 1 22  ? -13.538 -3.553  10.599  1.00 7.50  ? 22  GLN A CD  1 
ATOM   152 O  OE1 . GLN A 1 22  ? -12.969 -4.679  10.657  1.00 13.20 ? 22  GLN A OE1 1 
ATOM   153 N  NE2 . GLN A 1 22  ? -13.744 -3.114  11.806  1.00 9.50  ? 22  GLN A NE2 1 
ATOM   154 N  N   . GLY A 1 23  ? -14.633 -1.744  6.283   1.00 4.30  ? 23  GLY A N   1 
ATOM   155 C  CA  . GLY A 1 23  ? -15.878 -2.023  5.499   1.00 2.00  ? 23  GLY A CA  1 
ATOM   156 C  C   . GLY A 1 23  ? -15.950 -1.036  4.455   1.00 4.40  ? 23  GLY A C   1 
ATOM   157 O  O   . GLY A 1 23  ? -16.708 -1.224  3.600   1.00 8.40  ? 23  GLY A O   1 
ATOM   158 N  N   . GLY A 1 24  ? -15.051 -0.037  4.262   1.00 5.60  ? 24  GLY A N   1 
ATOM   159 C  CA  . GLY A 1 24  ? -15.067 1.029   3.396   1.00 2.00  ? 24  GLY A CA  1 
ATOM   160 C  C   . GLY A 1 24  ? -15.124 0.649   1.942   1.00 5.60  ? 24  GLY A C   1 
ATOM   161 O  O   . GLY A 1 24  ? -14.709 -0.486  1.529   1.00 8.60  ? 24  GLY A O   1 
ATOM   162 N  N   . ALA A 1 25  ? -15.293 1.574   1.009   1.00 6.20  ? 25  ALA A N   1 
ATOM   163 C  CA  . ALA A 1 25  ? -15.632 1.251   -0.364  1.00 9.50  ? 25  ALA A CA  1 
ATOM   164 C  C   . ALA A 1 25  ? -14.234 1.188   -1.064  1.00 9.40  ? 25  ALA A C   1 
ATOM   165 O  O   . ALA A 1 25  ? -13.168 1.606   -0.591  1.00 12.80 ? 25  ALA A O   1 
ATOM   166 C  CB  . ALA A 1 25  ? -16.166 2.444   -1.110  1.00 10.60 ? 25  ALA A CB  1 
ATOM   167 N  N   . ASN A 1 26  ? -14.268 0.506   -2.230  1.00 15.00 ? 26  ASN A N   1 
ATOM   168 C  CA  . ASN A 1 26  ? -13.129 0.394   -3.128  1.00 10.40 ? 26  ASN A CA  1 
ATOM   169 C  C   . ASN A 1 26  ? -13.386 1.577   -4.147  1.00 6.70  ? 26  ASN A C   1 
ATOM   170 O  O   . ASN A 1 26  ? -13.838 1.260   -5.203  1.00 17.10 ? 26  ASN A O   1 
ATOM   171 C  CB  . ASN A 1 26  ? -12.867 -0.956  -3.761  1.00 9.50  ? 26  ASN A CB  1 
ATOM   172 C  CG  . ASN A 1 26  ? -12.527 -2.139  -2.948  1.00 7.10  ? 26  ASN A CG  1 
ATOM   173 O  OD1 . ASN A 1 26  ? -11.954 -1.927  -1.816  1.00 5.70  ? 26  ASN A OD1 1 
ATOM   174 N  ND2 . ASN A 1 26  ? -13.085 -3.211  -3.306  1.00 7.90  ? 26  ASN A ND2 1 
ATOM   175 N  N   . LYS A 1 27  ? -12.898 2.734   -3.855  1.00 8.60  ? 27  LYS A N   1 
ATOM   176 C  CA  . LYS A 1 27  ? -13.050 3.852   -4.774  1.00 12.10 ? 27  LYS A CA  1 
ATOM   177 C  C   . LYS A 1 27  ? -12.345 3.810   -6.108  1.00 19.10 ? 27  LYS A C   1 
ATOM   178 O  O   . LYS A 1 27  ? -12.959 4.059   -7.260  1.00 22.80 ? 27  LYS A O   1 
ATOM   179 C  CB  . LYS A 1 27  ? -12.560 5.173   -4.095  1.00 15.20 ? 27  LYS A CB  1 
ATOM   180 C  CG  . LYS A 1 27  ? -13.376 5.316   -2.788  1.00 19.30 ? 27  LYS A CG  1 
ATOM   181 C  CD  . LYS A 1 27  ? -13.368 6.887   -2.923  1.00 17.40 ? 27  LYS A CD  1 
ATOM   182 C  CE  . LYS A 1 27  ? -12.179 7.354   -2.316  1.00 13.90 ? 27  LYS A CE  1 
ATOM   183 N  NZ  . LYS A 1 27  ? -12.613 8.771   -1.919  1.00 15.60 ? 27  LYS A NZ  1 
ATOM   184 N  N   . VAL A 1 28  ? -11.008 3.916   -6.096  1.00 12.70 ? 28  VAL A N   1 
ATOM   185 C  CA  . VAL A 1 28  ? -10.143 3.701   -7.259  1.00 8.30  ? 28  VAL A CA  1 
ATOM   186 C  C   . VAL A 1 28  ? -9.162  2.469   -6.918  1.00 7.40  ? 28  VAL A C   1 
ATOM   187 O  O   . VAL A 1 28  ? -9.178  1.489   -7.671  1.00 9.10  ? 28  VAL A O   1 
ATOM   188 C  CB  . VAL A 1 28  ? -9.357  4.896   -7.585  1.00 14.50 ? 28  VAL A CB  1 
ATOM   189 C  CG1 . VAL A 1 28  ? -8.210  4.823   -8.554  1.00 10.20 ? 28  VAL A CG1 1 
ATOM   190 C  CG2 . VAL A 1 28  ? -10.378 6.170   -7.755  1.00 9.50  ? 28  VAL A CG2 1 
ATOM   191 N  N   . GLY A 1 29  ? -8.459  2.684   -5.807  1.00 4.70  ? 29  GLY A N   1 
ATOM   192 C  CA  . GLY A 1 29  ? -7.707  1.548   -5.212  1.00 4.20  ? 29  GLY A CA  1 
ATOM   193 C  C   . GLY A 1 29  ? -8.505  0.889   -4.029  1.00 5.20  ? 29  GLY A C   1 
ATOM   194 O  O   . GLY A 1 29  ? -9.602  1.183   -3.688  1.00 3.10  ? 29  GLY A O   1 
ATOM   195 N  N   . PRO A 1 30  ? -7.976  -0.320  -3.567  1.00 5.60  ? 30  PRO A N   1 
ATOM   196 C  CA  . PRO A 1 30  ? -8.718  -1.067  -2.571  1.00 5.00  ? 30  PRO A CA  1 
ATOM   197 C  C   . PRO A 1 30  ? -8.738  -0.234  -1.274  1.00 5.30  ? 30  PRO A C   1 
ATOM   198 O  O   . PRO A 1 30  ? -7.869  0.492   -0.873  1.00 6.70  ? 30  PRO A O   1 
ATOM   199 C  CB  . PRO A 1 30  ? -7.853  -2.414  -2.311  1.00 6.10  ? 30  PRO A CB  1 
ATOM   200 C  CG  . PRO A 1 30  ? -6.536  -1.785  -2.555  1.00 7.60  ? 30  PRO A CG  1 
ATOM   201 C  CD  . PRO A 1 30  ? -6.635  -0.971  -3.862  1.00 2.00  ? 30  PRO A CD  1 
ATOM   202 N  N   . ASN A 1 31  ? -9.787  -0.501  -0.461  1.00 4.90  ? 31  ASN A N   1 
ATOM   203 C  CA  . ASN A 1 31  ? -9.747  0.039   0.953   1.00 2.40  ? 31  ASN A CA  1 
ATOM   204 C  C   . ASN A 1 31  ? -8.432  -0.494  1.701   1.00 3.10  ? 31  ASN A C   1 
ATOM   205 O  O   . ASN A 1 31  ? -8.154  -1.751  1.595   1.00 5.80  ? 31  ASN A O   1 
ATOM   206 C  CB  . ASN A 1 31  ? -10.959 -0.579  1.659   1.00 4.30  ? 31  ASN A CB  1 
ATOM   207 C  CG  . ASN A 1 31  ? -11.103 -0.276  3.179   1.00 9.90  ? 31  ASN A CG  1 
ATOM   208 O  OD1 . ASN A 1 31  ? -10.775 -1.243  3.881   1.00 10.20 ? 31  ASN A OD1 1 
ATOM   209 N  ND2 . ASN A 1 31  ? -11.723 0.815   3.607   1.00 7.20  ? 31  ASN A ND2 1 
ATOM   210 N  N   . LEU A 1 32  ? -7.941  0.209   2.654   1.00 2.00  ? 32  LEU A N   1 
ATOM   211 C  CA  . LEU A 1 32  ? -6.607  -0.092  3.173   1.00 2.60  ? 32  LEU A CA  1 
ATOM   212 C  C   . LEU A 1 32  ? -6.825  -0.270  4.650   1.00 3.60  ? 32  LEU A C   1 
ATOM   213 O  O   . LEU A 1 32  ? -5.821  -0.476  5.305   1.00 7.50  ? 32  LEU A O   1 
ATOM   214 C  CB  . LEU A 1 32  ? -5.732  1.191   3.037   1.00 3.50  ? 32  LEU A CB  1 
ATOM   215 C  CG  . LEU A 1 32  ? -5.266  1.347   1.545   1.00 3.80  ? 32  LEU A CG  1 
ATOM   216 C  CD1 . LEU A 1 32  ? -4.445  2.583   1.353   1.00 5.70  ? 32  LEU A CD1 1 
ATOM   217 C  CD2 . LEU A 1 32  ? -4.567  0.104   1.089   1.00 6.70  ? 32  LEU A CD2 1 
ATOM   218 N  N   . PHE A 1 33  ? -8.094  -0.502  5.058   1.00 2.40  ? 33  PHE A N   1 
ATOM   219 C  CA  . PHE A 1 33  ? -8.068  -0.836  6.550   1.00 3.30  ? 33  PHE A CA  1 
ATOM   220 C  C   . PHE A 1 33  ? -7.612  -2.328  6.650   1.00 5.50  ? 33  PHE A C   1 
ATOM   221 O  O   . PHE A 1 33  ? -8.020  -3.187  5.903   1.00 9.60  ? 33  PHE A O   1 
ATOM   222 C  CB  . PHE A 1 33  ? -9.530  -0.822  7.116   1.00 8.10  ? 33  PHE A CB  1 
ATOM   223 C  CG  . PHE A 1 33  ? -9.660  -1.050  8.638   1.00 6.30  ? 33  PHE A CG  1 
ATOM   224 C  CD1 . PHE A 1 33  ? -9.514  0.052   9.465   1.00 5.30  ? 33  PHE A CD1 1 
ATOM   225 C  CD2 . PHE A 1 33  ? -9.788  -2.367  9.063   1.00 7.60  ? 33  PHE A CD2 1 
ATOM   226 C  CE1 . PHE A 1 33  ? -9.422  -0.103  10.762  1.00 8.60  ? 33  PHE A CE1 1 
ATOM   227 C  CE2 . PHE A 1 33  ? -9.836  -2.551  10.509  1.00 6.60  ? 33  PHE A CE2 1 
ATOM   228 C  CZ  . PHE A 1 33  ? -9.781  -1.365  11.240  1.00 9.20  ? 33  PHE A CZ  1 
ATOM   229 N  N   . GLY A 1 34  ? -6.894  -2.517  7.778   1.00 6.90  ? 34  GLY A N   1 
ATOM   230 C  CA  . GLY A 1 34  ? -6.303  -3.852  7.929   1.00 10.30 ? 34  GLY A CA  1 
ATOM   231 C  C   . GLY A 1 34  ? -4.970  -4.193  7.034   1.00 7.20  ? 34  GLY A C   1 
ATOM   232 O  O   . GLY A 1 34  ? -4.809  -5.382  6.964   1.00 8.90  ? 34  GLY A O   1 
ATOM   233 N  N   . VAL A 1 35  ? -4.399  -3.334  6.291   1.00 4.60  ? 35  VAL A N   1 
ATOM   234 C  CA  . VAL A 1 35  ? -3.410  -3.560  5.220   1.00 6.60  ? 35  VAL A CA  1 
ATOM   235 C  C   . VAL A 1 35  ? -2.021  -4.002  5.936   1.00 8.10  ? 35  VAL A C   1 
ATOM   236 O  O   . VAL A 1 35  ? -1.271  -4.692  5.445   1.00 5.20  ? 35  VAL A O   1 
ATOM   237 C  CB  . VAL A 1 35  ? -3.202  -2.531  4.127   1.00 3.30  ? 35  VAL A CB  1 
ATOM   238 C  CG1 . VAL A 1 35  ? -2.673  -1.181  4.537   1.00 6.20  ? 35  VAL A CG1 1 
ATOM   239 C  CG2 . VAL A 1 35  ? -2.566  -3.033  2.865   1.00 4.50  ? 35  VAL A CG2 1 
ATOM   240 N  N   . PHE A 1 36  ? -1.835  -3.407  7.110   1.00 9.40  ? 36  PHE A N   1 
ATOM   241 C  CA  . PHE A 1 36  ? -0.559  -3.569  7.776   1.00 11.30 ? 36  PHE A CA  1 
ATOM   242 C  C   . PHE A 1 36  ? -0.388  -5.093  8.080   1.00 9.50  ? 36  PHE A C   1 
ATOM   243 O  O   . PHE A 1 36  ? -1.233  -5.611  8.894   1.00 12.00 ? 36  PHE A O   1 
ATOM   244 C  CB  . PHE A 1 36  ? -0.196  -2.659  8.958   1.00 15.90 ? 36  PHE A CB  1 
ATOM   245 C  CG  . PHE A 1 36  ? 1.116   -2.730  9.684   1.00 10.80 ? 36  PHE A CG  1 
ATOM   246 C  CD1 . PHE A 1 36  ? 2.166   -2.144  9.045   1.00 11.90 ? 36  PHE A CD1 1 
ATOM   247 C  CD2 . PHE A 1 36  ? 1.217   -3.448  10.897  1.00 13.90 ? 36  PHE A CD2 1 
ATOM   248 C  CE1 . PHE A 1 36  ? 3.515   -2.387  9.572   1.00 8.10  ? 36  PHE A CE1 1 
ATOM   249 C  CE2 . PHE A 1 36  ? 2.486   -3.589  11.528  1.00 18.50 ? 36  PHE A CE2 1 
ATOM   250 C  CZ  . PHE A 1 36  ? 3.563   -3.071  10.724  1.00 13.70 ? 36  PHE A CZ  1 
ATOM   251 N  N   . GLU A 1 37  ? 0.854   -5.549  7.766   1.00 9.80  ? 37  GLU A N   1 
ATOM   252 C  CA  . GLU A 1 37  ? 1.129   -7.023  7.966   1.00 9.30  ? 37  GLU A CA  1 
ATOM   253 C  C   . GLU A 1 37  ? 0.266   -7.942  7.294   1.00 13.60 ? 37  GLU A C   1 
ATOM   254 O  O   . GLU A 1 37  ? 0.237   -9.087  7.625   1.00 16.60 ? 37  GLU A O   1 
ATOM   255 C  CB  . GLU A 1 37  ? 1.374   -7.381  9.436   1.00 11.80 ? 37  GLU A CB  1 
ATOM   256 C  CG  . GLU A 1 37  ? 2.583   -6.561  9.799   1.00 13.60 ? 37  GLU A CG  1 
ATOM   257 C  CD  . GLU A 1 37  ? 3.246   -6.828  11.159  1.00 33.60 ? 37  GLU A CD  1 
ATOM   258 O  OE1 . GLU A 1 37  ? 4.594   -6.534  11.070  1.00 38.30 ? 37  GLU A OE1 1 
ATOM   259 O  OE2 . GLU A 1 37  ? 2.377   -7.307  11.970  1.00 25.80 ? 37  GLU A OE2 1 
ATOM   260 N  N   . ASN A 1 38  ? -0.445  -7.523  6.292   1.00 7.00  ? 38  ASN A N   1 
ATOM   261 C  CA  . ASN A 1 38  ? -1.475  -8.408  5.635   1.00 10.70 ? 38  ASN A CA  1 
ATOM   262 C  C   . ASN A 1 38  ? -0.733  -8.743  4.276   1.00 11.10 ? 38  ASN A C   1 
ATOM   263 O  O   . ASN A 1 38  ? 0.251   -8.122  4.021   1.00 9.40  ? 38  ASN A O   1 
ATOM   264 C  CB  . ASN A 1 38  ? -2.816  -7.579  5.509   1.00 8.80  ? 38  ASN A CB  1 
ATOM   265 C  CG  . ASN A 1 38  ? -3.862  -8.596  5.288   1.00 13.20 ? 38  ASN A CG  1 
ATOM   266 O  OD1 . ASN A 1 38  ? -3.999  -9.711  4.788   1.00 10.60 ? 38  ASN A OD1 1 
ATOM   267 N  ND2 . ASN A 1 38  ? -5.088  -8.155  5.657   1.00 13.40 ? 38  ASN A ND2 1 
ATOM   268 N  N   . THR A 1 39  ? -1.113  -9.719  3.601   1.00 12.40 ? 39  THR A N   1 
ATOM   269 C  CA  . THR A 1 39  ? -0.750  -10.053 2.265   1.00 9.50  ? 39  THR A CA  1 
ATOM   270 C  C   . THR A 1 39  ? -0.855  -8.999  1.212   1.00 8.60  ? 39  THR A C   1 
ATOM   271 O  O   . THR A 1 39  ? -1.594  -8.044  1.297   1.00 12.10 ? 39  THR A O   1 
ATOM   272 C  CB  . THR A 1 39  ? -1.634  -11.263 1.819   1.00 7.80  ? 39  THR A CB  1 
ATOM   273 O  OG1 . THR A 1 39  ? -1.754  -12.342 2.759   1.00 25.70 ? 39  THR A OG1 1 
ATOM   274 C  CG2 . THR A 1 39  ? -2.778  -11.039 0.938   1.00 3.10  ? 39  THR A CG2 1 
ATOM   275 N  N   . ALA A 1 40  ? -0.094  -9.094  0.100   1.00 8.00  ? 40  ALA A N   1 
ATOM   276 C  CA  . ALA A 1 40  ? -0.251  -8.234  -1.112  1.00 3.80  ? 40  ALA A CA  1 
ATOM   277 C  C   . ALA A 1 40  ? -1.634  -8.705  -1.563  1.00 6.90  ? 40  ALA A C   1 
ATOM   278 O  O   . ALA A 1 40  ? -2.000  -9.891  -1.219  1.00 10.80 ? 40  ALA A O   1 
ATOM   279 C  CB  . ALA A 1 40  ? 0.672   -8.772  -2.142  1.00 8.70  ? 40  ALA A CB  1 
ATOM   280 N  N   . ALA A 1 41  ? -2.255  -7.942  -2.344  1.00 5.20  ? 41  ALA A N   1 
ATOM   281 C  CA  . ALA A 1 41  ? -3.596  -8.325  -2.898  1.00 4.30  ? 41  ALA A CA  1 
ATOM   282 C  C   . ALA A 1 41  ? -4.610  -8.718  -1.759  1.00 9.30  ? 41  ALA A C   1 
ATOM   283 O  O   . ALA A 1 41  ? -5.218  -9.813  -1.808  1.00 8.70  ? 41  ALA A O   1 
ATOM   284 C  CB  . ALA A 1 41  ? -3.383  -9.334  -3.983  1.00 8.30  ? 41  ALA A CB  1 
ATOM   285 N  N   . HIS A 1 42  ? -4.633  -7.909  -0.664  1.00 5.80  ? 42  HIS A N   1 
ATOM   286 C  CA  . HIS A 1 42  ? -5.283  -8.400  0.543   1.00 7.10  ? 42  HIS A CA  1 
ATOM   287 C  C   . HIS A 1 42  ? -6.815  -8.279  0.476   1.00 11.90 ? 42  HIS A C   1 
ATOM   288 O  O   . HIS A 1 42  ? -7.441  -8.976  1.321   1.00 10.20 ? 42  HIS A O   1 
ATOM   289 C  CB  . HIS A 1 42  ? -4.704  -7.693  1.750   1.00 5.30  ? 42  HIS A CB  1 
ATOM   290 C  CG  . HIS A 1 42  ? -5.238  -6.277  1.829   1.00 9.30  ? 42  HIS A CG  1 
ATOM   291 N  ND1 . HIS A 1 42  ? -4.891  -5.316  0.790   1.00 15.00 ? 42  HIS A ND1 1 
ATOM   292 C  CD2 . HIS A 1 42  ? -6.071  -5.589  2.637   1.00 2.00  ? 42  HIS A CD2 1 
ATOM   293 C  CE1 . HIS A 1 42  ? -5.515  -4.128  1.199   1.00 6.80  ? 42  HIS A CE1 1 
ATOM   294 N  NE2 . HIS A 1 42  ? -6.225  -4.319  2.319   1.00 10.50 ? 42  HIS A NE2 1 
ATOM   295 N  N   . LYS A 1 43  ? -7.380  -7.497  -0.416  1.00 6.50  ? 43  LYS A N   1 
ATOM   296 C  CA  . LYS A 1 43  ? -8.881  -7.342  -0.390  1.00 6.10  ? 43  LYS A CA  1 
ATOM   297 C  C   . LYS A 1 43  ? -9.429  -8.290  -1.439  1.00 12.10 ? 43  LYS A C   1 
ATOM   298 O  O   . LYS A 1 43  ? -9.379  -8.076  -2.653  1.00 11.50 ? 43  LYS A O   1 
ATOM   299 C  CB  . LYS A 1 43  ? -9.327  -5.843  -0.669  1.00 7.90  ? 43  LYS A CB  1 
ATOM   300 C  CG  . LYS A 1 43  ? -9.303  -4.872  0.499   1.00 8.00  ? 43  LYS A CG  1 
ATOM   301 C  CD  . LYS A 1 43  ? -9.735  -5.510  1.845   1.00 10.20 ? 43  LYS A CD  1 
ATOM   302 C  CE  . LYS A 1 43  ? -10.096 -4.496  2.904   1.00 8.30  ? 43  LYS A CE  1 
ATOM   303 N  NZ  . LYS A 1 43  ? -9.020  -3.674  3.464   1.00 6.40  ? 43  LYS A NZ  1 
ATOM   304 N  N   . ASP A 1 44  ? -10.298 -9.259  -1.094  1.00 8.70  ? 44  ASP A N   1 
ATOM   305 C  CA  . ASP A 1 44  ? -10.896 -10.311 -1.978  1.00 11.10 ? 44  ASP A CA  1 
ATOM   306 C  C   . ASP A 1 44  ? -11.901 -9.706  -3.034  1.00 12.20 ? 44  ASP A C   1 
ATOM   307 O  O   . ASP A 1 44  ? -12.304 -10.504 -3.874  1.00 13.40 ? 44  ASP A O   1 
ATOM   308 C  CB  . ASP A 1 44  ? -11.544 -11.472 -1.265  1.00 9.10  ? 44  ASP A CB  1 
ATOM   309 C  CG  . ASP A 1 44  ? -10.690 -12.289 -0.376  1.00 13.60 ? 44  ASP A CG  1 
ATOM   310 O  OD1 . ASP A 1 44  ? -10.715 -13.103 0.509   1.00 19.30 ? 44  ASP A OD1 1 
ATOM   311 O  OD2 . ASP A 1 44  ? -9.584  -12.254 -0.943  1.00 16.50 ? 44  ASP A OD2 1 
ATOM   312 N  N   . ASN A 1 45  ? -12.476 -8.479  -2.626  1.00 10.80 ? 45  ASN A N   1 
ATOM   313 C  CA  . ASN A 1 45  ? -13.434 -7.943  -3.560  1.00 9.60  ? 45  ASN A CA  1 
ATOM   314 C  C   . ASN A 1 45  ? -12.784 -6.934  -4.516  1.00 15.10 ? 45  ASN A C   1 
ATOM   315 O  O   . ASN A 1 45  ? -13.531 -6.259  -5.235  1.00 12.30 ? 45  ASN A O   1 
ATOM   316 C  CB  . ASN A 1 45  ? -14.600 -7.389  -2.729  1.00 7.10  ? 45  ASN A CB  1 
ATOM   317 C  CG  . ASN A 1 45  ? -14.342 -6.207  -1.848  1.00 7.80  ? 45  ASN A CG  1 
ATOM   318 O  OD1 . ASN A 1 45  ? -15.299 -5.370  -1.704  1.00 13.10 ? 45  ASN A OD1 1 
ATOM   319 N  ND2 . ASN A 1 45  ? -13.111 -5.857  -1.562  1.00 8.50  ? 45  ASN A ND2 1 
ATOM   320 N  N   . TYR A 1 46  ? -11.464 -6.849  -4.571  1.00 9.30  ? 46  TYR A N   1 
ATOM   321 C  CA  . TYR A 1 46  ? -10.919 -5.808  -5.550  1.00 4.20  ? 46  TYR A CA  1 
ATOM   322 C  C   . TYR A 1 46  ? -10.257 -6.501  -6.655  1.00 8.60  ? 46  TYR A C   1 
ATOM   323 O  O   . TYR A 1 46  ? -9.710  -7.610  -6.380  1.00 10.90 ? 46  TYR A O   1 
ATOM   324 C  CB  . TYR A 1 46  ? -9.941  -5.029  -4.631  1.00 6.50  ? 46  TYR A CB  1 
ATOM   325 C  CG  . TYR A 1 46  ? -9.328  -3.945  -5.492  1.00 2.70  ? 46  TYR A CG  1 
ATOM   326 C  CD1 . TYR A 1 46  ? -10.021 -2.691  -5.596  1.00 3.80  ? 46  TYR A CD1 1 
ATOM   327 C  CD2 . TYR A 1 46  ? -8.163  -4.066  -6.206  1.00 2.70  ? 46  TYR A CD2 1 
ATOM   328 C  CE1 . TYR A 1 46  ? -9.567  -1.693  -6.439  1.00 5.30  ? 46  TYR A CE1 1 
ATOM   329 C  CE2 . TYR A 1 46  ? -7.695  -3.024  -6.952  1.00 2.00  ? 46  TYR A CE2 1 
ATOM   330 C  CZ  . TYR A 1 46  ? -8.289  -1.823  -7.161  1.00 7.90  ? 46  TYR A CZ  1 
ATOM   331 O  OH  . TYR A 1 46  ? -7.886  -0.788  -7.962  1.00 7.70  ? 46  TYR A OH  1 
ATOM   332 N  N   . ALA A 1 47  ? -10.350 -6.118  -7.904  1.00 8.90  ? 47  ALA A N   1 
ATOM   333 C  CA  . ALA A 1 47  ? -9.582  -6.767  -8.982  1.00 7.20  ? 47  ALA A CA  1 
ATOM   334 C  C   . ALA A 1 47  ? -8.211  -6.217  -9.097  1.00 7.10  ? 47  ALA A C   1 
ATOM   335 O  O   . ALA A 1 47  ? -8.046  -5.098  -9.802  1.00 9.40  ? 47  ALA A O   1 
ATOM   336 C  CB  . ALA A 1 47  ? -10.257 -6.368  -10.338 1.00 6.50  ? 47  ALA A CB  1 
ATOM   337 N  N   . TYR A 1 48  ? -7.225  -6.768  -8.515  1.00 6.60  ? 48  TYR A N   1 
ATOM   338 C  CA  . TYR A 1 48  ? -5.814  -6.225  -8.589  1.00 3.70  ? 48  TYR A CA  1 
ATOM   339 C  C   . TYR A 1 48  ? -5.075  -6.536  -9.882  1.00 4.20  ? 48  TYR A C   1 
ATOM   340 O  O   . TYR A 1 48  ? -5.459  -7.586  -10.523 1.00 8.50  ? 48  TYR A O   1 
ATOM   341 C  CB  . TYR A 1 48  ? -5.037  -6.928  -7.524  1.00 3.30  ? 48  TYR A CB  1 
ATOM   342 C  CG  . TYR A 1 48  ? -5.258  -6.459  -6.102  1.00 3.50  ? 48  TYR A CG  1 
ATOM   343 C  CD1 . TYR A 1 48  ? -4.622  -5.290  -5.623  1.00 3.30  ? 48  TYR A CD1 1 
ATOM   344 C  CD2 . TYR A 1 48  ? -6.190  -7.189  -5.392  1.00 6.40  ? 48  TYR A CD2 1 
ATOM   345 C  CE1 . TYR A 1 48  ? -5.002  -4.935  -4.313  1.00 6.80  ? 48  TYR A CE1 1 
ATOM   346 C  CE2 . TYR A 1 48  ? -6.523  -6.812  -4.045  1.00 5.70  ? 48  TYR A CE2 1 
ATOM   347 C  CZ  . TYR A 1 48  ? -5.870  -5.688  -3.532  1.00 4.30  ? 48  TYR A CZ  1 
ATOM   348 O  OH  . TYR A 1 48  ? -6.038  -5.409  -2.195  1.00 5.50  ? 48  TYR A OH  1 
ATOM   349 N  N   . SER A 1 49  ? -4.149  -5.731  -10.256 1.00 9.20  ? 49  SER A N   1 
ATOM   350 C  CA  . SER A 1 49  ? -3.187  -6.072  -11.387 1.00 9.30  ? 49  SER A CA  1 
ATOM   351 C  C   . SER A 1 49  ? -2.544  -7.519  -11.032 1.00 13.50 ? 49  SER A C   1 
ATOM   352 O  O   . SER A 1 49  ? -2.440  -7.885  -9.831  1.00 10.80 ? 49  SER A O   1 
ATOM   353 C  CB  . SER A 1 49  ? -2.007  -5.112  -11.464 1.00 8.80  ? 49  SER A CB  1 
ATOM   354 O  OG  . SER A 1 49  ? -2.608  -3.891  -11.907 1.00 7.70  ? 49  SER A OG  1 
ATOM   355 N  N   . GLU A 1 50  ? -2.250  -8.334  -12.038 1.00 10.80 ? 50  GLU A N   1 
ATOM   356 C  CA  . GLU A 1 50  ? -1.759  -9.698  -11.830 1.00 8.20  ? 50  GLU A CA  1 
ATOM   357 C  C   . GLU A 1 50  ? -0.539  -9.674  -10.982 1.00 5.80  ? 50  GLU A C   1 
ATOM   358 O  O   . GLU A 1 50  ? -0.416  -10.541 -10.141 1.00 8.50  ? 50  GLU A O   1 
ATOM   359 C  CB  . GLU A 1 50  ? -1.380  -10.246 -13.188 1.00 11.30 ? 50  GLU A CB  1 
ATOM   360 C  CG  . GLU A 1 50  ? -1.364  -11.743 -12.947 1.00 28.90 ? 50  GLU A CG  1 
ATOM   361 C  CD  . GLU A 1 50  ? -0.957  -12.846 -13.983 1.00 32.30 ? 50  GLU A CD  1 
ATOM   362 O  OE1 . GLU A 1 50  ? -1.271  -14.052 -13.469 1.00 33.80 ? 50  GLU A OE1 1 
ATOM   363 O  OE2 . GLU A 1 50  ? -0.659  -12.308 -15.068 1.00 28.70 ? 50  GLU A OE2 1 
ATOM   364 N  N   . SER A 1 51  ? 0.247   -8.627  -11.066 1.00 6.80  ? 51  SER A N   1 
ATOM   365 C  CA  . SER A 1 51  ? 1.473   -8.472  -10.336 1.00 7.40  ? 51  SER A CA  1 
ATOM   366 C  C   . SER A 1 51  ? 1.324   -8.557  -8.816  1.00 14.50 ? 51  SER A C   1 
ATOM   367 O  O   . SER A 1 51  ? 2.198   -9.083  -8.066  1.00 13.00 ? 51  SER A O   1 
ATOM   368 C  CB  . SER A 1 51  ? 2.248   -7.156  -10.629 1.00 14.10 ? 51  SER A CB  1 
ATOM   369 O  OG  . SER A 1 51  ? 1.552   -6.075  -10.188 1.00 13.40 ? 51  SER A OG  1 
ATOM   370 N  N   . TYR A 1 52  ? 0.213   -8.205  -8.239  1.00 11.50 ? 52  TYR A N   1 
ATOM   371 C  CA  . TYR A 1 52  ? -0.087  -8.239  -6.777  1.00 8.60  ? 52  TYR A CA  1 
ATOM   372 C  C   . TYR A 1 52  ? -0.507  -9.631  -6.414  1.00 7.50  ? 52  TYR A C   1 
ATOM   373 O  O   . TYR A 1 52  ? 0.000   -9.988  -5.323  1.00 9.80  ? 52  TYR A O   1 
ATOM   374 C  CB  . TYR A 1 52  ? -1.286  -7.234  -6.268  1.00 6.60  ? 52  TYR A CB  1 
ATOM   375 C  CG  . TYR A 1 52  ? -0.744  -5.735  -6.456  1.00 5.90  ? 52  TYR A CG  1 
ATOM   376 C  CD1 . TYR A 1 52  ? -0.414  -4.980  -5.352  1.00 3.70  ? 52  TYR A CD1 1 
ATOM   377 C  CD2 . TYR A 1 52  ? -0.724  -5.131  -7.762  1.00 10.30 ? 52  TYR A CD2 1 
ATOM   378 C  CE1 . TYR A 1 52  ? 0.073   -3.699  -5.544  1.00 6.90  ? 52  TYR A CE1 1 
ATOM   379 C  CE2 . TYR A 1 52  ? -0.119  -3.846  -7.927  1.00 6.90  ? 52  TYR A CE2 1 
ATOM   380 C  CZ  . TYR A 1 52  ? 0.198   -3.104  -6.797  1.00 6.90  ? 52  TYR A CZ  1 
ATOM   381 O  OH  . TYR A 1 52  ? 0.559   -1.779  -6.971  1.00 6.70  ? 52  TYR A OH  1 
ATOM   382 N  N   . THR A 1 53  ? -1.157  -10.285 -7.253  1.00 8.00  ? 53  THR A N   1 
ATOM   383 C  CA  . THR A 1 53  ? -1.479  -11.698 -7.034  1.00 6.30  ? 53  THR A CA  1 
ATOM   384 C  C   . THR A 1 53  ? -0.240  -12.629 -6.963  1.00 16.50 ? 53  THR A C   1 
ATOM   385 O  O   . THR A 1 53  ? -0.107  -13.621 -6.206  1.00 16.80 ? 53  THR A O   1 
ATOM   386 C  CB  . THR A 1 53  ? -2.347  -11.933 -8.378  1.00 17.40 ? 53  THR A CB  1 
ATOM   387 O  OG1 . THR A 1 53  ? -3.666  -11.477 -7.881  1.00 22.40 ? 53  THR A OG1 1 
ATOM   388 C  CG2 . THR A 1 53  ? -2.261  -13.256 -9.015  1.00 29.20 ? 53  THR A CG2 1 
ATOM   389 N  N   . GLU A 1 54  ? 0.790   -12.320 -7.662  1.00 18.90 ? 54  GLU A N   1 
ATOM   390 C  CA  . GLU A 1 54  ? 2.125   -12.932 -7.832  1.00 9.20  ? 54  GLU A CA  1 
ATOM   391 C  C   . GLU A 1 54  ? 2.918   -12.385 -6.667  1.00 15.60 ? 54  GLU A C   1 
ATOM   392 O  O   . GLU A 1 54  ? 3.282   -13.405 -6.082  1.00 13.20 ? 54  GLU A O   1 
ATOM   393 C  CB  . GLU A 1 54  ? 2.818   -12.255 -9.097  1.00 5.00  ? 54  GLU A CB  1 
ATOM   394 C  CG  . GLU A 1 54  ? 2.252   -12.864 -10.357 1.00 13.30 ? 54  GLU A CG  1 
ATOM   395 C  CD  . GLU A 1 54  ? 2.805   -12.349 -11.679 1.00 16.90 ? 54  GLU A CD  1 
ATOM   396 O  OE1 . GLU A 1 54  ? 3.029   -11.165 -11.955 1.00 21.20 ? 54  GLU A OE1 1 
ATOM   397 O  OE2 . GLU A 1 54  ? 3.131   -13.182 -12.605 1.00 21.90 ? 54  GLU A OE2 1 
ATOM   398 N  N   . MET A 1 55  ? 2.957   -11.197 -6.013  1.00 8.70  ? 55  MET A N   1 
ATOM   399 C  CA  . MET A 1 55  ? 3.634   -10.941 -4.816  1.00 6.70  ? 55  MET A CA  1 
ATOM   400 C  C   . MET A 1 55  ? 2.957   -11.868 -3.784  1.00 10.30 ? 55  MET A C   1 
ATOM   401 O  O   . MET A 1 55  ? 3.637   -12.354 -2.785  1.00 13.20 ? 55  MET A O   1 
ATOM   402 C  CB  . MET A 1 55  ? 3.612   -9.428  -4.367  1.00 9.00  ? 55  MET A CB  1 
ATOM   403 C  CG  . MET A 1 55  ? 4.250   -8.755  -5.647  1.00 7.80  ? 55  MET A CG  1 
ATOM   404 S  SD  . MET A 1 55  ? 4.567   -7.050  -5.044  1.00 14.70 ? 55  MET A SD  1 
ATOM   405 C  CE  . MET A 1 55  ? 2.975   -6.591  -4.539  1.00 18.00 ? 55  MET A CE  1 
ATOM   406 N  N   . LYS A 1 56  ? 1.668   -12.003 -3.919  1.00 9.20  ? 56  LYS A N   1 
ATOM   407 C  CA  . LYS A 1 56  ? 0.870   -12.641 -2.795  1.00 11.70 ? 56  LYS A CA  1 
ATOM   408 C  C   . LYS A 1 56  ? 1.265   -14.188 -2.808  1.00 12.40 ? 56  LYS A C   1 
ATOM   409 O  O   . LYS A 1 56  ? 1.551   -14.748 -1.793  1.00 13.10 ? 56  LYS A O   1 
ATOM   410 C  CB  . LYS A 1 56  ? -0.598  -12.469 -2.875  1.00 8.30  ? 56  LYS A CB  1 
ATOM   411 C  CG  . LYS A 1 56  ? -1.307  -13.453 -1.927  1.00 10.10 ? 56  LYS A CG  1 
ATOM   412 C  CD  . LYS A 1 56  ? -2.775  -12.920 -1.754  1.00 12.10 ? 56  LYS A CD  1 
ATOM   413 C  CE  . LYS A 1 56  ? -3.702  -13.851 -2.459  1.00 23.50 ? 56  LYS A CE  1 
ATOM   414 N  NZ  . LYS A 1 56  ? -5.129  -13.578 -1.828  1.00 33.30 ? 56  LYS A NZ  1 
ATOM   415 N  N   . ALA A 1 57  ? 1.274   -14.750 -3.955  1.00 9.20  ? 57  ALA A N   1 
ATOM   416 C  CA  . ALA A 1 57  ? 1.869   -16.152 -4.074  1.00 16.80 ? 57  ALA A CA  1 
ATOM   417 C  C   . ALA A 1 57  ? 3.223   -16.421 -3.503  1.00 10.00 ? 57  ALA A C   1 
ATOM   418 O  O   . ALA A 1 57  ? 3.621   -17.476 -2.985  1.00 17.00 ? 57  ALA A O   1 
ATOM   419 C  CB  . ALA A 1 57  ? 1.939   -16.438 -5.597  1.00 13.60 ? 57  ALA A CB  1 
ATOM   420 N  N   . LYS A 1 58  ? 4.230   -15.486 -3.583  1.00 14.60 ? 58  LYS A N   1 
ATOM   421 C  CA  . LYS A 1 58  ? 5.507   -15.433 -3.075  1.00 15.50 ? 58  LYS A CA  1 
ATOM   422 C  C   . LYS A 1 58  ? 5.489   -15.374 -1.540  1.00 18.10 ? 58  LYS A C   1 
ATOM   423 O  O   . LYS A 1 58  ? 6.589   -15.524 -0.987  1.00 21.90 ? 58  LYS A O   1 
ATOM   424 C  CB  . LYS A 1 58  ? 6.484   -14.465 -3.721  1.00 10.80 ? 58  LYS A CB  1 
ATOM   425 C  CG  . LYS A 1 58  ? 7.323   -14.906 -4.799  1.00 20.00 ? 58  LYS A CG  1 
ATOM   426 C  CD  . LYS A 1 58  ? 7.785   -13.658 -5.613  1.00 19.80 ? 58  LYS A CD  1 
ATOM   427 C  CE  . LYS A 1 58  ? 9.231   -13.894 -6.214  1.00 27.10 ? 58  LYS A CE  1 
ATOM   428 N  NZ  . LYS A 1 58  ? 10.006  -12.541 -6.296  1.00 34.30 ? 58  LYS A NZ  1 
ATOM   429 N  N   . GLY A 1 59  ? 4.398   -14.933 -0.958  1.00 16.00 ? 59  GLY A N   1 
ATOM   430 C  CA  . GLY A 1 59  ? 4.166   -14.741 0.541   1.00 11.50 ? 59  GLY A CA  1 
ATOM   431 C  C   . GLY A 1 59  ? 4.598   -13.285 0.869   1.00 15.10 ? 59  GLY A C   1 
ATOM   432 O  O   . GLY A 1 59  ? 4.808   -13.171 2.155   1.00 20.70 ? 59  GLY A O   1 
ATOM   433 N  N   . LEU A 1 60  ? 4.517   -12.318 -0.055  1.00 7.10  ? 60  LEU A N   1 
ATOM   434 C  CA  . LEU A 1 60  ? 4.881   -10.949 0.421   1.00 6.20  ? 60  LEU A CA  1 
ATOM   435 C  C   . LEU A 1 60  ? 3.686   -10.473 1.279   1.00 9.10  ? 60  LEU A C   1 
ATOM   436 O  O   . LEU A 1 60  ? 2.517   -10.565 0.927   1.00 14.90 ? 60  LEU A O   1 
ATOM   437 C  CB  . LEU A 1 60  ? 4.989   -9.995  -0.795  1.00 7.70  ? 60  LEU A CB  1 
ATOM   438 C  CG  . LEU A 1 60  ? 5.579   -8.652  -0.364  1.00 12.50 ? 60  LEU A CG  1 
ATOM   439 C  CD1 . LEU A 1 60  ? 6.357   -8.090  -1.471  1.00 12.10 ? 60  LEU A CD1 1 
ATOM   440 C  CD2 . LEU A 1 60  ? 4.273   -7.731  -0.233  1.00 17.50 ? 60  LEU A CD2 1 
ATOM   441 N  N   . THR A 1 61  ? 4.085   -9.956  2.391   1.00 12.70 ? 61  THR A N   1 
ATOM   442 C  CA  . THR A 1 61  ? 3.245   -9.354  3.447   1.00 9.20  ? 61  THR A CA  1 
ATOM   443 C  C   . THR A 1 61  ? 3.720   -7.845  3.511   1.00 11.60 ? 61  THR A C   1 
ATOM   444 O  O   . THR A 1 61  ? 4.837   -7.367  3.183   1.00 12.90 ? 61  THR A O   1 
ATOM   445 C  CB  . THR A 1 61  ? 3.139   -10.115 4.711   1.00 4.50  ? 61  THR A CB  1 
ATOM   446 O  OG1 . THR A 1 61  ? 4.363   -9.834  5.405   1.00 10.40 ? 61  THR A OG1 1 
ATOM   447 C  CG2 . THR A 1 61  ? 2.691   -11.498 4.728   1.00 13.40 ? 61  THR A CG2 1 
ATOM   448 N  N   . TRP A 1 62  ? 2.698   -6.940  3.962   1.00 7.90  ? 62  TRP A N   1 
ATOM   449 C  CA  . TRP A 1 62  ? 2.928   -5.483  4.051   1.00 10.20 ? 62  TRP A CA  1 
ATOM   450 C  C   . TRP A 1 62  ? 3.499   -5.119  5.425   1.00 14.50 ? 62  TRP A C   1 
ATOM   451 O  O   . TRP A 1 62  ? 2.988   -4.367  6.244   1.00 12.80 ? 62  TRP A O   1 
ATOM   452 C  CB  . TRP A 1 62  ? 1.618   -4.744  3.782   1.00 7.40  ? 62  TRP A CB  1 
ATOM   453 C  CG  . TRP A 1 62  ? 1.204   -4.682  2.292   1.00 9.70  ? 62  TRP A CG  1 
ATOM   454 C  CD1 . TRP A 1 62  ? -0.041  -5.274  1.884   1.00 4.10  ? 62  TRP A CD1 1 
ATOM   455 C  CD2 . TRP A 1 62  ? 1.999   -4.420  1.190   1.00 7.40  ? 62  TRP A CD2 1 
ATOM   456 N  NE1 . TRP A 1 62  ? 0.010   -5.264  0.453   1.00 4.00  ? 62  TRP A NE1 1 
ATOM   457 C  CE2 . TRP A 1 62  ? 1.155   -4.641  0.058   1.00 4.40  ? 62  TRP A CE2 1 
ATOM   458 C  CE3 . TRP A 1 62  ? 3.250   -3.794  1.030   1.00 4.40  ? 62  TRP A CE3 1 
ATOM   459 C  CZ2 . TRP A 1 62  ? 1.458   -4.297  -1.348  1.00 7.30  ? 62  TRP A CZ2 1 
ATOM   460 C  CZ3 . TRP A 1 62  ? 3.518   -3.481  -0.343  1.00 4.50  ? 62  TRP A CZ3 1 
ATOM   461 C  CH2 . TRP A 1 62  ? 2.698   -3.786  -1.454  1.00 5.00  ? 62  TRP A CH2 1 
ATOM   462 N  N   . THR A 1 63  ? 4.755   -5.402  5.620   1.00 9.90  ? 63  THR A N   1 
ATOM   463 C  CA  . THR A 1 63  ? 5.716   -5.078  6.662   1.00 9.30  ? 63  THR A CA  1 
ATOM   464 C  C   . THR A 1 63  ? 5.953   -3.536  6.503   1.00 7.60  ? 63  THR A C   1 
ATOM   465 O  O   . THR A 1 63  ? 5.830   -2.903  5.374   1.00 9.80  ? 63  THR A O   1 
ATOM   466 C  CB  . THR A 1 63  ? 7.199   -5.825  6.107   1.00 9.10  ? 63  THR A CB  1 
ATOM   467 O  OG1 . THR A 1 63  ? 6.770   -7.318  6.594   1.00 25.30 ? 63  THR A OG1 1 
ATOM   468 C  CG2 . THR A 1 63  ? 8.035   -5.714  7.444   1.00 31.50 ? 63  THR A CG2 1 
ATOM   469 N  N   . GLU A 1 64  ? 6.538   -2.981  7.482   1.00 5.70  ? 64  GLU A N   1 
ATOM   470 C  CA  . GLU A 1 64  ? 7.060   -1.616  7.468   1.00 6.30  ? 64  GLU A CA  1 
ATOM   471 C  C   . GLU A 1 64  ? 8.020   -1.410  6.396   1.00 12.20 ? 64  GLU A C   1 
ATOM   472 O  O   . GLU A 1 64  ? 7.906   -0.350  5.741   1.00 10.80 ? 64  GLU A O   1 
ATOM   473 C  CB  . GLU A 1 64  ? 7.680   -1.013  8.772   1.00 9.80  ? 64  GLU A CB  1 
ATOM   474 C  CG  . GLU A 1 64  ? 8.116   0.364   8.971   1.00 15.30 ? 64  GLU A CG  1 
ATOM   475 C  CD  . GLU A 1 64  ? 8.805   0.698   10.262  1.00 13.40 ? 64  GLU A CD  1 
ATOM   476 O  OE1 . GLU A 1 64  ? 10.017  1.160   10.474  1.00 24.30 ? 64  GLU A OE1 1 
ATOM   477 O  OE2 . GLU A 1 64  ? 8.184   0.172   11.178  1.00 21.20 ? 64  GLU A OE2 1 
ATOM   478 N  N   . ALA A 1 65  ? 8.974   -2.416  6.233   1.00 13.40 ? 65  ALA A N   1 
ATOM   479 C  CA  . ALA A 1 65  ? 9.883   -2.140  5.113   1.00 5.80  ? 65  ALA A CA  1 
ATOM   480 C  C   . ALA A 1 65  ? 9.343   -2.306  3.699   1.00 6.10  ? 65  ALA A C   1 
ATOM   481 O  O   . ALA A 1 65  ? 9.693   -1.586  2.752   1.00 10.90 ? 65  ALA A O   1 
ATOM   482 C  CB  . ALA A 1 65  ? 11.037  -3.154  5.505   1.00 13.00 ? 65  ALA A CB  1 
ATOM   483 N  N   . ASN A 1 66  ? 8.454   -3.280  3.565   1.00 3.90  ? 66  ASN A N   1 
ATOM   484 C  CA  . ASN A 1 66  ? 7.872   -3.380  2.151   1.00 7.10  ? 66  ASN A CA  1 
ATOM   485 C  C   . ASN A 1 66  ? 6.900   -2.179  1.928   1.00 7.80  ? 66  ASN A C   1 
ATOM   486 O  O   . ASN A 1 66  ? 6.880   -1.650  0.747   1.00 13.30 ? 66  ASN A O   1 
ATOM   487 C  CB  . ASN A 1 66  ? 7.006   -4.679  2.116   1.00 8.30  ? 66  ASN A CB  1 
ATOM   488 C  CG  . ASN A 1 66  ? 7.772   -5.872  1.610   1.00 15.80 ? 66  ASN A CG  1 
ATOM   489 O  OD1 . ASN A 1 66  ? 8.937   -5.604  1.280   1.00 16.10 ? 66  ASN A OD1 1 
ATOM   490 N  ND2 . ASN A 1 66  ? 7.534   -7.094  2.179   1.00 14.60 ? 66  ASN A ND2 1 
ATOM   491 N  N   . LEU A 1 67  ? 6.154   -1.811  3.036   1.00 4.90  ? 67  LEU A N   1 
ATOM   492 C  CA  . LEU A 1 67  ? 5.356   -0.482  2.641   1.00 6.80  ? 67  LEU A CA  1 
ATOM   493 C  C   . LEU A 1 67  ? 6.176   0.675   2.307   1.00 7.70  ? 67  LEU A C   1 
ATOM   494 O  O   . LEU A 1 67  ? 6.031   1.359   1.357   1.00 7.70  ? 67  LEU A O   1 
ATOM   495 C  CB  . LEU A 1 67  ? 4.602   -0.373  3.999   1.00 10.60 ? 67  LEU A CB  1 
ATOM   496 C  CG  . LEU A 1 67  ? 3.357   -1.245  4.075   1.00 6.30  ? 67  LEU A CG  1 
ATOM   497 C  CD1 . LEU A 1 67  ? 2.819   -1.170  5.516   1.00 12.10 ? 67  LEU A CD1 1 
ATOM   498 C  CD2 . LEU A 1 67  ? 2.241   -0.884  3.098   1.00 11.50 ? 67  LEU A CD2 1 
ATOM   499 N  N   . ALA A 1 68  ? 7.317   0.751   2.939   1.00 5.30  ? 68  ALA A N   1 
ATOM   500 C  CA  . ALA A 1 68  ? 8.282   1.889   2.757   1.00 3.30  ? 68  ALA A CA  1 
ATOM   501 C  C   . ALA A 1 68  ? 8.673   1.821   1.341   1.00 9.90  ? 68  ALA A C   1 
ATOM   502 O  O   . ALA A 1 68  ? 8.904   2.910   0.789   1.00 13.50 ? 68  ALA A O   1 
ATOM   503 C  CB  . ALA A 1 68  ? 9.291   2.107   3.822   1.00 5.70  ? 68  ALA A CB  1 
ATOM   504 N  N   . ALA A 1 69  ? 9.329   0.742   0.830   1.00 9.60  ? 69  ALA A N   1 
ATOM   505 C  CA  . ALA A 1 69  ? 9.836   0.672   -0.551  1.00 10.90 ? 69  ALA A CA  1 
ATOM   506 C  C   . ALA A 1 69  ? 8.695   0.856   -1.571  1.00 11.50 ? 69  ALA A C   1 
ATOM   507 O  O   . ALA A 1 69  ? 8.839   1.482   -2.626  1.00 12.10 ? 69  ALA A O   1 
ATOM   508 C  CB  . ALA A 1 69  ? 10.365  -0.720  -0.565  1.00 10.10 ? 69  ALA A CB  1 
ATOM   509 N  N   . TYR A 1 70  ? 7.549   0.190   -1.269  1.00 9.70  ? 70  TYR A N   1 
ATOM   510 C  CA  . TYR A 1 70  ? 6.394   0.358   -2.204  1.00 5.10  ? 70  TYR A CA  1 
ATOM   511 C  C   . TYR A 1 70  ? 5.981   1.785   -2.452  1.00 6.90  ? 70  TYR A C   1 
ATOM   512 O  O   . TYR A 1 70  ? 5.782   2.181   -3.577  1.00 8.70  ? 70  TYR A O   1 
ATOM   513 C  CB  . TYR A 1 70  ? 5.207   -0.433  -1.540  1.00 3.60  ? 70  TYR A CB  1 
ATOM   514 C  CG  . TYR A 1 70  ? 4.089   -0.390  -2.493  1.00 8.70  ? 70  TYR A CG  1 
ATOM   515 C  CD1 . TYR A 1 70  ? 3.906   -1.016  -3.724  1.00 7.40  ? 70  TYR A CD1 1 
ATOM   516 C  CD2 . TYR A 1 70  ? 2.885   0.247   -2.044  1.00 9.70  ? 70  TYR A CD2 1 
ATOM   517 C  CE1 . TYR A 1 70  ? 2.824   -0.991  -4.583  1.00 5.60  ? 70  TYR A CE1 1 
ATOM   518 C  CE2 . TYR A 1 70  ? 1.740   0.322   -2.845  1.00 11.30 ? 70  TYR A CE2 1 
ATOM   519 C  CZ  . TYR A 1 70  ? 1.637   -0.452  -4.002  1.00 11.10 ? 70  TYR A CZ  1 
ATOM   520 O  OH  . TYR A 1 70  ? 0.471   -0.330  -4.711  1.00 12.50 ? 70  TYR A OH  1 
ATOM   521 N  N   . VAL A 1 71  ? 5.776   2.432   -1.285  1.00 8.60  ? 71  VAL A N   1 
ATOM   522 C  CA  . VAL A 1 71  ? 5.014   3.776   -1.514  1.00 7.50  ? 71  VAL A CA  1 
ATOM   523 C  C   . VAL A 1 71  ? 6.031   4.829   -2.117  1.00 18.50 ? 71  VAL A C   1 
ATOM   524 O  O   . VAL A 1 71  ? 5.573   5.843   -2.676  1.00 14.80 ? 71  VAL A O   1 
ATOM   525 C  CB  . VAL A 1 71  ? 4.464   4.436   -0.211  1.00 10.50 ? 71  VAL A CB  1 
ATOM   526 C  CG1 . VAL A 1 71  ? 3.412   3.506   0.322   1.00 15.40 ? 71  VAL A CG1 1 
ATOM   527 C  CG2 . VAL A 1 71  ? 5.548   4.880   0.829   1.00 11.80 ? 71  VAL A CG2 1 
ATOM   528 N  N   . LYS A 1 72  ? 7.300   4.387   -2.204  1.00 13.10 ? 72  LYS A N   1 
ATOM   529 C  CA  . LYS A 1 72  ? 8.271   5.273   -2.859  1.00 17.80 ? 72  LYS A CA  1 
ATOM   530 C  C   . LYS A 1 72  ? 8.184   5.259   -4.397  1.00 11.40 ? 72  LYS A C   1 
ATOM   531 O  O   . LYS A 1 72  ? 8.515   6.252   -5.082  1.00 10.50 ? 72  LYS A O   1 
ATOM   532 C  CB  . LYS A 1 72  ? 9.838   5.103   -2.571  1.00 26.60 ? 72  LYS A CB  1 
ATOM   533 C  CG  . LYS A 1 72  ? 10.157  4.709   -1.149  1.00 32.30 ? 72  LYS A CG  1 
ATOM   534 C  CD  . LYS A 1 72  ? 11.522  5.095   -0.352  1.00 30.10 ? 72  LYS A CD  1 
ATOM   535 C  CE  . LYS A 1 72  ? 11.531  4.026   0.795   1.00 17.40 ? 72  LYS A CE  1 
ATOM   536 N  NZ  . LYS A 1 72  ? 12.308  4.119   2.083   1.00 37.90 ? 72  LYS A NZ  1 
ATOM   537 N  N   . ASN A 1 73  ? 7.664   4.111   -4.849  1.00 9.80  ? 73  ASN A N   1 
ATOM   538 C  CA  . ASN A 1 73  ? 7.707   3.898   -6.376  1.00 5.70  ? 73  ASN A CA  1 
ATOM   539 C  C   . ASN A 1 73  ? 6.986   2.623   -6.525  1.00 5.80  ? 73  ASN A C   1 
ATOM   540 O  O   . ASN A 1 73  ? 7.590   1.451   -6.555  1.00 12.90 ? 73  ASN A O   1 
ATOM   541 C  CB  . ASN A 1 73  ? 9.150   3.885   -6.870  1.00 10.30 ? 73  ASN A CB  1 
ATOM   542 C  CG  . ASN A 1 73  ? 9.193   3.841   -8.391  1.00 14.90 ? 73  ASN A CG  1 
ATOM   543 O  OD1 . ASN A 1 73  ? 8.198   3.508   -9.050  1.00 15.00 ? 73  ASN A OD1 1 
ATOM   544 N  ND2 . ASN A 1 73  ? 10.418  3.965   -8.797  1.00 18.30 ? 73  ASN A ND2 1 
ATOM   545 N  N   . PRO A 1 74  ? 5.673   2.561   -6.502  1.00 7.60  ? 74  PRO A N   1 
ATOM   546 C  CA  . PRO A 1 74  ? 5.003   1.238   -6.662  1.00 7.90  ? 74  PRO A CA  1 
ATOM   547 C  C   . PRO A 1 74  ? 5.432   0.419   -7.903  1.00 9.20  ? 74  PRO A C   1 
ATOM   548 O  O   . PRO A 1 74  ? 5.442   -0.847  -7.848  1.00 9.90  ? 74  PRO A O   1 
ATOM   549 C  CB  . PRO A 1 74  ? 3.484   1.633   -6.894  1.00 11.60 ? 74  PRO A CB  1 
ATOM   550 C  CG  . PRO A 1 74  ? 3.446   2.893   -6.142  1.00 8.20  ? 74  PRO A CG  1 
ATOM   551 C  CD  . PRO A 1 74  ? 4.695   3.617   -6.519  1.00 11.10 ? 74  PRO A CD  1 
ATOM   552 N  N   . LYS A 1 75  ? 5.581   1.035   -9.113  1.00 12.50 ? 75  LYS A N   1 
ATOM   553 C  CA  . LYS A 1 75  ? 5.864   0.352   -10.314 1.00 9.40  ? 75  LYS A CA  1 
ATOM   554 C  C   . LYS A 1 75  ? 7.251   -0.377  -10.257 1.00 15.00 ? 75  LYS A C   1 
ATOM   555 O  O   . LYS A 1 75  ? 7.257   -1.604  -10.620 1.00 17.60 ? 75  LYS A O   1 
ATOM   556 C  CB  . LYS A 1 75  ? 5.752   0.993   -11.769 1.00 18.10 ? 75  LYS A CB  1 
ATOM   557 N  N   . ALA A 1 76  ? 8.281   0.278   -9.749  1.00 14.90 ? 76  ALA A N   1 
ATOM   558 C  CA  . ALA A 1 76  ? 9.535   -0.420  -9.474  1.00 13.40 ? 76  ALA A CA  1 
ATOM   559 C  C   . ALA A 1 76  ? 9.365   -1.506  -8.425  1.00 11.50 ? 76  ALA A C   1 
ATOM   560 O  O   . ALA A 1 76  ? 9.742   -2.676  -8.599  1.00 14.90 ? 76  ALA A O   1 
ATOM   561 C  CB  . ALA A 1 76  ? 10.641  0.657   -9.361  1.00 9.10  ? 76  ALA A CB  1 
ATOM   562 N  N   . PHE A 1 77  ? 8.575   -1.182  -7.332  1.00 15.20 ? 77  PHE A N   1 
ATOM   563 C  CA  . PHE A 1 77  ? 8.289   -2.189  -6.425  1.00 11.00 ? 77  PHE A CA  1 
ATOM   564 C  C   . PHE A 1 77  ? 7.755   -3.411  -7.192  1.00 11.70 ? 77  PHE A C   1 
ATOM   565 O  O   . PHE A 1 77  ? 8.215   -4.514  -6.695  1.00 12.40 ? 77  PHE A O   1 
ATOM   566 C  CB  . PHE A 1 77  ? 7.545   -1.897  -5.159  1.00 9.30  ? 77  PHE A CB  1 
ATOM   567 C  CG  . PHE A 1 77  ? 7.439   -2.779  -4.028  1.00 8.60  ? 77  PHE A CG  1 
ATOM   568 C  CD1 . PHE A 1 77  ? 6.511   -3.805  -3.884  1.00 10.60 ? 77  PHE A CD1 1 
ATOM   569 C  CD2 . PHE A 1 77  ? 8.400   -2.687  -3.025  1.00 9.80  ? 77  PHE A CD2 1 
ATOM   570 C  CE1 . PHE A 1 77  ? 6.329   -4.565  -2.783  1.00 7.50  ? 77  PHE A CE1 1 
ATOM   571 C  CE2 . PHE A 1 77  ? 8.226   -3.480  -1.858  1.00 11.50 ? 77  PHE A CE2 1 
ATOM   572 C  CZ  . PHE A 1 77  ? 7.150   -4.418  -1.707  1.00 6.80  ? 77  PHE A CZ  1 
ATOM   573 N  N   . VAL A 1 78  ? 6.515   -3.472  -7.673  1.00 12.10 ? 78  VAL A N   1 
ATOM   574 C  CA  . VAL A 1 78  ? 5.888   -4.642  -8.213  1.00 5.90  ? 78  VAL A CA  1 
ATOM   575 C  C   . VAL A 1 78  ? 6.891   -5.325  -9.279  1.00 11.30 ? 78  VAL A C   1 
ATOM   576 O  O   . VAL A 1 78  ? 6.697   -6.580  -9.294  1.00 12.00 ? 78  VAL A O   1 
ATOM   577 C  CB  . VAL A 1 78  ? 4.467   -4.559  -8.667  1.00 9.30  ? 78  VAL A CB  1 
ATOM   578 C  CG1 . VAL A 1 78  ? 3.819   -3.828  -7.458  1.00 10.90 ? 78  VAL A CG1 1 
ATOM   579 C  CG2 . VAL A 1 78  ? 4.147   -3.999  -9.974  1.00 20.40 ? 78  VAL A CG2 1 
ATOM   580 N  N   . LEU A 1 79  ? 7.552   -4.746  -10.112 1.00 10.80 ? 79  LEU A N   1 
ATOM   581 C  CA  . LEU A 1 79  ? 8.574   -5.507  -10.945 1.00 13.90 ? 79  LEU A CA  1 
ATOM   582 C  C   . LEU A 1 79  ? 9.508   -6.404  -10.169 1.00 14.80 ? 79  LEU A C   1 
ATOM   583 O  O   . LEU A 1 79  ? 9.753   -7.544  -10.522 1.00 15.40 ? 79  LEU A O   1 
ATOM   584 C  CB  . LEU A 1 79  ? 9.428   -4.468  -11.788 1.00 17.40 ? 79  LEU A CB  1 
ATOM   585 C  CG  . LEU A 1 79  ? 9.178   -3.975  -13.177 1.00 26.30 ? 79  LEU A CG  1 
ATOM   586 C  CD1 . LEU A 1 79  ? 8.673   -4.969  -14.125 1.00 25.50 ? 79  LEU A CD1 1 
ATOM   587 C  CD2 . LEU A 1 79  ? 9.302   -2.596  -13.832 1.00 20.00 ? 79  LEU A CD2 1 
ATOM   588 N  N   . GLU A 1 80  ? 10.140  -5.703  -9.277  1.00 16.70 ? 80  GLU A N   1 
ATOM   589 C  CA  . GLU A 1 80  ? 11.180  -6.147  -8.348  1.00 13.10 ? 80  GLU A CA  1 
ATOM   590 C  C   . GLU A 1 80  ? 10.711  -7.329  -7.638  1.00 19.40 ? 80  GLU A C   1 
ATOM   591 O  O   . GLU A 1 80  ? 11.230  -8.527  -7.703  1.00 17.20 ? 80  GLU A O   1 
ATOM   592 C  CB  . GLU A 1 80  ? 11.973  -5.129  -7.523  1.00 16.90 ? 80  GLU A CB  1 
ATOM   593 C  CG  . GLU A 1 80  ? 12.841  -5.455  -6.312  1.00 17.40 ? 80  GLU A CG  1 
ATOM   594 C  CD  . GLU A 1 80  ? 13.796  -4.516  -5.607  1.00 19.30 ? 80  GLU A CD  1 
ATOM   595 N  N   . LYS A 1 81  ? 9.645   -7.392  -6.934  1.00 9.60  ? 81  LYS A N   1 
ATOM   596 C  CA  . LYS A 1 81  ? 9.196   -8.350  -5.926  1.00 10.30 ? 81  LYS A CA  1 
ATOM   597 C  C   . LYS A 1 81  ? 8.311   -9.452  -6.458  1.00 15.90 ? 81  LYS A C   1 
ATOM   598 O  O   . LYS A 1 81  ? 8.211   -10.575 -6.028  1.00 17.10 ? 81  LYS A O   1 
ATOM   599 C  CB  . LYS A 1 81  ? 8.487   -7.520  -4.772  1.00 8.90  ? 81  LYS A CB  1 
ATOM   600 C  CG  . LYS A 1 81  ? 9.654   -6.779  -4.027  1.00 13.40 ? 81  LYS A CG  1 
ATOM   601 C  CD  . LYS A 1 81  ? 10.490  -7.585  -2.936  1.00 19.60 ? 81  LYS A CD  1 
ATOM   602 C  CE  . LYS A 1 81  ? 11.615  -6.661  -2.343  1.00 23.10 ? 81  LYS A CE  1 
ATOM   603 N  NZ  . LYS A 1 81  ? 11.451  -7.203  -0.788  1.00 35.10 ? 81  LYS A NZ  1 
ATOM   604 N  N   . SER A 1 82  ? 7.751   -9.179  -7.706  1.00 11.90 ? 82  SER A N   1 
ATOM   605 C  CA  . SER A 1 82  ? 6.986   -10.153 -8.483  1.00 14.50 ? 82  SER A CA  1 
ATOM   606 C  C   . SER A 1 82  ? 8.102   -11.046 -9.327  1.00 18.10 ? 82  SER A C   1 
ATOM   607 O  O   . SER A 1 82  ? 7.678   -12.188 -9.446  1.00 23.30 ? 82  SER A O   1 
ATOM   608 C  CB  . SER A 1 82  ? 5.964   -9.519  -9.485  1.00 12.70 ? 82  SER A CB  1 
ATOM   609 O  OG  . SER A 1 82  ? 6.361   -8.966  -10.700 1.00 12.50 ? 82  SER A OG  1 
ATOM   610 N  N   . GLY A 1 83  ? 8.970   -10.440 -9.975  1.00 17.90 ? 83  GLY A N   1 
ATOM   611 C  CA  . GLY A 1 83  ? 9.920   -11.260 -10.851 1.00 19.70 ? 83  GLY A CA  1 
ATOM   612 C  C   . GLY A 1 83  ? 9.313   -11.392 -12.132 1.00 24.10 ? 83  GLY A C   1 
ATOM   613 O  O   . GLY A 1 83  ? 9.654   -12.244 -12.944 1.00 20.10 ? 83  GLY A O   1 
ATOM   614 N  N   . ASP A 1 84  ? 8.241   -10.523 -12.348 1.00 19.80 ? 84  ASP A N   1 
ATOM   615 C  CA  . ASP A 1 84  ? 7.522   -10.665 -13.671 1.00 20.20 ? 84  ASP A CA  1 
ATOM   616 C  C   . ASP A 1 84  ? 7.866   -9.424  -14.453 1.00 22.60 ? 84  ASP A C   1 
ATOM   617 O  O   . ASP A 1 84  ? 7.799   -8.369  -13.888 1.00 19.20 ? 84  ASP A O   1 
ATOM   618 C  CB  . ASP A 1 84  ? 6.055   -10.922 -13.421 1.00 17.40 ? 84  ASP A CB  1 
ATOM   619 C  CG  . ASP A 1 84  ? 5.190   -10.946 -14.703 1.00 25.60 ? 84  ASP A CG  1 
ATOM   620 O  OD1 . ASP A 1 84  ? 5.740   -10.474 -15.721 1.00 24.00 ? 84  ASP A OD1 1 
ATOM   621 O  OD2 . ASP A 1 84  ? 4.031   -11.495 -14.668 1.00 32.80 ? 84  ASP A OD2 1 
ATOM   622 N  N   . PRO A 1 85  ? 8.636   -9.606  -15.599 1.00 26.40 ? 85  PRO A N   1 
ATOM   623 C  CA  . PRO A 1 85  ? 9.108   -8.258  -16.230 1.00 28.10 ? 85  PRO A CA  1 
ATOM   624 C  C   . PRO A 1 85  ? 7.812   -7.481  -16.791 1.00 16.50 ? 85  PRO A C   1 
ATOM   625 O  O   . PRO A 1 85  ? 8.110   -6.451  -17.358 1.00 26.30 ? 85  PRO A O   1 
ATOM   626 C  CB  . PRO A 1 85  ? 10.213  -8.674  -17.323 1.00 20.70 ? 85  PRO A CB  1 
ATOM   627 C  CG  . PRO A 1 85  ? 9.557   -10.043 -17.859 1.00 17.90 ? 85  PRO A CG  1 
ATOM   628 C  CD  . PRO A 1 85  ? 9.326   -10.699 -16.435 1.00 17.70 ? 85  PRO A CD  1 
ATOM   629 N  N   . LYS A 1 86  ? 6.763   -8.298  -16.897 1.00 16.80 ? 86  LYS A N   1 
ATOM   630 C  CA  . LYS A 1 86  ? 5.719   -7.561  -17.708 1.00 19.30 ? 86  LYS A CA  1 
ATOM   631 C  C   . LYS A 1 86  ? 4.708   -6.925  -16.651 1.00 22.40 ? 86  LYS A C   1 
ATOM   632 O  O   . LYS A 1 86  ? 3.686   -6.343  -16.910 1.00 23.00 ? 86  LYS A O   1 
ATOM   633 C  CB  . LYS A 1 86  ? 5.295   -8.475  -18.880 1.00 20.10 ? 86  LYS A CB  1 
ATOM   634 C  CG  . LYS A 1 86  ? 5.589   -8.921  -20.309 1.00 29.60 ? 86  LYS A CG  1 
ATOM   635 N  N   . ALA A 1 87  ? 5.136   -6.910  -15.353 1.00 13.60 ? 87  ALA A N   1 
ATOM   636 C  CA  . ALA A 1 87  ? 4.433   -6.357  -14.155 1.00 18.20 ? 87  ALA A CA  1 
ATOM   637 C  C   . ALA A 1 87  ? 3.892   -4.886  -14.349 1.00 12.50 ? 87  ALA A C   1 
ATOM   638 O  O   . ALA A 1 87  ? 4.567   -3.913  -14.656 1.00 14.40 ? 87  ALA A O   1 
ATOM   639 C  CB  . ALA A 1 87  ? 4.970   -6.656  -12.782 1.00 15.00 ? 87  ALA A CB  1 
ATOM   640 N  N   . LYS A 1 88  ? 2.533   -4.813  -13.968 1.00 12.20 ? 88  LYS A N   1 
ATOM   641 C  CA  . LYS A 1 88  ? 1.854   -3.547  -14.099 1.00 14.40 ? 88  LYS A CA  1 
ATOM   642 C  C   . LYS A 1 88  ? 1.396   -3.171  -12.666 1.00 13.40 ? 88  LYS A C   1 
ATOM   643 O  O   . LYS A 1 88  ? 1.118   -3.926  -11.729 1.00 12.00 ? 88  LYS A O   1 
ATOM   644 C  CB  . LYS A 1 88  ? 0.769   -3.596  -15.122 1.00 27.00 ? 88  LYS A CB  1 
ATOM   645 N  N   . SER A 1 89  ? 1.291   -1.885  -12.418 1.00 13.40 ? 89  SER A N   1 
ATOM   646 C  CA  . SER A 1 89  ? 0.655   -1.303  -11.211 1.00 9.90  ? 89  SER A CA  1 
ATOM   647 C  C   . SER A 1 89  ? -0.310  -0.193  -11.769 1.00 8.50  ? 89  SER A C   1 
ATOM   648 O  O   . SER A 1 89  ? 0.193   0.819   -12.245 1.00 13.10 ? 89  SER A O   1 
ATOM   649 C  CB  . SER A 1 89  ? 1.587   -0.615  -10.143 1.00 10.10 ? 89  SER A CB  1 
ATOM   650 O  OG  . SER A 1 89  ? 1.010   -0.351  -8.862  1.00 11.80 ? 89  SER A OG  1 
ATOM   651 N  N   . LYS A 1 90  ? -1.525  -0.219  -11.181 1.00 10.90 ? 90  LYS A N   1 
ATOM   652 C  CA  . LYS A 1 90  ? -2.547  0.892   -11.379 1.00 10.00 ? 90  LYS A CA  1 
ATOM   653 C  C   . LYS A 1 90  ? -2.322  2.028   -10.413 1.00 12.40 ? 90  LYS A C   1 
ATOM   654 O  O   . LYS A 1 90  ? -2.859  3.116   -10.639 1.00 9.60  ? 90  LYS A O   1 
ATOM   655 C  CB  . LYS A 1 90  ? -3.973  0.247   -11.193 1.00 6.90  ? 90  LYS A CB  1 
ATOM   656 C  CG  . LYS A 1 90  ? -4.370  -0.272  -12.591 1.00 14.10 ? 90  LYS A CG  1 
ATOM   657 C  CD  . LYS A 1 90  ? -5.404  -1.248  -12.619 1.00 10.60 ? 90  LYS A CD  1 
ATOM   658 C  CE  . LYS A 1 90  ? -5.678  -2.341  -11.732 1.00 20.90 ? 90  LYS A CE  1 
ATOM   659 N  NZ  . LYS A 1 90  ? -6.844  -3.211  -12.493 1.00 24.00 ? 90  LYS A NZ  1 
ATOM   660 N  N   . MET A 1 91  ? -1.459  1.918   -9.336  1.00 4.90  ? 91  MET A N   1 
ATOM   661 C  CA  . MET A 1 91  ? -1.247  3.000   -8.386  1.00 8.10  ? 91  MET A CA  1 
ATOM   662 C  C   . MET A 1 91  ? -0.626  4.272   -9.002  1.00 19.90 ? 91  MET A C   1 
ATOM   663 O  O   . MET A 1 91  ? -1.059  5.332   -9.475  1.00 21.20 ? 91  MET A O   1 
ATOM   664 C  CB  . MET A 1 91  ? -0.933  2.662   -6.986  1.00 6.80  ? 91  MET A CB  1 
ATOM   665 C  CG  . MET A 1 91  ? -0.453  3.773   -6.147  1.00 2.00  ? 91  MET A CG  1 
ATOM   666 S  SD  . MET A 1 91  ? -0.488  2.989   -4.476  1.00 6.80  ? 91  MET A SD  1 
ATOM   667 C  CE  . MET A 1 91  ? 0.438   4.279   -3.606  1.00 3.70  ? 91  MET A CE  1 
ATOM   668 N  N   . THR A 1 92  ? 0.780   4.069   -9.043  1.00 13.40 ? 92  THR A N   1 
ATOM   669 C  CA  . THR A 1 92  ? 1.304   5.304   -9.866  1.00 24.00 ? 92  THR A CA  1 
ATOM   670 C  C   . THR A 1 92  ? 1.679   6.530   -8.968  1.00 25.90 ? 92  THR A C   1 
ATOM   671 O  O   . THR A 1 92  ? 3.125   6.393   -9.016  1.00 26.50 ? 92  THR A O   1 
ATOM   672 C  CB  . THR A 1 92  ? 0.073   5.965   -10.806 1.00 21.80 ? 92  THR A CB  1 
ATOM   673 N  N   . PHE A 1 93  ? 0.846   7.262   -8.427  1.00 17.50 ? 93  PHE A N   1 
ATOM   674 C  CA  . PHE A 1 93  ? 1.204   8.083   -7.283  1.00 14.20 ? 93  PHE A CA  1 
ATOM   675 C  C   . PHE A 1 93  ? 2.329   7.536   -6.335  1.00 11.40 ? 93  PHE A C   1 
ATOM   676 O  O   . PHE A 1 93  ? 2.163   6.385   -5.900  1.00 17.90 ? 93  PHE A O   1 
ATOM   677 C  CB  . PHE A 1 93  ? -0.039  8.184   -6.290  1.00 11.40 ? 93  PHE A CB  1 
ATOM   678 C  CG  . PHE A 1 93  ? 0.190   9.034   -5.054  1.00 5.30  ? 93  PHE A CG  1 
ATOM   679 C  CD1 . PHE A 1 93  ? 0.506   8.645   -3.813  1.00 5.60  ? 93  PHE A CD1 1 
ATOM   680 C  CD2 . PHE A 1 93  ? 0.064   10.405  -5.369  1.00 12.90 ? 93  PHE A CD2 1 
ATOM   681 C  CE1 . PHE A 1 93  ? 0.830   9.575   -2.798  1.00 14.00 ? 93  PHE A CE1 1 
ATOM   682 C  CE2 . PHE A 1 93  ? 0.222   11.398  -4.356  1.00 18.80 ? 93  PHE A CE2 1 
ATOM   683 C  CZ  . PHE A 1 93  ? 0.696   10.914  -3.014  1.00 11.90 ? 93  PHE A CZ  1 
ATOM   684 N  N   . LYS A 1 94  ? 3.333   8.305   -5.987  1.00 10.10 ? 94  LYS A N   1 
ATOM   685 C  CA  . LYS A 1 94  ? 4.422   7.992   -5.094  1.00 11.70 ? 94  LYS A CA  1 
ATOM   686 C  C   . LYS A 1 94  ? 4.560   9.082   -3.918  1.00 15.70 ? 94  LYS A C   1 
ATOM   687 O  O   . LYS A 1 94  ? 4.438   10.338  -4.214  1.00 12.40 ? 94  LYS A O   1 
ATOM   688 C  CB  . LYS A 1 94  ? 5.793   8.338   -5.983  1.00 11.40 ? 94  LYS A CB  1 
ATOM   689 C  CG  . LYS A 1 94  ? 5.859   7.957   -7.375  1.00 17.00 ? 94  LYS A CG  1 
ATOM   690 C  CD  . LYS A 1 94  ? 7.133   8.413   -8.046  1.00 16.70 ? 94  LYS A CD  1 
ATOM   691 C  CE  . LYS A 1 94  ? 6.751   8.414   -9.497  1.00 28.50 ? 94  LYS A CE  1 
ATOM   692 N  NZ  . LYS A 1 94  ? 6.837   7.028   -10.117 1.00 29.20 ? 94  LYS A NZ  1 
ATOM   693 N  N   . LEU A 1 95  ? 4.941   8.702   -2.733  1.00 11.20 ? 95  LEU A N   1 
ATOM   694 C  CA  . LEU A 1 95  ? 5.486   9.630   -1.748  1.00 12.50 ? 95  LEU A CA  1 
ATOM   695 C  C   . LEU A 1 95  ? 7.052   9.810   -1.934  1.00 15.90 ? 95  LEU A C   1 
ATOM   696 O  O   . LEU A 1 95  ? 7.675   8.784   -2.167  1.00 19.80 ? 95  LEU A O   1 
ATOM   697 C  CB  . LEU A 1 95  ? 5.166   9.212   -0.311  1.00 16.80 ? 95  LEU A CB  1 
ATOM   698 C  CG  . LEU A 1 95  ? 3.816   9.369   0.341   1.00 11.30 ? 95  LEU A CG  1 
ATOM   699 C  CD1 . LEU A 1 95  ? 3.757   8.758   1.658   1.00 7.90  ? 95  LEU A CD1 1 
ATOM   700 C  CD2 . LEU A 1 95  ? 3.505   10.846  0.334   1.00 9.90  ? 95  LEU A CD2 1 
ATOM   701 N  N   . THR A 1 96  ? 7.673   11.012  -1.856  1.00 18.10 ? 96  THR A N   1 
ATOM   702 C  CA  . THR A 1 96  ? 9.127   11.123  -2.126  1.00 19.10 ? 96  THR A CA  1 
ATOM   703 C  C   . THR A 1 96  ? 9.702   11.532  -0.806  1.00 20.40 ? 96  THR A C   1 
ATOM   704 O  O   . THR A 1 96  ? 10.937  11.206  -0.634  1.00 33.80 ? 96  THR A O   1 
ATOM   705 C  CB  . THR A 1 96  ? 9.463   12.092  -3.235  1.00 16.80 ? 96  THR A CB  1 
ATOM   706 O  OG1 . THR A 1 96  ? 9.395   13.338  -2.673  1.00 25.90 ? 96  THR A OG1 1 
ATOM   707 C  CG2 . THR A 1 96  ? 8.886   11.883  -4.638  1.00 20.80 ? 96  THR A CG2 1 
ATOM   708 N  N   . LYS A 1 97  ? 9.172   11.926  0.279   1.00 13.00 ? 97  LYS A N   1 
ATOM   709 C  CA  . LYS A 1 97  ? 9.788   12.519  1.438   1.00 11.60 ? 97  LYS A CA  1 
ATOM   710 C  C   . LYS A 1 97  ? 9.810   11.498  2.461   1.00 21.80 ? 97  LYS A C   1 
ATOM   711 O  O   . LYS A 1 97  ? 8.863   10.774  2.689   1.00 15.40 ? 97  LYS A O   1 
ATOM   712 C  CB  . LYS A 1 97  ? 9.289   13.889  1.987   1.00 15.30 ? 97  LYS A CB  1 
ATOM   713 C  CG  . LYS A 1 97  ? 9.057   14.845  0.914   1.00 21.50 ? 97  LYS A CG  1 
ATOM   714 C  CD  . LYS A 1 97  ? 9.176   16.309  0.924   1.00 32.40 ? 97  LYS A CD  1 
ATOM   715 C  CE  . LYS A 1 97  ? 9.028   16.887  -0.571  1.00 32.40 ? 97  LYS A CE  1 
ATOM   716 N  NZ  . LYS A 1 97  ? 7.409   17.204  -0.506  1.00 38.70 ? 97  LYS A NZ  1 
ATOM   717 N  N   . ASP A 1 98  ? 10.952  11.294  3.033   1.00 22.40 ? 98  ASP A N   1 
ATOM   718 C  CA  . ASP A 1 98  ? 11.151  10.156  3.948   1.00 20.40 ? 98  ASP A CA  1 
ATOM   719 C  C   . ASP A 1 98  ? 10.387  10.221  5.224   1.00 11.70 ? 98  ASP A C   1 
ATOM   720 O  O   . ASP A 1 98  ? 9.904   9.247   5.780   1.00 15.30 ? 98  ASP A O   1 
ATOM   721 C  CB  . ASP A 1 98  ? 12.766  9.912   4.131   1.00 26.40 ? 98  ASP A CB  1 
ATOM   722 C  CG  . ASP A 1 98  ? 13.277  8.796   3.008   1.00 34.00 ? 98  ASP A CG  1 
ATOM   723 O  OD1 . ASP A 1 98  ? 12.711  7.972   2.266   1.00 32.60 ? 98  ASP A OD1 1 
ATOM   724 O  OD2 . ASP A 1 98  ? 14.420  9.181   2.780   1.00 43.20 ? 98  ASP A OD2 1 
ATOM   725 N  N   . ASP A 1 99  ? 10.323  11.474  5.631   1.00 15.80 ? 99  ASP A N   1 
ATOM   726 C  CA  . ASP A 1 99  ? 9.557   11.684  6.922   1.00 14.00 ? 99  ASP A CA  1 
ATOM   727 C  C   . ASP A 1 99  ? 8.112   11.220  6.649   1.00 16.50 ? 99  ASP A C   1 
ATOM   728 O  O   . ASP A 1 99  ? 7.512   10.733  7.498   1.00 13.50 ? 99  ASP A O   1 
ATOM   729 C  CB  . ASP A 1 99  ? 9.788   13.084  7.418   1.00 19.00 ? 99  ASP A CB  1 
ATOM   730 C  CG  . ASP A 1 99  ? 9.265   14.267  6.493   1.00 31.10 ? 99  ASP A CG  1 
ATOM   731 O  OD1 . ASP A 1 99  ? 8.233   14.797  7.187   1.00 37.20 ? 99  ASP A OD1 1 
ATOM   732 O  OD2 . ASP A 1 99  ? 9.347   15.037  5.403   1.00 37.90 ? 99  ASP A OD2 1 
ATOM   733 N  N   . GLU A 1 100 ? 7.520   11.730  5.499   1.00 12.40 ? 100 GLU A N   1 
ATOM   734 C  CA  . GLU A 1 100 ? 6.179   11.374  5.075   1.00 12.20 ? 100 GLU A CA  1 
ATOM   735 C  C   . GLU A 1 100 ? 5.946   9.891   5.090   1.00 8.20  ? 100 GLU A C   1 
ATOM   736 O  O   . GLU A 1 100 ? 4.908   9.460   5.579   1.00 12.10 ? 100 GLU A O   1 
ATOM   737 C  CB  . GLU A 1 100 ? 5.710   12.069  3.795   1.00 5.10  ? 100 GLU A CB  1 
ATOM   738 C  CG  . GLU A 1 100 ? 5.670   13.616  3.880   1.00 10.20 ? 100 GLU A CG  1 
ATOM   739 C  CD  . GLU A 1 100 ? 5.075   14.371  2.777   1.00 14.10 ? 100 GLU A CD  1 
ATOM   740 O  OE1 . GLU A 1 100 ? 4.736   15.600  2.703   1.00 19.70 ? 100 GLU A OE1 1 
ATOM   741 O  OE2 . GLU A 1 100 ? 4.718   13.601  1.806   1.00 14.10 ? 100 GLU A OE2 1 
ATOM   742 N  N   . ILE A 1 101 ? 6.972   9.092   4.479   1.00 8.80  ? 101 ILE A N   1 
ATOM   743 C  CA  . ILE A 1 101 ? 6.640   7.707   4.332   1.00 8.10  ? 101 ILE A CA  1 
ATOM   744 C  C   . ILE A 1 101 ? 6.531   7.123   5.721   1.00 7.50  ? 101 ILE A C   1 
ATOM   745 O  O   . ILE A 1 101 ? 5.772   6.201   5.997   1.00 10.50 ? 101 ILE A O   1 
ATOM   746 C  CB  . ILE A 1 101 ? 7.950   7.252   3.538   1.00 10.30 ? 101 ILE A CB  1 
ATOM   747 C  CG1 . ILE A 1 101 ? 7.773   7.568   2.015   1.00 9.90  ? 101 ILE A CG1 1 
ATOM   748 C  CG2 . ILE A 1 101 ? 8.073   5.693   3.585   1.00 10.90 ? 101 ILE A CG2 1 
ATOM   749 C  CD1 . ILE A 1 101 ? 8.932   7.544   1.121   1.00 16.00 ? 101 ILE A CD1 1 
ATOM   750 N  N   . GLU A 1 102 ? 7.660   7.487   6.503   1.00 10.70 ? 102 GLU A N   1 
ATOM   751 C  CA  . GLU A 1 102 ? 7.679   6.916   7.841   1.00 9.10  ? 102 GLU A CA  1 
ATOM   752 C  C   . GLU A 1 102 ? 6.405   7.161   8.681   1.00 13.00 ? 102 GLU A C   1 
ATOM   753 O  O   . GLU A 1 102 ? 5.825   6.339   9.336   1.00 12.60 ? 102 GLU A O   1 
ATOM   754 C  CB  . GLU A 1 102 ? 8.957   7.354   8.593   1.00 12.20 ? 102 GLU A CB  1 
ATOM   755 N  N   . ASN A 1 103 ? 5.962   8.444   8.734   1.00 11.60 ? 103 ASN A N   1 
ATOM   756 C  CA  . ASN A 1 103 ? 4.652   8.946   9.351   1.00 4.40  ? 103 ASN A CA  1 
ATOM   757 C  C   . ASN A 1 103 ? 3.435   8.234   8.765   1.00 8.40  ? 103 ASN A C   1 
ATOM   758 O  O   . ASN A 1 103 ? 2.678   7.659   9.594   1.00 9.50  ? 103 ASN A O   1 
ATOM   759 C  CB  . ASN A 1 103 ? 4.714   10.438  9.147   1.00 6.60  ? 103 ASN A CB  1 
ATOM   760 C  CG  . ASN A 1 103 ? 5.777   11.249  9.931   1.00 12.70 ? 103 ASN A CG  1 
ATOM   761 O  OD1 . ASN A 1 103 ? 6.388   10.712  10.930  1.00 14.70 ? 103 ASN A OD1 1 
ATOM   762 N  ND2 . ASN A 1 103 ? 5.808   12.570  9.700   1.00 15.80 ? 103 ASN A ND2 1 
ATOM   763 N  N   . VAL A 1 104 ? 3.278   8.135   7.463   1.00 8.50  ? 104 VAL A N   1 
ATOM   764 C  CA  . VAL A 1 104 ? 2.098   7.397   6.853   1.00 2.90  ? 104 VAL A CA  1 
ATOM   765 C  C   . VAL A 1 104 ? 2.004   5.992   7.347   1.00 5.40  ? 104 VAL A C   1 
ATOM   766 O  O   . VAL A 1 104 ? 0.977   5.326   7.588   1.00 9.40  ? 104 VAL A O   1 
ATOM   767 C  CB  . VAL A 1 104 ? 2.069   7.316   5.280   1.00 7.50  ? 104 VAL A CB  1 
ATOM   768 C  CG1 . VAL A 1 104 ? 0.561   7.310   4.994   1.00 10.60 ? 104 VAL A CG1 1 
ATOM   769 C  CG2 . VAL A 1 104 ? 2.551   8.695   4.909   1.00 22.60 ? 104 VAL A CG2 1 
ATOM   770 N  N   . ILE A 1 105 ? 3.267   5.330   7.463   1.00 8.50  ? 105 ILE A N   1 
ATOM   771 C  CA  . ILE A 1 105 ? 3.304   3.946   7.900   1.00 5.80  ? 105 ILE A CA  1 
ATOM   772 C  C   . ILE A 1 105 ? 2.863   3.785   9.356   1.00 2.00  ? 105 ILE A C   1 
ATOM   773 O  O   . ILE A 1 105 ? 2.289   2.784   9.652   1.00 5.10  ? 105 ILE A O   1 
ATOM   774 C  CB  . ILE A 1 105 ? 4.851   3.260   7.698   1.00 8.20  ? 105 ILE A CB  1 
ATOM   775 C  CG1 . ILE A 1 105 ? 4.906   3.054   6.153   1.00 10.10 ? 105 ILE A CG1 1 
ATOM   776 C  CG2 . ILE A 1 105 ? 4.744   1.838   8.388   1.00 7.90  ? 105 ILE A CG2 1 
ATOM   777 C  CD1 . ILE A 1 105 ? 6.141   3.273   5.234   1.00 19.30 ? 105 ILE A CD1 1 
ATOM   778 N  N   . ALA A 1 106 ? 3.360   4.738   10.125  1.00 5.40  ? 106 ALA A N   1 
ATOM   779 C  CA  . ALA A 1 106 ? 3.043   4.736   11.532  1.00 7.50  ? 106 ALA A CA  1 
ATOM   780 C  C   . ALA A 1 106 ? 1.543   4.882   11.638  1.00 7.30  ? 106 ALA A C   1 
ATOM   781 O  O   . ALA A 1 106 ? 0.947   4.151   12.440  1.00 8.40  ? 106 ALA A O   1 
ATOM   782 C  CB  . ALA A 1 106 ? 3.735   6.072   12.053  1.00 8.50  ? 106 ALA A CB  1 
ATOM   783 N  N   . TYR A 1 107 ? 0.934   5.595   10.689  1.00 5.40  ? 107 TYR A N   1 
ATOM   784 C  CA  . TYR A 1 107 ? -0.634  5.689   10.794  1.00 3.60  ? 107 TYR A CA  1 
ATOM   785 C  C   . TYR A 1 107 ? -1.344  4.516   10.124  1.00 9.20  ? 107 TYR A C   1 
ATOM   786 O  O   . TYR A 1 107 ? -2.175  4.022   10.933  1.00 7.10  ? 107 TYR A O   1 
ATOM   787 C  CB  . TYR A 1 107 ? -1.088  6.921   9.930   1.00 4.70  ? 107 TYR A CB  1 
ATOM   788 C  CG  . TYR A 1 107 ? -2.566  7.013   9.718   1.00 9.40  ? 107 TYR A CG  1 
ATOM   789 C  CD1 . TYR A 1 107 ? -3.496  7.117   10.802  1.00 11.40 ? 107 TYR A CD1 1 
ATOM   790 C  CD2 . TYR A 1 107 ? -3.077  6.731   8.426   1.00 7.50  ? 107 TYR A CD2 1 
ATOM   791 C  CE1 . TYR A 1 107 ? -4.885  7.144   10.525  1.00 8.50  ? 107 TYR A CE1 1 
ATOM   792 C  CE2 . TYR A 1 107 ? -4.471  6.762   8.114   1.00 9.90  ? 107 TYR A CE2 1 
ATOM   793 C  CZ  . TYR A 1 107 ? -5.324  7.105   9.245   1.00 12.90 ? 107 TYR A CZ  1 
ATOM   794 O  OH  . TYR A 1 107 ? -6.703  7.038   8.904   1.00 13.30 ? 107 TYR A OH  1 
ATOM   795 N  N   . LEU A 1 108 ? -0.793  3.801   9.116   1.00 6.60  ? 108 LEU A N   1 
ATOM   796 C  CA  . LEU A 1 108 ? -1.305  2.505   8.736   1.00 3.80  ? 108 LEU A CA  1 
ATOM   797 C  C   . LEU A 1 108 ? -1.259  1.474   9.892   1.00 8.40  ? 108 LEU A C   1 
ATOM   798 O  O   . LEU A 1 108 ? -2.156  0.543   9.861   1.00 9.10  ? 108 LEU A O   1 
ATOM   799 C  CB  . LEU A 1 108 ? -0.728  1.941   7.493   1.00 8.00  ? 108 LEU A CB  1 
ATOM   800 C  CG  . LEU A 1 108 ? -0.766  2.882   6.361   1.00 5.00  ? 108 LEU A CG  1 
ATOM   801 C  CD1 . LEU A 1 108 ? -0.070  2.648   5.040   1.00 6.70  ? 108 LEU A CD1 1 
ATOM   802 C  CD2 . LEU A 1 108 ? -2.210  2.959   5.972   1.00 8.50  ? 108 LEU A CD2 1 
ATOM   803 N  N   . LYS A 1 109 ? -0.357  1.659   10.899  1.00 6.30  ? 109 LYS A N   1 
ATOM   804 C  CA  . LYS A 1 109 ? -0.304  0.627   11.833  1.00 4.60  ? 109 LYS A CA  1 
ATOM   805 C  C   . LYS A 1 109 ? -1.385  0.664   12.815  1.00 6.50  ? 109 LYS A C   1 
ATOM   806 O  O   . LYS A 1 109 ? -1.685  -0.381  13.420  1.00 10.40 ? 109 LYS A O   1 
ATOM   807 C  CB  . LYS A 1 109 ? 0.937   0.875   12.730  1.00 10.40 ? 109 LYS A CB  1 
ATOM   808 C  CG  . LYS A 1 109 ? 2.197   0.310   11.874  1.00 10.60 ? 109 LYS A CG  1 
ATOM   809 C  CD  . LYS A 1 109 ? 3.393   0.146   13.017  1.00 15.50 ? 109 LYS A CD  1 
ATOM   810 C  CE  . LYS A 1 109 ? 4.690   0.445   12.451  1.00 28.80 ? 109 LYS A CE  1 
ATOM   811 N  NZ  . LYS A 1 109 ? 5.851   0.465   13.470  1.00 26.20 ? 109 LYS A NZ  1 
ATOM   812 N  N   . THR A 1 110 ? -2.076  1.843   12.868  1.00 6.80  ? 110 THR A N   1 
ATOM   813 C  CA  . THR A 1 110 ? -3.237  1.948   13.794  1.00 5.90  ? 110 THR A CA  1 
ATOM   814 C  C   . THR A 1 110 ? -4.560  1.453   13.153  1.00 5.80  ? 110 THR A C   1 
ATOM   815 O  O   . THR A 1 110 ? -5.484  1.164   13.888  1.00 7.20  ? 110 THR A O   1 
ATOM   816 C  CB  . THR A 1 110 ? -3.446  3.508   13.991  1.00 3.20  ? 110 THR A CB  1 
ATOM   817 O  OG1 . THR A 1 110 ? -2.272  4.220   14.544  1.00 13.80 ? 110 THR A OG1 1 
ATOM   818 C  CG2 . THR A 1 110 ? -4.230  3.995   12.909  1.00 2.00  ? 110 THR A CG2 1 
ATOM   819 N  N   . LEU A 1 111 ? -4.727  1.106   11.910  1.00 3.30  ? 111 LEU A N   1 
ATOM   820 C  CA  . LEU A 1 111 ? -5.881  0.634   11.257  1.00 5.20  ? 111 LEU A CA  1 
ATOM   821 C  C   . LEU A 1 111 ? -5.788  -0.955  11.153  1.00 7.90  ? 111 LEU A C   1 
ATOM   822 O  O   . LEU A 1 111 ? -5.864  -1.573  10.098  1.00 10.10 ? 111 LEU A O   1 
ATOM   823 C  CB  . LEU A 1 111 ? -5.854  1.191   9.747   1.00 5.50  ? 111 LEU A CB  1 
ATOM   824 C  CG  . LEU A 1 111 ? -5.495  2.626   9.575   1.00 8.90  ? 111 LEU A CG  1 
ATOM   825 C  CD1 . LEU A 1 111 ? -5.624  2.881   8.056   1.00 10.30 ? 111 LEU A CD1 1 
ATOM   826 C  CD2 . LEU A 1 111 ? -6.721  3.481   10.209  1.00 11.20 ? 111 LEU A CD2 1 
ATOM   827 N  N   . LYS A 1 112 ? -5.847  -1.578  12.302  1.00 12.70 ? 112 LYS A N   1 
ATOM   828 C  CA  . LYS A 1 112 ? -5.660  -2.972  12.477  1.00 21.70 ? 112 LYS A CA  1 
ATOM   829 C  C   . LYS A 1 112 ? -4.262  -3.663  12.228  1.00 31.00 ? 112 LYS A C   1 
ATOM   830 O  O   . LYS A 1 112 ? -3.717  -4.502  11.170  1.00 25.20 ? 112 LYS A O   1 
ATOM   831 C  CB  . LYS A 1 112 ? -6.869  -3.480  13.360  1.00 22.80 ? 112 LYS A CB  1 
ATOM   832 O  OXT . LYS A 1 112 ? -3.263  -3.129  12.670  1.00 40.70 ? 112 LYS A OXT 1 
HETATM 833 C  CHA . HEM B 2 .   ? -2.954  -0.246  -4.063  1.00 2.00  ? 113 HEM A CHA 1 
HETATM 834 C  CHB . HEM B 2 .   ? -1.242  2.433   -0.302  1.00 2.00  ? 113 HEM A CHB 1 
HETATM 835 C  CHC . HEM B 2 .   ? -2.249  6.506   -2.866  1.00 2.00  ? 113 HEM A CHC 1 
HETATM 836 C  CHD . HEM B 2 .   ? -4.330  3.896   -6.332  1.00 2.10  ? 113 HEM A CHD 1 
HETATM 837 C  C1A . HEM B 2 .   ? -2.333  0.214   -2.884  1.00 4.30  ? 113 HEM A C1A 1 
HETATM 838 C  C2A . HEM B 2 .   ? -1.731  -0.672  -1.909  1.00 6.60  ? 113 HEM A C2A 1 
HETATM 839 C  C3A . HEM B 2 .   ? -1.378  0.037   -0.845  1.00 3.10  ? 113 HEM A C3A 1 
HETATM 840 C  C4A . HEM B 2 .   ? -1.516  1.458   -1.190  1.00 2.00  ? 113 HEM A C4A 1 
HETATM 841 C  CMA . HEM B 2 .   ? -0.597  -0.508  0.431   1.00 3.10  ? 113 HEM A CMA 1 
HETATM 842 C  CAA . HEM B 2 .   ? -1.712  -2.262  -2.066  1.00 7.00  ? 113 HEM A CAA 1 
HETATM 843 C  CBA . HEM B 2 .   ? -2.768  -3.067  -1.224  1.00 3.80  ? 113 HEM A CBA 1 
HETATM 844 C  CGA . HEM B 2 .   ? -2.767  -4.530  -1.493  1.00 3.60  ? 113 HEM A CGA 1 
HETATM 845 O  O1A . HEM B 2 .   ? -1.698  -5.120  -1.973  1.00 5.20  ? 113 HEM A O1A 1 
HETATM 846 O  O2A . HEM B 2 .   ? -3.753  -5.133  -1.040  1.00 5.10  ? 113 HEM A O2A 1 
HETATM 847 C  C1B . HEM B 2 .   ? -1.554  3.782   -0.683  1.00 2.60  ? 113 HEM A C1B 1 
HETATM 848 C  C2B . HEM B 2 .   ? -1.134  4.893   0.106   1.00 4.10  ? 113 HEM A C2B 1 
HETATM 849 C  C3B . HEM B 2 .   ? -1.401  5.966   -0.669  1.00 3.80  ? 113 HEM A C3B 1 
HETATM 850 C  C4B . HEM B 2 .   ? -1.828  5.605   -1.950  1.00 2.00  ? 113 HEM A C4B 1 
HETATM 851 C  CMB . HEM B 2 .   ? -0.709  4.804   1.617   1.00 3.50  ? 113 HEM A CMB 1 
HETATM 852 C  CAB . HEM B 2 .   ? -1.010  7.494   -0.348  1.00 6.00  ? 113 HEM A CAB 1 
HETATM 853 C  CBB . HEM B 2 .   ? 0.223   7.759   0.374   1.00 5.10  ? 113 HEM A CBB 1 
HETATM 854 C  C1C . HEM B 2 .   ? -2.847  6.119   -3.989  1.00 3.80  ? 113 HEM A C1C 1 
HETATM 855 C  C2C . HEM B 2 .   ? -3.503  7.092   -5.013  1.00 3.30  ? 113 HEM A C2C 1 
HETATM 856 C  C3C . HEM B 2 .   ? -3.917  6.340   -6.021  1.00 4.80  ? 113 HEM A C3C 1 
HETATM 857 C  C4C . HEM B 2 .   ? -3.925  4.947   -5.550  1.00 2.80  ? 113 HEM A C4C 1 
HETATM 858 C  CMC . HEM B 2 .   ? -3.134  8.565   -4.896  1.00 2.70  ? 113 HEM A CMC 1 
HETATM 859 C  CAC . HEM B 2 .   ? -4.572  6.782   -7.355  1.00 11.30 ? 113 HEM A CAC 1 
HETATM 860 C  CBC . HEM B 2 .   ? -4.168  7.843   -8.114  1.00 13.30 ? 113 HEM A CBC 1 
HETATM 861 C  C1D . HEM B 2 .   ? -4.089  2.567   -6.050  1.00 2.40  ? 113 HEM A C1D 1 
HETATM 862 C  C2D . HEM B 2 .   ? -4.442  1.461   -6.873  1.00 3.40  ? 113 HEM A C2D 1 
HETATM 863 C  C3D . HEM B 2 .   ? -4.080  0.326   -6.245  1.00 5.70  ? 113 HEM A C3D 1 
HETATM 864 C  C4D . HEM B 2 .   ? -3.392  0.658   -5.055  1.00 3.00  ? 113 HEM A C4D 1 
HETATM 865 C  CMD . HEM B 2 .   ? -5.192  1.727   -8.238  1.00 7.60  ? 113 HEM A CMD 1 
HETATM 866 C  CAD . HEM B 2 .   ? -4.195  -1.137  -6.798  1.00 3.60  ? 113 HEM A CAD 1 
HETATM 867 C  CBD . HEM B 2 .   ? -3.085  -1.261  -7.834  1.00 5.30  ? 113 HEM A CBD 1 
HETATM 868 C  CGD . HEM B 2 .   ? -3.233  -2.369  -8.852  1.00 10.90 ? 113 HEM A CGD 1 
HETATM 869 O  O1D . HEM B 2 .   ? -3.866  -3.421  -8.567  1.00 7.10  ? 113 HEM A O1D 1 
HETATM 870 O  O2D . HEM B 2 .   ? -2.550  -2.244  -9.961  1.00 10.30 ? 113 HEM A O2D 1 
HETATM 871 N  NA  . HEM B 2 .   ? -2.190  1.457   -2.393  1.00 3.60  ? 113 HEM A NA  1 
HETATM 872 N  NB  . HEM B 2 .   ? -1.881  4.238   -1.990  1.00 2.00  ? 113 HEM A NB  1 
HETATM 873 N  NC  . HEM B 2 .   ? -3.139  4.862   -4.410  1.00 2.90  ? 113 HEM A NC  1 
HETATM 874 N  ND  . HEM B 2 .   ? -3.392  2.099   -4.924  1.00 2.30  ? 113 HEM A ND  1 
HETATM 875 FE FE  . HEM B 2 .   ? -2.682  3.154   -3.433  1.00 7.20  ? 113 HEM A FE  1 
HETATM 876 O  O   . HOH C 3 .   ? -8.167  7.652   11.611  1.00 22.30 ? 120 HOH A O   1 
HETATM 877 O  O   . HOH C 3 .   ? -10.826 2.637   -1.545  1.00 9.10  ? 121 HOH A O   1 
HETATM 878 O  O   . HOH C 3 .   ? -12.447 -2.940  5.260   1.00 12.00 ? 122 HOH A O   1 
HETATM 879 O  O   . HOH C 3 .   ? -12.728 1.620   10.911  1.00 18.30 ? 123 HOH A O   1 
HETATM 880 O  O   . HOH C 3 .   ? -3.373  -1.422  8.657   1.00 14.00 ? 124 HOH A O   1 
HETATM 881 O  O   . HOH C 3 .   ? -8.682  -10.080 -5.042  1.00 22.50 ? 125 HOH A O   1 
HETATM 882 O  O   . HOH C 3 .   ? -12.698 -3.814  0.164   1.00 9.90  ? 126 HOH A O   1 
HETATM 883 O  O   . HOH C 3 .   ? -3.872  14.020  12.579  1.00 24.50 ? 127 HOH A O   1 
HETATM 884 O  O   . HOH C 3 .   ? 11.320  -3.424  -0.024  1.00 60.60 ? 128 HOH A O   1 
HETATM 885 O  O   . HOH C 3 .   ? 8.790   -14.463 -13.871 1.00 18.10 ? 129 HOH A O   1 
HETATM 886 O  O   . HOH C 3 .   ? 5.739   14.674  13.586  1.00 31.60 ? 130 HOH A O   1 
HETATM 887 O  O   . HOH C 3 .   ? 1.271   11.846  18.183  1.00 27.10 ? 131 HOH A O   1 
HETATM 888 O  O   . HOH C 3 .   ? 5.616   8.798   18.011  1.00 25.30 ? 132 HOH A O   1 
HETATM 889 O  O   . HOH C 3 .   ? -7.094  9.017   6.832   1.00 23.00 ? 133 HOH A O   1 
HETATM 890 O  O   . HOH C 3 .   ? -18.142 0.285   8.710   1.00 29.50 ? 134 HOH A O   1 
HETATM 891 O  O   . HOH C 3 .   ? -13.472 -2.799  2.772   1.00 8.80  ? 135 HOH A O   1 
HETATM 892 O  O   . HOH C 3 .   ? -18.926 0.150   1.696   1.00 29.00 ? 136 HOH A O   1 
HETATM 893 O  O   . HOH C 3 .   ? -15.559 -3.041  -0.522  1.00 21.30 ? 137 HOH A O   1 
HETATM 894 O  O   . HOH C 3 .   ? -14.778 0.369   -7.382  1.00 29.40 ? 138 HOH A O   1 
HETATM 895 O  O   . HOH C 3 .   ? -11.273 -9.267  1.710   1.00 32.20 ? 139 HOH A O   1 
HETATM 896 O  O   . HOH C 3 .   ? -7.580  -9.511  -7.946  1.00 25.10 ? 140 HOH A O   1 
HETATM 897 O  O   . HOH C 3 .   ? 9.632   -4.125  8.351   1.00 17.40 ? 141 HOH A O   1 
HETATM 898 O  O   . HOH C 3 .   ? 3.285   5.986   -2.274  1.00 27.60 ? 142 HOH A O   1 
HETATM 899 O  O   . HOH C 3 .   ? 0.794   -6.995  -13.500 1.00 17.00 ? 143 HOH A O   1 
HETATM 900 O  O   . HOH C 3 .   ? 5.214   13.838  7.595   1.00 21.00 ? 144 HOH A O   1 
HETATM 901 O  O   . HOH C 3 .   ? -16.337 4.100   2.380   1.00 32.30 ? 145 HOH A O   1 
HETATM 902 O  O   . HOH C 3 .   ? -17.947 -0.719  -3.170  1.00 28.20 ? 146 HOH A O   1 
HETATM 903 O  O   . HOH C 3 .   ? -0.644  -11.119 7.346   1.00 37.40 ? 147 HOH A O   1 
HETATM 904 O  O   . HOH C 3 .   ? -6.784  -11.765 -0.672  1.00 36.40 ? 148 HOH A O   1 
HETATM 905 O  O   . HOH C 3 .   ? -7.125  -7.362  -12.884 1.00 41.40 ? 149 HOH A O   1 
HETATM 906 O  O   . HOH C 3 .   ? 4.336   -19.147 -0.371  1.00 37.50 ? 150 HOH A O   1 
HETATM 907 O  O   . HOH C 3 .   ? 7.046   -10.257 3.304   1.00 26.60 ? 151 HOH A O   1 
HETATM 908 O  O   . HOH C 3 .   ? 10.098  7.655   -5.658  1.00 34.50 ? 152 HOH A O   1 
HETATM 909 O  O   . HOH C 3 .   ? 5.943   4.244   -9.774  1.00 24.50 ? 153 HOH A O   1 
HETATM 910 O  O   . HOH C 3 .   ? 2.401   0.111   -14.767 1.00 41.30 ? 154 HOH A O   1 
HETATM 911 O  O   . HOH C 3 .   ? -0.044  2.447   -14.260 1.00 38.10 ? 155 HOH A O   1 
HETATM 912 O  O   . HOH C 3 .   ? -1.741  6.769   -11.330 1.00 38.80 ? 156 HOH A O   1 
HETATM 913 O  O   . HOH C 3 .   ? 5.177   12.428  -5.793  1.00 39.20 ? 157 HOH A O   1 
HETATM 914 O  O   . HOH C 3 .   ? -0.072  -2.092  15.249  1.00 37.50 ? 158 HOH A O   1 
HETATM 915 O  O   . HOH C 3 .   ? 11.858  13.974  4.329   1.00 39.80 ? 159 HOH A O   1 
HETATM 916 O  O   . HOH C 3 .   ? -7.748  0.435   15.033  1.00 40.90 ? 160 HOH A O   1 
HETATM 917 O  O   . HOH C 3 .   ? -4.080  -6.904  9.141   1.00 36.30 ? 161 HOH A O   1 
HETATM 918 O  O   . HOH C 3 .   ? -7.181  13.991  -0.930  1.00 24.90 ? 162 HOH A O   1 
HETATM 919 O  O   . HOH C 3 .   ? -12.521 -2.633  14.237  1.00 26.10 ? 163 HOH A O   1 
HETATM 920 O  O   . HOH C 3 .   ? -4.647  -13.242 -5.703  1.00 48.50 ? 164 HOH A O   1 
HETATM 921 O  O   . HOH C 3 .   ? 5.246   2.752   14.887  1.00 60.30 ? 165 HOH A O   1 
HETATM 922 O  O   . HOH C 3 .   ? -11.932 8.165   0.766   1.00 54.60 ? 166 HOH A O   1 
HETATM 923 O  O   . HOH C 3 .   ? -11.812 6.653   4.708   1.00 29.20 ? 167 HOH A O   1 
HETATM 924 O  O   . HOH C 3 .   ? -20.377 13.255  -1.773  1.00 60.20 ? 168 HOH A O   1 
HETATM 925 O  O   . HOH C 3 .   ? -11.759 1.568   13.585  1.00 54.00 ? 169 HOH A O   1 
HETATM 926 O  O   . HOH C 3 .   ? -17.265 -1.999  17.254  1.00 57.80 ? 170 HOH A O   1 
HETATM 927 O  O   . HOH C 3 .   ? -9.203  -7.185  4.965   1.00 52.40 ? 171 HOH A O   1 
HETATM 928 O  O   . HOH C 3 .   ? -14.842 -3.374  -5.424  1.00 27.70 ? 172 HOH A O   1 
HETATM 929 O  O   . HOH C 3 .   ? -16.056 -1.498  -3.145  1.00 47.40 ? 173 HOH A O   1 
HETATM 930 O  O   . HOH C 3 .   ? 1.446   -13.198 1.339   1.00 40.50 ? 174 HOH A O   1 
HETATM 931 O  O   . HOH C 3 .   ? -17.028 -5.030  -6.857  1.00 52.90 ? 175 HOH A O   1 
HETATM 932 O  O   . HOH C 3 .   ? 13.571  -11.514 -11.163 1.00 56.50 ? 176 HOH A O   1 
HETATM 933 O  O   . HOH C 3 .   ? 1.202   -5.400  14.986  1.00 55.40 ? 177 HOH A O   1 
HETATM 934 O  O   . HOH C 3 .   ? 5.473   13.246  -0.405  1.00 51.70 ? 178 HOH A O   1 
HETATM 935 O  O   . HOH C 3 .   ? -7.929  17.091  10.610  1.00 50.90 ? 179 HOH A O   1 
HETATM 936 O  O   . HOH C 3 .   ? 4.066   13.155  -2.873  1.00 30.70 ? 180 HOH A O   1 
HETATM 937 O  O   . HOH C 3 .   ? -19.034 -5.124  -9.697  1.00 35.70 ? 181 HOH A O   1 
HETATM 938 O  O   . HOH C 3 .   ? -18.541 -3.998  -8.040  1.00 29.30 ? 182 HOH A O   1 
HETATM 939 O  O   . HOH C 3 .   ? -9.198  -0.404  -16.936 1.00 26.20 ? 183 HOH A O   1 
HETATM 940 O  O   . HOH C 3 .   ? -2.609  -6.991  -15.627 1.00 42.20 ? 184 HOH A O   1 
HETATM 941 O  O   . HOH C 3 .   ? 1.131   -3.508  -16.868 1.00 39.60 ? 185 HOH A O   1 
HETATM 942 O  O   . HOH C 3 .   ? -2.343  -18.367 -11.288 1.00 44.50 ? 186 HOH A O   1 
HETATM 943 O  O   . HOH C 3 .   ? -19.563 -6.962  -7.404  1.00 41.20 ? 187 HOH A O   1 
HETATM 944 O  O   . HOH C 3 .   ? 8.415   -9.425  -21.645 1.00 46.00 ? 188 HOH A O   1 
HETATM 945 O  O   . HOH C 3 .   ? 1.341   -6.304  -19.503 1.00 46.80 ? 189 HOH A O   1 
HETATM 946 O  O   . HOH C 3 .   ? 0.022   9.079   -9.662  1.00 40.00 ? 190 HOH A O   1 
HETATM 947 O  O   . HOH C 3 .   ? 2.545   -15.619 -12.451 1.00 41.30 ? 191 HOH A O   1 
HETATM 948 O  O   . HOH C 3 .   ? 1.661   16.277  3.145   1.00 42.80 ? 192 HOH A O   1 
HETATM 949 O  O   . HOH C 3 .   ? -20.373 -4.588  -6.264  1.00 44.80 ? 193 HOH A O   1 
HETATM 950 O  O   . HOH C 3 .   ? -7.764  -1.517  -16.124 1.00 34.80 ? 194 HOH A O   1 
HETATM 951 O  O   . HOH C 3 .   ? 2.042   9.284   -11.953 1.00 46.80 ? 195 HOH A O   1 
HETATM 952 O  O   . HOH C 3 .   ? 10.078  0.836   -5.277  1.00 48.20 ? 196 HOH A O   1 
HETATM 953 O  O   . HOH C 3 .   ? -6.944  17.617  3.294   1.00 43.40 ? 197 HOH A O   1 
HETATM 954 O  O   . HOH C 3 .   ? -22.954 -5.567  -6.796  1.00 50.00 ? 198 HOH A O   1 
HETATM 955 O  O   . HOH C 3 .   ? -2.640  -3.517  -14.141 1.00 41.50 ? 199 HOH A O   1 
HETATM 956 O  O   . HOH C 3 .   ? 11.463  -14.557 -11.225 1.00 44.70 ? 200 HOH A O   1 
HETATM 957 O  O   . HOH C 3 .   ? 8.485   4.945   -10.992 1.00 52.60 ? 201 HOH A O   1 
HETATM 958 O  O   . HOH C 3 .   ? 5.686   -0.622  -14.338 1.00 48.20 ? 202 HOH A O   1 
HETATM 959 O  O   . HOH C 3 .   ? 4.876   -17.471 -11.837 1.00 37.70 ? 203 HOH A O   1 
HETATM 960 O  O   . HOH C 3 .   ? 2.298   -4.166  -21.003 1.00 48.90 ? 204 HOH A O   1 
HETATM 961 O  O   . HOH C 3 .   ? -9.409  14.479  6.584   1.00 41.30 ? 205 HOH A O   1 
HETATM 962 O  O   . HOH C 3 .   ? -0.513  -3.292  -19.367 1.00 41.00 ? 206 HOH A O   1 
# 
